data_2KI7
#
_entry.id   2KI7
#
loop_
_entity.id
_entity.type
_entity.pdbx_description
1 polymer 'Ribonuclease P protein component 1'
2 polymer 'Ribonuclease P protein component 4'
3 non-polymer 'ZINC ION'
#
loop_
_entity_poly.entity_id
_entity_poly.type
_entity_poly.pdbx_seq_one_letter_code
_entity_poly.pdbx_strand_id
1 'polypeptide(L)'
;MWRNSEERENRTSGRSQGSYQEIIGRTWIFRGAHRGRVNKKNIVWHELIGLKVRVVNSTHPGYVGIEGYVIDETRNMLVI
AGENKVWKVPKDVCIFEFETWDGTKIKISGEKLVGRPEMRLKKRWRK
;
A
2 'polypeptide(L)'
;MAKYNEKKEKKRIAKERIDILFSLAERVFPYSPELAKRYVELALLVQQKAKVKIPRKWKRRYCKKCHAFLVPGINARVRL
RQKRMPHIVVKCLECGHIMRYPYIKEIKKRRKEKMEYGGLVPR
;
B
#
# COMPACT_ATOMS: atom_id res chain seq x y z
N GLN A 17 3.68 9.01 -18.13
CA GLN A 17 2.46 9.70 -17.62
C GLN A 17 1.96 8.99 -16.37
N GLY A 18 2.34 7.72 -16.21
CA GLY A 18 1.92 6.93 -15.07
C GLY A 18 3.12 6.38 -14.31
N SER A 19 2.97 6.21 -13.01
CA SER A 19 4.06 5.67 -12.19
C SER A 19 4.41 4.26 -12.62
N TYR A 20 3.38 3.47 -12.94
CA TYR A 20 3.58 2.08 -13.37
C TYR A 20 4.82 1.95 -14.25
N GLN A 21 4.83 2.67 -15.37
CA GLN A 21 5.96 2.61 -16.31
C GLN A 21 7.25 3.06 -15.64
N GLU A 22 7.15 3.60 -14.43
CA GLU A 22 8.32 4.07 -13.70
C GLU A 22 8.73 3.09 -12.60
N ILE A 23 7.74 2.51 -11.94
CA ILE A 23 8.01 1.57 -10.84
C ILE A 23 8.00 0.13 -11.33
N ILE A 24 8.20 -0.07 -12.61
CA ILE A 24 8.20 -1.41 -13.18
C ILE A 24 9.53 -2.13 -12.97
N GLY A 25 9.49 -3.25 -12.23
CA GLY A 25 10.69 -4.05 -12.01
C GLY A 25 11.31 -3.91 -10.61
N ARG A 26 11.16 -2.75 -9.97
CA ARG A 26 11.74 -2.56 -8.64
C ARG A 26 11.12 -3.51 -7.63
N THR A 27 10.69 -4.67 -8.11
CA THR A 27 10.11 -5.69 -7.23
C THR A 27 10.97 -5.80 -5.98
N TRP A 28 12.15 -5.20 -6.07
CA TRP A 28 13.11 -5.18 -4.98
C TRP A 28 12.50 -4.56 -3.75
N ILE A 29 11.94 -3.36 -3.91
CA ILE A 29 11.35 -2.69 -2.78
C ILE A 29 10.07 -3.40 -2.35
N PHE A 30 9.62 -4.31 -3.20
CA PHE A 30 8.43 -5.10 -2.91
C PHE A 30 8.86 -6.39 -2.26
N ARG A 31 10.17 -6.65 -2.31
CA ARG A 31 10.74 -7.84 -1.71
C ARG A 31 11.14 -7.55 -0.27
N GLY A 32 12.17 -6.70 -0.12
CA GLY A 32 12.62 -6.32 1.22
C GLY A 32 11.63 -5.35 1.83
N ALA A 33 10.36 -5.69 1.74
CA ALA A 33 9.30 -4.86 2.27
C ALA A 33 8.05 -5.71 2.41
N HIS A 34 7.87 -6.64 1.47
CA HIS A 34 6.71 -7.50 1.50
C HIS A 34 7.07 -8.90 2.01
N ARG A 35 6.61 -9.20 3.22
CA ARG A 35 6.87 -10.51 3.81
C ARG A 35 5.73 -10.90 4.77
N GLY A 36 4.64 -10.13 4.77
CA GLY A 36 3.50 -10.47 5.62
C GLY A 36 3.17 -11.93 5.42
N ARG A 37 2.69 -12.62 6.43
CA ARG A 37 2.38 -14.03 6.24
C ARG A 37 1.27 -14.15 5.22
N VAL A 38 1.64 -14.68 4.06
CA VAL A 38 0.68 -14.82 2.99
C VAL A 38 -0.16 -16.09 3.14
N ASN A 39 -1.48 -15.91 3.03
CA ASN A 39 -2.42 -17.02 3.14
C ASN A 39 -3.77 -16.60 2.58
N LYS A 40 -4.54 -17.54 2.04
CA LYS A 40 -5.84 -17.19 1.48
C LYS A 40 -6.62 -16.32 2.48
N LYS A 41 -6.80 -16.86 3.69
CA LYS A 41 -7.48 -16.13 4.75
C LYS A 41 -6.70 -14.87 5.06
N ASN A 42 -5.54 -14.75 4.42
CA ASN A 42 -4.69 -13.59 4.62
C ASN A 42 -4.35 -12.94 3.29
N ILE A 43 -4.92 -13.45 2.20
CA ILE A 43 -4.67 -12.88 0.87
C ILE A 43 -5.68 -11.79 0.53
N VAL A 44 -6.94 -12.03 0.85
CA VAL A 44 -7.97 -11.02 0.55
C VAL A 44 -8.16 -10.18 1.80
N TRP A 45 -7.41 -10.55 2.81
CA TRP A 45 -7.43 -9.89 4.09
C TRP A 45 -6.06 -9.25 4.33
N HIS A 46 -5.29 -9.16 3.25
CA HIS A 46 -3.96 -8.56 3.29
C HIS A 46 -3.90 -7.36 2.35
N GLU A 47 -2.76 -6.70 2.36
CA GLU A 47 -2.55 -5.56 1.48
C GLU A 47 -1.95 -6.04 0.19
N LEU A 48 -2.68 -5.97 -0.91
CA LEU A 48 -2.06 -6.38 -2.15
C LEU A 48 -1.10 -5.26 -2.51
N ILE A 49 0.19 -5.55 -2.50
CA ILE A 49 1.19 -4.51 -2.79
C ILE A 49 2.48 -5.14 -3.29
N GLY A 50 2.90 -6.27 -2.70
CA GLY A 50 4.12 -6.94 -3.12
C GLY A 50 3.91 -8.44 -3.32
N LEU A 51 2.85 -8.98 -2.74
CA LEU A 51 2.57 -10.40 -2.88
C LEU A 51 2.74 -10.82 -4.34
N LYS A 52 3.27 -12.02 -4.57
CA LYS A 52 3.48 -12.52 -5.94
C LYS A 52 2.27 -13.32 -6.43
N VAL A 53 1.80 -13.01 -7.64
CA VAL A 53 0.66 -13.72 -8.21
C VAL A 53 0.75 -13.76 -9.72
N ARG A 54 -0.14 -14.55 -10.32
CA ARG A 54 -0.20 -14.69 -11.76
C ARG A 54 -1.63 -14.60 -12.26
N VAL A 55 -1.79 -14.16 -13.51
CA VAL A 55 -3.10 -14.10 -14.11
C VAL A 55 -3.26 -15.35 -14.95
N VAL A 56 -3.95 -16.34 -14.40
CA VAL A 56 -4.14 -17.60 -15.09
C VAL A 56 -5.35 -17.53 -16.03
N ASN A 57 -6.49 -17.08 -15.52
CA ASN A 57 -7.67 -16.95 -16.37
C ASN A 57 -8.27 -15.55 -16.23
N SER A 58 -8.34 -14.85 -17.35
CA SER A 58 -8.89 -13.51 -17.38
C SER A 58 -9.60 -13.24 -18.70
N THR A 59 -10.26 -12.10 -18.80
CA THR A 59 -10.91 -11.74 -20.05
C THR A 59 -10.12 -10.57 -20.64
N HIS A 60 -8.99 -10.90 -21.24
CA HIS A 60 -8.11 -9.91 -21.84
C HIS A 60 -7.05 -10.64 -22.70
N PRO A 61 -7.20 -10.64 -23.99
CA PRO A 61 -6.23 -11.33 -24.90
C PRO A 61 -4.76 -11.02 -24.59
N GLY A 62 -4.50 -10.12 -23.64
CA GLY A 62 -3.11 -9.76 -23.33
C GLY A 62 -2.76 -9.82 -21.83
N TYR A 63 -3.51 -10.58 -21.04
CA TYR A 63 -3.20 -10.68 -19.60
C TYR A 63 -3.40 -12.10 -19.07
N VAL A 64 -4.04 -12.96 -19.87
CA VAL A 64 -4.29 -14.34 -19.45
C VAL A 64 -3.03 -15.21 -19.46
N GLY A 65 -2.82 -15.95 -18.36
CA GLY A 65 -1.68 -16.88 -18.29
C GLY A 65 -0.35 -16.19 -17.94
N ILE A 66 -0.39 -14.90 -17.64
CA ILE A 66 0.85 -14.18 -17.34
C ILE A 66 1.07 -13.99 -15.82
N GLU A 67 2.35 -13.91 -15.40
CA GLU A 67 2.70 -13.78 -13.97
C GLU A 67 3.44 -12.48 -13.65
N GLY A 68 3.00 -11.78 -12.58
CA GLY A 68 3.64 -10.52 -12.18
C GLY A 68 3.61 -10.29 -10.65
N TYR A 69 4.29 -9.22 -10.20
CA TYR A 69 4.36 -8.86 -8.77
C TYR A 69 3.30 -7.79 -8.45
N VAL A 70 2.32 -8.13 -7.63
CA VAL A 70 1.22 -7.21 -7.29
C VAL A 70 1.75 -5.82 -6.89
N ILE A 71 0.97 -4.78 -7.23
CA ILE A 71 1.35 -3.41 -6.91
C ILE A 71 0.16 -2.57 -6.46
N ASP A 72 -0.83 -2.42 -7.35
CA ASP A 72 -1.99 -1.57 -7.06
C ASP A 72 -3.24 -2.35 -6.70
N GLU A 73 -4.03 -1.77 -5.78
CA GLU A 73 -5.28 -2.36 -5.37
C GLU A 73 -6.25 -1.25 -5.00
N THR A 74 -7.24 -1.01 -5.87
CA THR A 74 -8.22 0.04 -5.62
C THR A 74 -9.63 -0.44 -5.96
N ARG A 75 -10.60 0.44 -5.77
CA ARG A 75 -11.99 0.10 -6.04
C ARG A 75 -12.20 -0.42 -7.46
N ASN A 76 -11.24 -0.17 -8.35
CA ASN A 76 -11.41 -0.59 -9.74
C ASN A 76 -10.15 -1.21 -10.36
N MET A 77 -9.14 -1.55 -9.56
CA MET A 77 -7.93 -2.14 -10.15
C MET A 77 -7.12 -3.00 -9.19
N LEU A 78 -6.32 -3.86 -9.81
CA LEU A 78 -5.40 -4.77 -9.12
C LEU A 78 -4.23 -4.97 -10.09
N VAL A 79 -3.06 -4.43 -9.74
CA VAL A 79 -1.90 -4.48 -10.66
C VAL A 79 -0.77 -5.37 -10.16
N ILE A 80 -0.10 -6.01 -11.11
CA ILE A 80 1.03 -6.91 -10.85
C ILE A 80 2.20 -6.47 -11.76
N ALA A 81 3.45 -6.63 -11.30
CA ALA A 81 4.62 -6.19 -12.10
C ALA A 81 5.62 -7.30 -12.39
N GLY A 82 6.10 -7.32 -13.62
CA GLY A 82 7.10 -8.31 -14.04
C GLY A 82 7.94 -7.73 -15.19
N GLU A 83 9.18 -8.19 -15.30
CA GLU A 83 10.07 -7.69 -16.34
C GLU A 83 9.89 -6.18 -16.57
N ASN A 84 9.84 -5.77 -17.83
CA ASN A 84 9.67 -4.35 -18.16
C ASN A 84 8.22 -4.05 -18.53
N LYS A 85 7.28 -4.74 -17.88
CA LYS A 85 5.86 -4.54 -18.17
C LYS A 85 5.03 -4.70 -16.89
N VAL A 86 3.78 -4.26 -16.93
CA VAL A 86 2.89 -4.41 -15.78
C VAL A 86 1.68 -5.26 -16.13
N TRP A 87 1.11 -5.86 -15.11
CA TRP A 87 -0.06 -6.71 -15.25
C TRP A 87 -1.32 -5.93 -14.94
N LYS A 88 -1.94 -5.35 -15.95
CA LYS A 88 -3.15 -4.57 -15.72
C LYS A 88 -4.37 -5.47 -15.76
N VAL A 89 -4.87 -5.86 -14.58
CA VAL A 89 -6.04 -6.72 -14.56
C VAL A 89 -6.93 -6.43 -13.35
N PRO A 90 -8.09 -5.86 -13.56
CA PRO A 90 -9.01 -5.58 -12.44
C PRO A 90 -9.26 -6.85 -11.62
N LYS A 91 -9.80 -6.68 -10.42
CA LYS A 91 -10.05 -7.83 -9.55
C LYS A 91 -11.22 -8.68 -10.05
N ASP A 92 -12.19 -8.05 -10.70
CA ASP A 92 -13.38 -8.76 -11.18
C ASP A 92 -13.21 -9.28 -12.61
N VAL A 93 -12.11 -8.96 -13.27
CA VAL A 93 -11.89 -9.40 -14.64
C VAL A 93 -11.02 -10.66 -14.68
N CYS A 94 -10.60 -11.16 -13.52
CA CYS A 94 -9.73 -12.35 -13.54
C CYS A 94 -9.60 -13.01 -12.18
N ILE A 95 -8.91 -14.16 -12.21
CA ILE A 95 -8.63 -14.93 -11.00
C ILE A 95 -7.15 -14.82 -10.69
N PHE A 96 -6.83 -14.38 -9.48
CA PHE A 96 -5.43 -14.21 -9.09
C PHE A 96 -4.95 -15.39 -8.27
N GLU A 97 -3.79 -15.93 -8.63
CA GLU A 97 -3.22 -17.03 -7.84
C GLU A 97 -1.98 -16.51 -7.15
N PHE A 98 -2.12 -16.07 -5.90
CA PHE A 98 -0.99 -15.57 -5.15
C PHE A 98 -0.34 -16.75 -4.41
N GLU A 99 0.98 -16.74 -4.25
CA GLU A 99 1.65 -17.86 -3.59
C GLU A 99 1.78 -17.65 -2.09
N THR A 100 1.41 -18.69 -1.32
CA THR A 100 1.47 -18.61 0.14
C THR A 100 2.90 -18.50 0.62
N TRP A 101 3.09 -17.69 1.67
CA TRP A 101 4.40 -17.47 2.26
C TRP A 101 4.95 -18.77 2.80
N ASP A 102 4.16 -19.81 2.66
CA ASP A 102 4.60 -21.12 3.11
C ASP A 102 4.91 -21.99 1.91
N GLY A 103 5.13 -21.35 0.77
CA GLY A 103 5.42 -22.08 -0.46
C GLY A 103 4.18 -22.81 -0.94
N THR A 104 3.03 -22.30 -0.51
CA THR A 104 1.75 -22.93 -0.89
C THR A 104 1.02 -22.05 -1.93
N LYS A 105 0.46 -22.70 -2.94
CA LYS A 105 -0.25 -21.97 -3.98
C LYS A 105 -1.67 -21.62 -3.54
N ILE A 106 -2.04 -20.35 -3.69
CA ILE A 106 -3.37 -19.89 -3.32
C ILE A 106 -4.21 -19.67 -4.58
N LYS A 107 -5.44 -20.15 -4.55
CA LYS A 107 -6.34 -19.99 -5.70
C LYS A 107 -7.52 -19.17 -5.25
N ILE A 108 -7.52 -17.90 -5.61
CA ILE A 108 -8.61 -17.03 -5.18
C ILE A 108 -9.08 -16.13 -6.30
N SER A 109 -10.39 -15.98 -6.40
CA SER A 109 -10.98 -15.14 -7.43
C SER A 109 -10.88 -13.67 -7.06
N GLY A 110 -10.25 -12.89 -7.93
CA GLY A 110 -10.10 -11.46 -7.69
C GLY A 110 -11.43 -10.82 -7.40
N GLU A 111 -12.49 -11.59 -7.44
CA GLU A 111 -13.79 -11.04 -7.20
C GLU A 111 -14.09 -10.91 -5.70
N LYS A 112 -13.40 -11.71 -4.87
CA LYS A 112 -13.63 -11.64 -3.42
C LYS A 112 -13.17 -10.29 -2.88
N LEU A 113 -11.98 -9.88 -3.29
CA LEU A 113 -11.41 -8.60 -2.87
C LEU A 113 -11.78 -7.54 -3.90
N VAL A 114 -12.91 -7.74 -4.56
CA VAL A 114 -13.34 -6.83 -5.62
C VAL A 114 -13.43 -5.38 -5.16
N GLY A 115 -12.44 -4.60 -5.59
CA GLY A 115 -12.41 -3.17 -5.35
C GLY A 115 -12.21 -2.79 -3.88
N ARG A 116 -12.87 -3.50 -2.98
CA ARG A 116 -12.80 -3.15 -1.55
C ARG A 116 -11.84 -4.02 -0.73
N PRO A 117 -10.61 -3.61 -0.58
CA PRO A 117 -9.65 -4.35 0.29
C PRO A 117 -10.07 -4.18 1.75
N GLU A 118 -10.71 -3.04 1.99
CA GLU A 118 -11.19 -2.71 3.32
C GLU A 118 -12.20 -3.74 3.79
N MET A 119 -13.20 -3.99 2.95
CA MET A 119 -14.25 -4.95 3.28
C MET A 119 -13.71 -6.15 4.05
N ARG A 120 -12.51 -6.60 3.69
CA ARG A 120 -11.93 -7.74 4.37
C ARG A 120 -11.27 -7.32 5.68
N LEU A 121 -10.42 -6.29 5.64
CA LEU A 121 -9.77 -5.82 6.87
C LEU A 121 -10.85 -5.35 7.85
N LYS A 122 -11.93 -4.79 7.32
CA LYS A 122 -13.02 -4.30 8.17
C LYS A 122 -14.21 -5.26 8.12
N LYS A 123 -13.96 -6.49 7.69
CA LYS A 123 -15.01 -7.50 7.62
C LYS A 123 -16.17 -7.02 6.75
N ARG A 124 -17.08 -7.92 6.42
CA ARG A 124 -18.22 -7.59 5.59
C ARG A 124 -18.83 -6.27 6.04
N TRP A 125 -19.74 -5.73 5.23
CA TRP A 125 -20.39 -4.46 5.55
C TRP A 125 -20.80 -4.43 7.02
N ARG A 126 -20.76 -3.24 7.61
CA ARG A 126 -21.13 -3.08 9.02
C ARG A 126 -22.62 -2.77 9.16
N LYS A 127 -23.35 -3.71 9.73
CA LYS A 127 -24.79 -3.53 9.92
C LYS A 127 -25.37 -4.68 10.74
N GLU B 9 -8.50 -12.32 14.84
CA GLU B 9 -7.86 -12.83 13.60
C GLU B 9 -7.72 -11.71 12.60
N LYS B 10 -8.64 -10.76 12.64
CA LYS B 10 -8.60 -9.64 11.72
C LYS B 10 -7.58 -8.57 12.16
N LYS B 11 -7.35 -8.46 13.46
CA LYS B 11 -6.38 -7.49 13.95
C LYS B 11 -5.00 -8.00 13.60
N ARG B 12 -4.93 -9.30 13.64
CA ARG B 12 -3.72 -10.05 13.39
C ARG B 12 -3.22 -9.83 11.97
N ILE B 13 -4.09 -10.04 10.97
CA ILE B 13 -3.66 -9.83 9.59
C ILE B 13 -3.35 -8.36 9.37
N ALA B 14 -4.00 -7.51 10.15
CA ALA B 14 -3.76 -6.08 10.04
C ALA B 14 -2.32 -5.76 10.49
N LYS B 15 -1.89 -6.40 11.58
CA LYS B 15 -0.54 -6.18 12.09
C LYS B 15 0.46 -6.45 10.97
N GLU B 16 0.32 -7.62 10.34
CA GLU B 16 1.21 -7.98 9.25
C GLU B 16 0.89 -7.17 7.99
N ARG B 17 -0.38 -6.91 7.72
CA ARG B 17 -0.76 -6.17 6.53
C ARG B 17 -0.24 -4.75 6.59
N ILE B 18 -0.57 -4.09 7.68
CA ILE B 18 -0.20 -2.71 7.89
C ILE B 18 1.31 -2.50 7.80
N ASP B 19 2.08 -3.39 8.42
CA ASP B 19 3.53 -3.26 8.43
C ASP B 19 4.13 -3.46 7.03
N ILE B 20 3.48 -4.26 6.20
CA ILE B 20 4.01 -4.54 4.86
C ILE B 20 3.85 -3.37 3.89
N LEU B 21 2.63 -2.93 3.65
CA LEU B 21 2.41 -1.82 2.73
C LEU B 21 3.12 -0.61 3.27
N PHE B 22 3.13 -0.54 4.59
CA PHE B 22 3.78 0.54 5.31
C PHE B 22 5.24 0.66 4.88
N SER B 23 5.95 -0.47 4.89
CA SER B 23 7.35 -0.46 4.47
C SER B 23 7.45 -0.26 2.97
N LEU B 24 6.46 -0.77 2.23
CA LEU B 24 6.45 -0.65 0.79
C LEU B 24 6.28 0.82 0.40
N ALA B 25 5.20 1.41 0.90
CA ALA B 25 4.91 2.81 0.62
C ALA B 25 6.13 3.70 0.89
N GLU B 26 6.87 3.40 1.96
CA GLU B 26 8.05 4.19 2.29
C GLU B 26 9.17 4.01 1.26
N ARG B 27 9.41 2.76 0.90
CA ARG B 27 10.46 2.43 -0.05
C ARG B 27 10.10 2.86 -1.48
N VAL B 28 8.82 2.81 -1.82
CA VAL B 28 8.43 3.21 -3.15
C VAL B 28 8.23 4.73 -3.21
N PHE B 29 7.47 5.34 -2.27
CA PHE B 29 7.30 6.79 -2.34
C PHE B 29 8.58 7.43 -2.81
N PRO B 30 9.68 7.08 -2.21
CA PRO B 30 11.01 7.60 -2.61
C PRO B 30 11.16 7.30 -4.08
N TYR B 31 10.83 6.04 -4.37
CA TYR B 31 10.89 5.52 -5.70
C TYR B 31 9.53 5.62 -6.44
N SER B 32 8.45 5.88 -5.71
CA SER B 32 7.13 5.96 -6.33
C SER B 32 6.12 6.75 -5.49
N PRO B 33 6.03 8.03 -5.71
CA PRO B 33 5.08 8.91 -4.96
C PRO B 33 3.63 8.42 -5.00
N GLU B 34 3.15 8.02 -6.19
CA GLU B 34 1.76 7.58 -6.35
C GLU B 34 1.47 6.32 -5.55
N LEU B 35 2.26 5.29 -5.77
CA LEU B 35 2.05 4.02 -5.08
C LEU B 35 1.95 4.21 -3.59
N ALA B 36 3.01 4.76 -3.01
CA ALA B 36 3.01 4.98 -1.59
C ALA B 36 1.77 5.73 -1.19
N LYS B 37 1.35 6.62 -2.07
CA LYS B 37 0.15 7.39 -1.83
C LYS B 37 -1.06 6.48 -1.95
N ARG B 38 -0.99 5.53 -2.88
CA ARG B 38 -2.07 4.60 -3.07
C ARG B 38 -2.22 3.73 -1.84
N TYR B 39 -1.13 3.06 -1.43
CA TYR B 39 -1.21 2.21 -0.25
C TYR B 39 -1.62 3.02 0.92
N VAL B 40 -1.06 4.23 0.98
CA VAL B 40 -1.37 5.12 2.10
C VAL B 40 -2.87 5.09 2.33
N GLU B 41 -3.63 5.10 1.24
CA GLU B 41 -5.08 5.00 1.38
C GLU B 41 -5.40 3.62 1.97
N LEU B 42 -4.73 2.59 1.46
CA LEU B 42 -4.93 1.23 1.95
C LEU B 42 -4.50 1.11 3.41
N ALA B 43 -3.36 1.70 3.75
CA ALA B 43 -2.86 1.64 5.12
C ALA B 43 -3.77 2.43 6.05
N LEU B 44 -4.38 3.48 5.51
CA LEU B 44 -5.27 4.31 6.30
C LEU B 44 -6.44 3.49 6.86
N LEU B 45 -7.17 2.78 6.00
CA LEU B 45 -8.29 1.97 6.50
C LEU B 45 -7.79 0.86 7.40
N VAL B 46 -6.69 0.23 7.00
CA VAL B 46 -6.13 -0.87 7.76
C VAL B 46 -5.91 -0.45 9.20
N GLN B 47 -5.41 0.76 9.37
CA GLN B 47 -5.14 1.28 10.69
C GLN B 47 -6.44 1.49 11.48
N GLN B 48 -7.38 2.24 10.92
CA GLN B 48 -8.65 2.49 11.60
C GLN B 48 -9.63 1.33 11.44
N LYS B 49 -9.88 0.93 10.19
CA LYS B 49 -10.82 -0.15 9.91
C LYS B 49 -10.44 -1.43 10.64
N ALA B 50 -9.15 -1.74 10.68
CA ALA B 50 -8.69 -2.94 11.34
C ALA B 50 -8.37 -2.66 12.81
N LYS B 51 -8.39 -1.37 13.17
CA LYS B 51 -8.10 -0.97 14.54
C LYS B 51 -6.73 -1.44 14.98
N VAL B 52 -5.71 -0.88 14.36
CA VAL B 52 -4.33 -1.24 14.66
C VAL B 52 -3.61 -0.11 15.39
N LYS B 53 -2.30 -0.01 15.13
CA LYS B 53 -1.48 1.02 15.77
C LYS B 53 -1.94 2.41 15.36
N ILE B 54 -1.86 3.35 16.29
CA ILE B 54 -2.25 4.72 16.04
C ILE B 54 -1.06 5.52 15.50
N PRO B 55 -1.24 6.31 14.47
CA PRO B 55 -0.12 7.11 13.88
C PRO B 55 0.42 8.12 14.88
N ARG B 56 1.74 8.32 14.87
CA ARG B 56 2.36 9.26 15.79
C ARG B 56 3.51 10.04 15.14
N LYS B 57 4.53 9.32 14.68
CA LYS B 57 5.68 9.96 14.06
C LYS B 57 5.48 10.16 12.55
N TRP B 58 4.85 9.19 11.90
CA TRP B 58 4.59 9.27 10.46
C TRP B 58 4.02 10.64 10.10
N LYS B 59 3.69 11.43 11.11
CA LYS B 59 3.17 12.77 10.86
C LYS B 59 4.30 13.61 10.30
N ARG B 60 5.48 13.01 10.34
CA ARG B 60 6.69 13.63 9.84
C ARG B 60 6.78 13.51 8.34
N ARG B 61 6.01 12.58 7.79
CA ARG B 61 6.04 12.34 6.37
C ARG B 61 4.64 12.01 5.85
N TYR B 62 3.65 12.24 6.71
CA TYR B 62 2.24 12.01 6.38
C TYR B 62 1.49 13.33 6.51
N CYS B 63 0.35 13.44 5.85
CA CYS B 63 -0.43 14.66 5.91
C CYS B 63 -1.86 14.37 6.34
N LYS B 64 -2.28 14.98 7.45
CA LYS B 64 -3.63 14.79 7.95
C LYS B 64 -4.57 15.79 7.28
N LYS B 65 -4.02 16.53 6.32
CA LYS B 65 -4.78 17.54 5.59
C LYS B 65 -5.27 16.99 4.25
N CYS B 66 -4.42 16.20 3.58
CA CYS B 66 -4.78 15.63 2.29
C CYS B 66 -4.37 14.16 2.19
N HIS B 67 -3.80 13.62 3.27
CA HIS B 67 -3.39 12.22 3.27
C HIS B 67 -2.39 11.94 2.15
N ALA B 68 -1.20 11.49 2.51
CA ALA B 68 -0.16 11.19 1.53
C ALA B 68 1.14 10.78 2.20
N PHE B 69 2.19 10.64 1.41
CA PHE B 69 3.51 10.28 1.91
C PHE B 69 4.47 11.38 1.53
N LEU B 70 4.84 12.19 2.50
CA LEU B 70 5.75 13.29 2.22
C LEU B 70 7.11 13.03 2.86
N VAL B 71 8.17 13.47 2.19
CA VAL B 71 9.51 13.28 2.72
C VAL B 71 10.27 14.60 2.75
N PRO B 72 10.67 15.07 3.91
CA PRO B 72 11.42 16.34 4.04
C PRO B 72 12.54 16.45 3.01
N GLY B 73 12.53 17.54 2.24
CA GLY B 73 13.54 17.74 1.22
C GLY B 73 13.00 17.43 -0.17
N ILE B 74 12.05 16.49 -0.23
CA ILE B 74 11.46 16.10 -1.50
C ILE B 74 10.11 16.78 -1.71
N ASN B 75 9.07 16.22 -1.09
CA ASN B 75 7.73 16.78 -1.20
C ASN B 75 7.25 17.24 0.16
N ALA B 76 8.19 17.40 1.08
CA ALA B 76 7.85 17.83 2.43
C ALA B 76 8.90 18.80 2.97
N ARG B 77 8.53 19.57 3.99
CA ARG B 77 9.45 20.53 4.59
C ARG B 77 9.28 20.57 6.10
N VAL B 78 10.40 20.49 6.80
CA VAL B 78 10.40 20.53 8.27
C VAL B 78 11.49 21.46 8.75
N ARG B 79 11.16 22.35 9.68
CA ARG B 79 12.14 23.30 10.21
C ARG B 79 11.96 23.47 11.71
N LEU B 80 13.07 23.35 12.43
CA LEU B 80 13.05 23.46 13.87
C LEU B 80 14.05 24.49 14.37
N ARG B 81 13.61 25.36 15.27
CA ARG B 81 14.48 26.38 15.81
C ARG B 81 14.27 26.54 17.31
N GLN B 82 15.37 26.73 18.04
CA GLN B 82 15.32 26.87 19.49
C GLN B 82 15.10 28.32 19.89
N LYS B 83 15.33 28.60 21.18
CA LYS B 83 15.16 29.95 21.74
C LYS B 83 13.81 30.06 22.45
N ARG B 84 13.74 29.50 23.65
CA ARG B 84 12.51 29.54 24.44
C ARG B 84 11.48 28.59 23.87
N MET B 85 11.55 27.32 24.26
CA MET B 85 10.62 26.32 23.79
C MET B 85 10.71 26.15 22.27
N PRO B 86 11.61 25.31 21.80
CA PRO B 86 11.80 25.06 20.35
C PRO B 86 10.51 24.58 19.67
N HIS B 87 10.32 24.99 18.42
CA HIS B 87 9.13 24.59 17.67
C HIS B 87 9.50 24.11 16.27
N ILE B 88 8.87 23.02 15.85
CA ILE B 88 9.13 22.46 14.52
C ILE B 88 8.04 22.90 13.55
N VAL B 89 8.44 23.24 12.33
CA VAL B 89 7.48 23.66 11.30
C VAL B 89 7.36 22.57 10.25
N VAL B 90 6.14 22.08 10.04
CA VAL B 90 5.90 21.04 9.05
C VAL B 90 4.79 21.49 8.12
N LYS B 91 4.92 21.20 6.84
CA LYS B 91 3.90 21.63 5.88
C LYS B 91 3.84 20.73 4.66
N CYS B 92 2.63 20.51 4.15
CA CYS B 92 2.43 19.67 2.96
C CYS B 92 2.67 20.50 1.70
N LEU B 93 3.57 20.01 0.84
CA LEU B 93 3.87 20.70 -0.42
C LEU B 93 2.86 20.29 -1.48
N GLU B 94 2.06 19.29 -1.15
CA GLU B 94 1.02 18.80 -2.04
C GLU B 94 -0.20 19.67 -1.83
N CYS B 95 -0.60 19.73 -0.56
CA CYS B 95 -1.70 20.54 -0.14
C CYS B 95 -1.11 21.59 0.80
N GLY B 96 -0.43 22.57 0.21
CA GLY B 96 0.24 23.58 1.01
C GLY B 96 -0.56 23.92 2.24
N HIS B 97 -0.20 23.23 3.30
CA HIS B 97 -0.84 23.42 4.61
C HIS B 97 0.23 23.72 5.65
N ILE B 98 -0.03 24.73 6.48
CA ILE B 98 0.94 25.11 7.50
C ILE B 98 0.66 24.40 8.82
N MET B 99 1.65 23.67 9.32
CA MET B 99 1.51 22.95 10.58
C MET B 99 2.71 23.19 11.49
N ARG B 100 2.50 22.95 12.79
CA ARG B 100 3.57 23.15 13.77
C ARG B 100 3.63 21.95 14.72
N TYR B 101 4.81 21.72 15.32
CA TYR B 101 4.99 20.60 16.24
C TYR B 101 6.11 20.89 17.23
N PRO B 102 5.80 21.36 18.41
CA PRO B 102 6.82 21.67 19.46
C PRO B 102 7.81 20.55 19.64
N TYR B 103 8.85 20.82 20.40
CA TYR B 103 9.90 19.84 20.63
C TYR B 103 10.12 19.63 22.13
N ILE B 104 9.92 18.39 22.59
CA ILE B 104 10.10 18.06 23.99
C ILE B 104 11.06 16.88 24.14
N LYS B 105 12.08 17.05 24.98
CA LYS B 105 13.07 16.00 25.20
C LYS B 105 12.78 15.27 26.51
N GLN A 17 1.87 4.31 -18.35
CA GLN A 17 2.56 5.57 -18.72
C GLN A 17 2.91 6.35 -17.46
N GLY A 18 2.21 6.06 -16.37
CA GLY A 18 2.46 6.74 -15.11
C GLY A 18 3.73 6.22 -14.43
N SER A 19 3.71 6.14 -13.12
CA SER A 19 4.86 5.65 -12.36
C SER A 19 5.21 4.24 -12.81
N TYR A 20 4.18 3.42 -13.01
CA TYR A 20 4.37 2.03 -13.44
C TYR A 20 5.58 1.87 -14.34
N GLN A 21 5.54 2.52 -15.50
CA GLN A 21 6.63 2.44 -16.46
C GLN A 21 7.98 2.70 -15.79
N GLU A 22 7.96 3.38 -14.66
CA GLU A 22 9.19 3.73 -13.95
C GLU A 22 9.49 2.74 -12.82
N ILE A 23 8.44 2.23 -12.16
CA ILE A 23 8.64 1.30 -11.04
C ILE A 23 8.47 -0.16 -11.47
N ILE A 24 8.50 -0.41 -12.77
CA ILE A 24 8.32 -1.77 -13.26
C ILE A 24 9.62 -2.57 -13.13
N GLY A 25 9.59 -3.63 -12.33
CA GLY A 25 10.77 -4.50 -12.17
C GLY A 25 11.40 -4.44 -10.78
N ARG A 26 11.38 -3.28 -10.14
CA ARG A 26 11.98 -3.16 -8.80
C ARG A 26 11.28 -4.08 -7.80
N THR A 27 10.67 -5.14 -8.31
CA THR A 27 9.98 -6.12 -7.46
C THR A 27 10.77 -6.31 -6.18
N TRP A 28 12.02 -5.88 -6.21
CA TRP A 28 12.92 -5.98 -5.07
C TRP A 28 12.32 -5.27 -3.86
N ILE A 29 12.02 -3.98 -4.04
CA ILE A 29 11.47 -3.22 -2.94
C ILE A 29 10.13 -3.79 -2.51
N PHE A 30 9.53 -4.57 -3.41
CA PHE A 30 8.25 -5.19 -3.12
C PHE A 30 8.51 -6.54 -2.46
N ARG A 31 9.74 -7.00 -2.59
CA ARG A 31 10.14 -8.26 -1.99
C ARG A 31 10.71 -7.99 -0.60
N GLY A 32 11.79 -7.22 -0.55
CA GLY A 32 12.40 -6.86 0.72
C GLY A 32 11.51 -5.88 1.46
N ALA A 33 10.22 -6.19 1.48
CA ALA A 33 9.24 -5.35 2.14
C ALA A 33 8.08 -6.23 2.55
N HIS A 34 7.77 -7.22 1.70
CA HIS A 34 6.68 -8.13 1.97
C HIS A 34 7.14 -9.35 2.75
N ARG A 35 6.78 -9.38 4.03
CA ARG A 35 7.12 -10.50 4.90
C ARG A 35 5.88 -10.93 5.67
N GLY A 36 4.77 -10.24 5.43
CA GLY A 36 3.52 -10.57 6.10
C GLY A 36 3.19 -12.03 5.92
N ARG A 37 2.57 -12.64 6.92
CA ARG A 37 2.21 -14.04 6.81
C ARG A 37 1.15 -14.14 5.74
N VAL A 38 1.39 -14.98 4.74
CA VAL A 38 0.44 -15.09 3.65
C VAL A 38 -0.45 -16.31 3.75
N ASN A 39 -1.73 -16.08 3.50
CA ASN A 39 -2.75 -17.12 3.51
C ASN A 39 -4.00 -16.57 2.85
N LYS A 40 -4.82 -17.43 2.25
CA LYS A 40 -6.04 -16.94 1.61
C LYS A 40 -6.78 -16.03 2.59
N LYS A 41 -7.01 -16.55 3.80
CA LYS A 41 -7.67 -15.78 4.84
C LYS A 41 -6.84 -14.55 5.14
N ASN A 42 -5.68 -14.47 4.50
CA ASN A 42 -4.78 -13.34 4.70
C ASN A 42 -4.48 -12.64 3.37
N ILE A 43 -4.87 -13.24 2.24
CA ILE A 43 -4.62 -12.62 0.93
C ILE A 43 -5.64 -11.53 0.61
N VAL A 44 -6.91 -11.78 0.93
CA VAL A 44 -7.94 -10.77 0.68
C VAL A 44 -8.02 -9.87 1.91
N TRP A 45 -7.04 -10.09 2.77
CA TRP A 45 -6.91 -9.36 4.01
C TRP A 45 -5.53 -8.71 4.05
N HIS A 46 -4.57 -9.30 3.32
CA HIS A 46 -3.22 -8.74 3.24
C HIS A 46 -3.22 -7.59 2.25
N GLU A 47 -2.40 -6.60 2.51
CA GLU A 47 -2.30 -5.47 1.61
C GLU A 47 -1.61 -5.91 0.33
N LEU A 48 -2.33 -5.96 -0.77
CA LEU A 48 -1.67 -6.35 -1.99
C LEU A 48 -0.71 -5.23 -2.36
N ILE A 49 0.58 -5.52 -2.36
CA ILE A 49 1.58 -4.50 -2.67
C ILE A 49 2.87 -5.14 -3.13
N GLY A 50 3.15 -6.36 -2.70
CA GLY A 50 4.38 -7.03 -3.11
C GLY A 50 4.24 -8.56 -3.11
N LEU A 51 3.03 -9.05 -3.39
CA LEU A 51 2.80 -10.49 -3.44
C LEU A 51 2.84 -10.94 -4.91
N LYS A 52 3.14 -12.23 -5.15
CA LYS A 52 3.22 -12.74 -6.52
C LYS A 52 1.94 -13.44 -6.94
N VAL A 53 1.38 -13.02 -8.08
CA VAL A 53 0.14 -13.62 -8.58
C VAL A 53 0.08 -13.60 -10.11
N ARG A 54 -0.94 -14.27 -10.65
CA ARG A 54 -1.12 -14.37 -12.08
C ARG A 54 -2.59 -14.21 -12.47
N VAL A 55 -2.79 -13.71 -13.69
CA VAL A 55 -4.14 -13.57 -14.24
C VAL A 55 -4.38 -14.81 -15.08
N VAL A 56 -5.10 -15.78 -14.52
CA VAL A 56 -5.36 -17.04 -15.23
C VAL A 56 -6.57 -16.90 -16.14
N ASN A 57 -7.69 -16.44 -15.58
CA ASN A 57 -8.89 -16.26 -16.40
C ASN A 57 -9.45 -14.85 -16.22
N SER A 58 -9.49 -14.12 -17.32
CA SER A 58 -10.02 -12.76 -17.32
C SER A 58 -10.63 -12.46 -18.67
N THR A 59 -11.28 -11.31 -18.81
CA THR A 59 -11.83 -10.95 -20.10
C THR A 59 -11.01 -9.82 -20.70
N HIS A 60 -9.84 -10.19 -21.20
CA HIS A 60 -8.91 -9.27 -21.85
C HIS A 60 -7.82 -10.11 -22.52
N PRO A 61 -7.98 -10.44 -23.77
CA PRO A 61 -6.98 -11.28 -24.50
C PRO A 61 -5.54 -10.83 -24.29
N GLY A 62 -5.35 -9.72 -23.58
CA GLY A 62 -4.00 -9.20 -23.35
C GLY A 62 -3.53 -9.34 -21.90
N TYR A 63 -4.28 -10.04 -21.06
CA TYR A 63 -3.88 -10.21 -19.66
C TYR A 63 -4.15 -11.62 -19.13
N VAL A 64 -4.92 -12.42 -19.86
CA VAL A 64 -5.23 -13.77 -19.40
C VAL A 64 -4.02 -14.71 -19.51
N GLY A 65 -3.76 -15.47 -18.45
CA GLY A 65 -2.66 -16.44 -18.45
C GLY A 65 -1.30 -15.81 -18.15
N ILE A 66 -1.27 -14.53 -17.79
CA ILE A 66 0.01 -13.85 -17.54
C ILE A 66 0.31 -13.74 -16.02
N GLU A 67 1.61 -13.77 -15.66
CA GLU A 67 2.02 -13.72 -14.24
C GLU A 67 2.92 -12.51 -13.92
N GLY A 68 2.56 -11.78 -12.86
CA GLY A 68 3.33 -10.59 -12.45
C GLY A 68 3.36 -10.40 -10.93
N TYR A 69 4.14 -9.41 -10.48
CA TYR A 69 4.27 -9.09 -9.03
C TYR A 69 3.31 -7.94 -8.66
N VAL A 70 2.32 -8.23 -7.81
CA VAL A 70 1.33 -7.22 -7.43
C VAL A 70 1.97 -5.90 -7.02
N ILE A 71 1.32 -4.79 -7.40
CA ILE A 71 1.85 -3.46 -7.07
C ILE A 71 0.74 -2.47 -6.70
N ASP A 72 -0.41 -2.53 -7.39
CA ASP A 72 -1.48 -1.56 -7.12
C ASP A 72 -2.79 -2.23 -6.72
N GLU A 73 -3.52 -1.59 -5.80
CA GLU A 73 -4.81 -2.09 -5.35
C GLU A 73 -5.62 -0.95 -4.77
N THR A 74 -6.63 -0.48 -5.52
CA THR A 74 -7.47 0.62 -5.05
C THR A 74 -8.93 0.35 -5.36
N ARG A 75 -9.75 1.37 -5.13
CA ARG A 75 -11.19 1.26 -5.34
C ARG A 75 -11.53 0.75 -6.75
N ASN A 76 -10.63 0.95 -7.71
CA ASN A 76 -10.92 0.51 -9.08
C ASN A 76 -9.70 -0.15 -9.78
N MET A 77 -8.82 -0.81 -9.04
CA MET A 77 -7.68 -1.45 -9.71
C MET A 77 -6.95 -2.48 -8.85
N LEU A 78 -6.06 -3.21 -9.53
CA LEU A 78 -5.21 -4.24 -8.96
C LEU A 78 -4.14 -4.53 -10.02
N VAL A 79 -2.89 -4.12 -9.73
CA VAL A 79 -1.81 -4.26 -10.71
C VAL A 79 -0.71 -5.20 -10.24
N ILE A 80 -0.13 -5.89 -11.22
CA ILE A 80 0.96 -6.84 -11.00
C ILE A 80 2.13 -6.47 -11.93
N ALA A 81 3.38 -6.66 -11.50
CA ALA A 81 4.54 -6.29 -12.32
C ALA A 81 5.48 -7.47 -12.54
N GLY A 82 5.94 -7.62 -13.77
CA GLY A 82 6.86 -8.70 -14.13
C GLY A 82 7.72 -8.30 -15.32
N GLU A 83 9.02 -8.53 -15.22
CA GLU A 83 9.94 -8.19 -16.31
C GLU A 83 9.97 -6.68 -16.53
N ASN A 84 9.67 -6.25 -17.76
CA ASN A 84 9.67 -4.83 -18.09
C ASN A 84 8.27 -4.37 -18.49
N LYS A 85 7.26 -4.98 -17.88
CA LYS A 85 5.87 -4.63 -18.18
C LYS A 85 5.01 -4.73 -16.92
N VAL A 86 3.77 -4.26 -17.01
CA VAL A 86 2.86 -4.32 -15.87
C VAL A 86 1.58 -5.05 -16.24
N TRP A 87 0.94 -5.59 -15.22
CA TRP A 87 -0.30 -6.34 -15.36
C TRP A 87 -1.48 -5.44 -15.02
N LYS A 88 -2.37 -5.23 -15.98
CA LYS A 88 -3.54 -4.39 -15.72
C LYS A 88 -4.80 -5.24 -15.63
N VAL A 89 -5.29 -5.46 -14.41
CA VAL A 89 -6.49 -6.28 -14.24
C VAL A 89 -7.31 -5.81 -13.05
N PRO A 90 -8.30 -4.99 -13.27
CA PRO A 90 -9.16 -4.52 -12.15
C PRO A 90 -9.72 -5.71 -11.38
N LYS A 91 -9.52 -5.68 -10.06
CA LYS A 91 -9.98 -6.76 -9.21
C LYS A 91 -11.40 -7.19 -9.57
N ASP A 92 -12.13 -6.33 -10.27
CA ASP A 92 -13.52 -6.63 -10.64
C ASP A 92 -13.63 -7.39 -11.97
N VAL A 93 -12.53 -7.58 -12.70
CA VAL A 93 -12.61 -8.28 -13.99
C VAL A 93 -11.51 -9.33 -14.15
N CYS A 94 -11.09 -9.99 -13.08
CA CYS A 94 -10.06 -11.02 -13.22
C CYS A 94 -9.95 -11.87 -11.96
N ILE A 95 -9.40 -13.06 -12.13
CA ILE A 95 -9.18 -13.98 -11.02
C ILE A 95 -7.69 -14.02 -10.72
N PHE A 96 -7.33 -13.63 -9.50
CA PHE A 96 -5.92 -13.59 -9.11
C PHE A 96 -5.52 -14.80 -8.30
N GLU A 97 -4.41 -15.43 -8.70
CA GLU A 97 -3.91 -16.56 -7.93
C GLU A 97 -2.56 -16.16 -7.35
N PHE A 98 -2.57 -15.67 -6.11
CA PHE A 98 -1.31 -15.28 -5.48
C PHE A 98 -0.73 -16.51 -4.78
N GLU A 99 0.59 -16.66 -4.77
CA GLU A 99 1.18 -17.83 -4.15
C GLU A 99 1.51 -17.55 -2.69
N THR A 100 1.03 -18.43 -1.81
CA THR A 100 1.22 -18.27 -0.38
C THR A 100 2.70 -18.22 -0.01
N TRP A 101 3.00 -17.38 0.99
CA TRP A 101 4.36 -17.19 1.47
C TRP A 101 5.01 -18.51 1.89
N ASP A 102 4.27 -19.61 1.74
CA ASP A 102 4.80 -20.92 2.08
C ASP A 102 5.10 -21.71 0.81
N GLY A 103 5.06 -21.02 -0.33
CA GLY A 103 5.31 -21.65 -1.62
C GLY A 103 4.05 -22.34 -2.11
N THR A 104 2.92 -22.01 -1.49
CA THR A 104 1.65 -22.60 -1.87
C THR A 104 0.80 -21.57 -2.63
N LYS A 105 0.31 -21.97 -3.80
CA LYS A 105 -0.51 -21.06 -4.61
C LYS A 105 -1.94 -20.96 -4.07
N ILE A 106 -2.44 -19.72 -4.03
CA ILE A 106 -3.78 -19.42 -3.54
C ILE A 106 -4.71 -19.18 -4.73
N LYS A 107 -5.90 -19.75 -4.69
CA LYS A 107 -6.87 -19.56 -5.76
C LYS A 107 -7.97 -18.66 -5.26
N ILE A 108 -7.94 -17.40 -5.64
CA ILE A 108 -8.94 -16.47 -5.15
C ILE A 108 -9.32 -15.46 -6.23
N SER A 109 -10.62 -15.17 -6.31
CA SER A 109 -11.13 -14.24 -7.31
C SER A 109 -10.90 -12.80 -6.85
N GLY A 110 -10.63 -11.93 -7.82
CA GLY A 110 -10.37 -10.52 -7.53
C GLY A 110 -11.63 -9.80 -7.10
N GLU A 111 -12.75 -10.50 -7.09
CA GLU A 111 -13.98 -9.83 -6.70
C GLU A 111 -14.15 -9.76 -5.18
N LYS A 112 -13.46 -10.63 -4.44
CA LYS A 112 -13.58 -10.62 -2.99
C LYS A 112 -13.03 -9.32 -2.42
N LEU A 113 -11.85 -8.92 -2.88
CA LEU A 113 -11.21 -7.69 -2.44
C LEU A 113 -11.55 -6.55 -3.40
N VAL A 114 -12.72 -6.65 -4.03
CA VAL A 114 -13.12 -5.66 -5.02
C VAL A 114 -13.24 -4.25 -4.46
N GLY A 115 -12.27 -3.42 -4.81
CA GLY A 115 -12.28 -2.00 -4.45
C GLY A 115 -12.13 -1.74 -2.96
N ARG A 116 -12.77 -2.55 -2.13
CA ARG A 116 -12.73 -2.34 -0.70
C ARG A 116 -11.75 -3.24 0.06
N PRO A 117 -10.48 -2.95 0.04
CA PRO A 117 -9.49 -3.75 0.82
C PRO A 117 -9.75 -3.54 2.31
N GLU A 118 -10.37 -2.40 2.60
CA GLU A 118 -10.70 -2.04 3.97
C GLU A 118 -11.67 -3.05 4.56
N MET A 119 -12.78 -3.27 3.84
CA MET A 119 -13.82 -4.19 4.27
C MET A 119 -13.24 -5.39 5.01
N ARG A 120 -12.32 -6.10 4.37
CA ARG A 120 -11.73 -7.27 4.99
C ARG A 120 -10.86 -6.87 6.18
N LEU A 121 -10.09 -5.79 6.04
CA LEU A 121 -9.24 -5.32 7.12
C LEU A 121 -10.11 -4.94 8.33
N LYS A 122 -11.25 -4.31 8.07
CA LYS A 122 -12.15 -3.88 9.13
C LYS A 122 -13.26 -4.91 9.37
N LYS A 123 -13.18 -6.04 8.70
CA LYS A 123 -14.19 -7.09 8.86
C LYS A 123 -15.55 -6.60 8.38
N ARG A 124 -16.37 -7.54 7.89
CA ARG A 124 -17.70 -7.20 7.40
C ARG A 124 -18.61 -6.78 8.54
N TRP A 125 -18.48 -7.47 9.68
CA TRP A 125 -19.31 -7.17 10.85
C TRP A 125 -18.65 -6.06 11.67
N ARG A 126 -19.47 -5.16 12.21
CA ARG A 126 -18.96 -4.06 13.01
C ARG A 126 -19.69 -3.98 14.35
N LYS A 127 -19.03 -4.43 15.40
CA LYS A 127 -19.63 -4.41 16.74
C LYS A 127 -21.04 -5.00 16.70
N GLU B 9 -8.42 -12.15 14.22
CA GLU B 9 -7.83 -12.55 12.92
C GLU B 9 -7.65 -11.33 12.04
N LYS B 10 -8.50 -10.33 12.26
CA LYS B 10 -8.41 -9.11 11.46
C LYS B 10 -7.31 -8.19 11.97
N LYS B 11 -7.06 -8.19 13.28
CA LYS B 11 -6.02 -7.35 13.83
C LYS B 11 -4.68 -7.94 13.48
N ARG B 12 -4.70 -9.25 13.46
CA ARG B 12 -3.54 -10.06 13.18
C ARG B 12 -3.00 -9.77 11.79
N ILE B 13 -3.88 -9.84 10.79
CA ILE B 13 -3.46 -9.57 9.42
C ILE B 13 -3.13 -8.09 9.27
N ALA B 14 -3.88 -7.26 9.97
CA ALA B 14 -3.67 -5.81 9.92
C ALA B 14 -2.25 -5.45 10.36
N LYS B 15 -1.83 -5.91 11.55
CA LYS B 15 -0.49 -5.61 12.04
C LYS B 15 0.56 -6.00 11.01
N GLU B 16 0.48 -7.24 10.53
CA GLU B 16 1.45 -7.70 9.52
C GLU B 16 1.20 -7.02 8.17
N ARG B 17 -0.08 -6.84 7.85
CA ARG B 17 -0.45 -6.21 6.59
C ARG B 17 0.15 -4.81 6.53
N ILE B 18 -0.13 -4.04 7.56
CA ILE B 18 0.36 -2.69 7.66
C ILE B 18 1.89 -2.65 7.62
N ASP B 19 2.50 -3.69 8.16
CA ASP B 19 3.95 -3.76 8.21
C ASP B 19 4.59 -3.67 6.82
N ILE B 20 4.12 -4.47 5.86
CA ILE B 20 4.72 -4.44 4.52
C ILE B 20 4.35 -3.20 3.69
N LEU B 21 3.07 -2.86 3.61
CA LEU B 21 2.68 -1.71 2.80
C LEU B 21 3.45 -0.51 3.29
N PHE B 22 3.61 -0.48 4.58
CA PHE B 22 4.34 0.57 5.24
C PHE B 22 5.78 0.62 4.73
N SER B 23 6.44 -0.52 4.77
CA SER B 23 7.82 -0.61 4.32
C SER B 23 7.92 -0.44 2.80
N LEU B 24 6.92 -0.95 2.08
CA LEU B 24 6.91 -0.84 0.65
C LEU B 24 6.82 0.62 0.23
N ALA B 25 5.79 1.30 0.72
CA ALA B 25 5.59 2.71 0.40
C ALA B 25 6.86 3.54 0.67
N GLU B 26 7.62 3.18 1.71
CA GLU B 26 8.82 3.93 2.03
C GLU B 26 9.92 3.64 1.03
N ARG B 27 10.01 2.37 0.66
CA ARG B 27 11.02 1.92 -0.28
C ARG B 27 10.71 2.39 -1.71
N VAL B 28 9.43 2.45 -2.06
CA VAL B 28 9.07 2.90 -3.40
C VAL B 28 8.99 4.42 -3.44
N PHE B 29 8.26 5.08 -2.50
CA PHE B 29 8.19 6.53 -2.55
C PHE B 29 9.52 7.09 -3.01
N PRO B 30 10.58 6.65 -2.41
CA PRO B 30 11.95 7.07 -2.80
C PRO B 30 12.08 6.77 -4.27
N TYR B 31 11.68 5.55 -4.57
CA TYR B 31 11.70 5.03 -5.91
C TYR B 31 10.35 5.21 -6.65
N SER B 32 9.30 5.60 -5.93
CA SER B 32 7.99 5.78 -6.57
C SER B 32 7.00 6.55 -5.71
N PRO B 33 6.90 7.84 -5.91
CA PRO B 33 5.93 8.69 -5.15
C PRO B 33 4.47 8.22 -5.27
N GLU B 34 4.08 7.77 -6.46
CA GLU B 34 2.69 7.34 -6.69
C GLU B 34 2.35 6.07 -5.90
N LEU B 35 3.16 5.05 -6.06
CA LEU B 35 2.92 3.80 -5.36
C LEU B 35 2.81 4.03 -3.87
N ALA B 36 3.84 4.61 -3.29
CA ALA B 36 3.82 4.86 -1.87
C ALA B 36 2.55 5.60 -1.52
N LYS B 37 2.10 6.39 -2.47
CA LYS B 37 0.88 7.15 -2.26
C LYS B 37 -0.32 6.21 -2.29
N ARG B 38 -0.30 5.23 -3.20
CA ARG B 38 -1.40 4.28 -3.31
C ARG B 38 -1.57 3.51 -2.01
N TYR B 39 -0.49 2.88 -1.54
CA TYR B 39 -0.57 2.10 -0.31
C TYR B 39 -0.94 3.00 0.83
N VAL B 40 -0.38 4.19 0.81
CA VAL B 40 -0.65 5.15 1.88
C VAL B 40 -2.14 5.17 2.14
N GLU B 41 -2.93 5.16 1.07
CA GLU B 41 -4.37 5.12 1.23
C GLU B 41 -4.74 3.81 1.91
N LEU B 42 -4.11 2.72 1.45
CA LEU B 42 -4.36 1.42 2.04
C LEU B 42 -3.91 1.39 3.50
N ALA B 43 -2.73 1.94 3.77
CA ALA B 43 -2.20 1.96 5.12
C ALA B 43 -3.20 2.65 6.05
N LEU B 44 -3.94 3.61 5.52
CA LEU B 44 -4.91 4.35 6.32
C LEU B 44 -6.07 3.45 6.77
N LEU B 45 -6.75 2.80 5.82
CA LEU B 45 -7.86 1.93 6.19
C LEU B 45 -7.41 0.85 7.17
N VAL B 46 -6.13 0.48 7.07
CA VAL B 46 -5.61 -0.56 7.93
C VAL B 46 -5.54 -0.10 9.37
N GLN B 47 -4.97 1.08 9.57
CA GLN B 47 -4.79 1.61 10.90
C GLN B 47 -6.11 1.93 11.61
N GLN B 48 -6.94 2.78 11.01
CA GLN B 48 -8.22 3.15 11.62
C GLN B 48 -9.31 2.10 11.41
N LYS B 49 -9.48 1.65 10.18
CA LYS B 49 -10.53 0.68 9.88
C LYS B 49 -10.23 -0.70 10.49
N ALA B 50 -8.96 -1.08 10.55
CA ALA B 50 -8.61 -2.38 11.13
C ALA B 50 -8.38 -2.23 12.63
N LYS B 51 -8.38 -0.97 13.08
CA LYS B 51 -8.18 -0.66 14.49
C LYS B 51 -6.79 -1.07 14.96
N VAL B 52 -5.80 -0.33 14.51
CA VAL B 52 -4.41 -0.60 14.88
C VAL B 52 -3.74 0.68 15.35
N LYS B 53 -3.04 0.61 16.48
CA LYS B 53 -2.35 1.79 17.02
C LYS B 53 -0.86 1.54 17.18
N ILE B 54 -0.09 2.20 16.33
CA ILE B 54 1.38 2.07 16.36
C ILE B 54 2.01 3.46 16.24
N PRO B 55 3.01 3.78 17.04
CA PRO B 55 3.68 5.11 16.98
C PRO B 55 3.81 5.59 15.54
N ARG B 56 3.17 6.72 15.24
CA ARG B 56 3.20 7.27 13.89
C ARG B 56 4.28 8.33 13.74
N LYS B 57 5.54 7.89 13.60
CA LYS B 57 6.63 8.83 13.41
C LYS B 57 6.57 9.38 11.98
N TRP B 58 5.94 8.58 11.12
CA TRP B 58 5.77 8.92 9.73
C TRP B 58 5.09 10.27 9.58
N LYS B 59 4.70 10.86 10.70
CA LYS B 59 4.07 12.18 10.67
C LYS B 59 5.07 13.16 10.12
N ARG B 60 6.29 12.66 10.00
CA ARG B 60 7.40 13.42 9.50
C ARG B 60 7.48 13.32 8.00
N ARG B 61 6.95 12.22 7.48
CA ARG B 61 6.99 11.97 6.05
C ARG B 61 5.63 11.49 5.55
N TYR B 62 4.60 11.68 6.38
CA TYR B 62 3.25 11.28 6.01
C TYR B 62 2.37 12.49 5.82
N CYS B 63 1.37 12.34 4.96
CA CYS B 63 0.47 13.43 4.64
C CYS B 63 -0.97 13.09 5.02
N LYS B 64 -1.45 13.67 6.12
CA LYS B 64 -2.82 13.44 6.58
C LYS B 64 -3.71 14.52 5.99
N LYS B 65 -3.05 15.46 5.31
CA LYS B 65 -3.74 16.57 4.68
C LYS B 65 -4.36 16.11 3.38
N CYS B 66 -3.64 15.24 2.69
CA CYS B 66 -4.09 14.74 1.40
C CYS B 66 -3.70 13.28 1.20
N HIS B 67 -3.38 12.59 2.28
CA HIS B 67 -3.02 11.18 2.19
C HIS B 67 -1.88 10.96 1.18
N ALA B 68 -0.65 10.91 1.68
CA ALA B 68 0.50 10.70 0.80
C ALA B 68 1.74 10.35 1.62
N PHE B 69 2.88 10.26 0.93
CA PHE B 69 4.14 9.94 1.58
C PHE B 69 5.16 11.01 1.26
N LEU B 70 5.40 11.90 2.20
CA LEU B 70 6.35 12.96 1.97
C LEU B 70 7.68 12.61 2.61
N VAL B 71 8.77 13.17 2.09
CA VAL B 71 10.10 12.89 2.63
C VAL B 71 10.87 14.19 2.86
N PRO B 72 11.17 14.52 4.10
CA PRO B 72 11.92 15.77 4.43
C PRO B 72 13.11 15.99 3.49
N GLY B 73 13.11 17.13 2.82
CA GLY B 73 14.19 17.45 1.89
C GLY B 73 13.75 17.21 0.45
N ILE B 74 12.80 16.30 0.27
CA ILE B 74 12.29 15.99 -1.07
C ILE B 74 10.91 16.61 -1.27
N ASN B 75 9.89 15.96 -0.75
CA ASN B 75 8.52 16.44 -0.87
C ASN B 75 7.97 16.80 0.50
N ALA B 76 8.86 17.06 1.44
CA ALA B 76 8.42 17.41 2.80
C ALA B 76 9.42 18.32 3.51
N ARG B 77 8.94 18.98 4.57
CA ARG B 77 9.77 19.86 5.36
C ARG B 77 9.29 19.88 6.80
N VAL B 78 10.21 19.63 7.72
CA VAL B 78 9.90 19.62 9.15
C VAL B 78 11.02 20.29 9.95
N ARG B 79 10.68 21.38 10.64
CA ARG B 79 11.67 22.10 11.46
C ARG B 79 11.11 22.37 12.84
N LEU B 80 12.00 22.34 13.82
CA LEU B 80 11.60 22.55 15.21
C LEU B 80 12.23 23.82 15.78
N ARG B 81 11.39 24.77 16.15
CA ARG B 81 11.87 26.03 16.71
C ARG B 81 11.03 26.45 17.90
N GLN B 82 11.67 27.11 18.86
CA GLN B 82 10.98 27.56 20.06
C GLN B 82 9.93 28.61 19.73
N LYS B 83 10.07 29.81 20.30
CA LYS B 83 9.14 30.90 20.06
C LYS B 83 7.72 30.51 20.49
N ARG B 84 7.30 31.02 21.64
CA ARG B 84 5.97 30.75 22.17
C ARG B 84 5.61 29.27 21.99
N MET B 85 5.75 28.50 23.05
CA MET B 85 5.42 27.07 23.00
C MET B 85 6.09 26.42 21.78
N PRO B 86 7.20 25.76 21.96
CA PRO B 86 7.93 25.10 20.85
C PRO B 86 7.01 24.23 20.00
N HIS B 87 7.22 24.27 18.68
CA HIS B 87 6.40 23.49 17.76
C HIS B 87 7.16 23.18 16.47
N ILE B 88 6.91 22.01 15.90
CA ILE B 88 7.57 21.62 14.66
C ILE B 88 6.65 21.93 13.48
N VAL B 89 7.17 22.72 12.55
CA VAL B 89 6.39 23.09 11.36
C VAL B 89 6.50 22.00 10.29
N VAL B 90 5.37 21.41 9.95
CA VAL B 90 5.34 20.36 8.93
C VAL B 90 4.41 20.79 7.82
N LYS B 91 4.82 20.64 6.57
CA LYS B 91 3.98 21.07 5.47
C LYS B 91 4.14 20.18 4.23
N CYS B 92 2.99 19.82 3.64
CA CYS B 92 2.96 18.99 2.45
C CYS B 92 3.51 19.74 1.24
N LEU B 93 4.69 19.37 0.75
CA LEU B 93 5.27 20.03 -0.43
C LEU B 93 4.76 19.37 -1.69
N GLU B 94 4.04 18.28 -1.49
CA GLU B 94 3.43 17.53 -2.58
C GLU B 94 1.99 17.95 -2.64
N CYS B 95 1.59 18.54 -1.52
CA CYS B 95 0.26 19.06 -1.31
C CYS B 95 0.41 20.32 -0.47
N GLY B 96 0.93 21.38 -1.07
CA GLY B 96 1.18 22.60 -0.32
C GLY B 96 0.10 22.85 0.71
N HIS B 97 0.37 22.33 1.92
CA HIS B 97 -0.53 22.49 3.07
C HIS B 97 0.29 22.94 4.28
N ILE B 98 -0.10 24.06 4.89
CA ILE B 98 0.64 24.57 6.05
C ILE B 98 0.12 23.95 7.34
N MET B 99 1.01 23.29 8.08
CA MET B 99 0.61 22.67 9.35
C MET B 99 1.64 22.93 10.44
N ARG B 100 1.23 22.66 11.68
CA ARG B 100 2.11 22.87 12.83
C ARG B 100 1.91 21.76 13.86
N TYR B 101 3.01 21.23 14.39
CA TYR B 101 2.95 20.15 15.37
C TYR B 101 3.61 20.59 16.68
N PRO B 102 2.85 21.06 17.64
CA PRO B 102 3.39 21.53 18.95
C PRO B 102 4.29 20.50 19.61
N TYR B 103 5.07 20.98 20.54
CA TYR B 103 6.00 20.13 21.28
C TYR B 103 6.09 20.56 22.74
N ILE B 104 5.45 19.81 23.63
CA ILE B 104 5.47 20.14 25.06
C ILE B 104 6.30 19.10 25.82
N LYS B 105 7.28 19.59 26.57
CA LYS B 105 8.14 18.70 27.34
C LYS B 105 7.45 18.26 28.63
N GLN A 17 1.68 7.16 -18.52
CA GLN A 17 0.56 7.90 -17.89
C GLN A 17 0.55 7.64 -16.39
N GLY A 18 0.83 6.39 -16.01
CA GLY A 18 0.86 6.02 -14.60
C GLY A 18 2.29 5.97 -14.08
N SER A 19 2.44 5.68 -12.78
CA SER A 19 3.77 5.61 -12.18
C SER A 19 4.42 4.26 -12.47
N TYR A 20 3.60 3.25 -12.76
CA TYR A 20 4.13 1.92 -13.04
C TYR A 20 5.37 1.99 -13.93
N GLN A 21 5.20 2.59 -15.11
CA GLN A 21 6.31 2.71 -16.05
C GLN A 21 7.58 3.16 -15.34
N GLU A 22 7.43 3.65 -14.11
CA GLU A 22 8.55 4.10 -13.31
C GLU A 22 8.99 3.05 -12.30
N ILE A 23 8.02 2.29 -11.81
CA ILE A 23 8.30 1.30 -10.75
C ILE A 23 8.23 -0.14 -11.23
N ILE A 24 8.33 -0.37 -12.52
CA ILE A 24 8.27 -1.73 -13.04
C ILE A 24 9.64 -2.41 -12.88
N GLY A 25 9.70 -3.47 -12.08
CA GLY A 25 10.94 -4.21 -11.89
C GLY A 25 11.51 -4.10 -10.47
N ARG A 26 11.39 -2.93 -9.86
CA ARG A 26 11.91 -2.75 -8.49
C ARG A 26 11.21 -3.67 -7.51
N THR A 27 10.77 -4.83 -7.99
CA THR A 27 10.11 -5.79 -7.13
C THR A 27 10.90 -5.90 -5.82
N TRP A 28 12.09 -5.32 -5.84
CA TRP A 28 12.97 -5.29 -4.69
C TRP A 28 12.28 -4.61 -3.52
N ILE A 29 11.83 -3.39 -3.74
CA ILE A 29 11.17 -2.66 -2.67
C ILE A 29 9.88 -3.36 -2.29
N PHE A 30 9.45 -4.29 -3.14
CA PHE A 30 8.25 -5.05 -2.88
C PHE A 30 8.66 -6.33 -2.17
N ARG A 31 9.95 -6.63 -2.26
CA ARG A 31 10.49 -7.81 -1.60
C ARG A 31 10.92 -7.43 -0.19
N GLY A 32 11.79 -6.43 -0.11
CA GLY A 32 12.26 -5.94 1.19
C GLY A 32 11.19 -5.04 1.78
N ALA A 33 9.95 -5.52 1.73
CA ALA A 33 8.82 -4.79 2.25
C ALA A 33 7.77 -5.81 2.63
N HIS A 34 7.63 -6.82 1.78
CA HIS A 34 6.69 -7.88 2.02
C HIS A 34 7.21 -8.82 3.10
N ARG A 35 6.39 -9.04 4.12
CA ARG A 35 6.78 -9.94 5.21
C ARG A 35 5.54 -10.51 5.89
N GLY A 36 4.48 -9.70 5.97
CA GLY A 36 3.24 -10.16 6.60
C GLY A 36 3.04 -11.64 6.38
N ARG A 37 2.47 -12.33 7.37
CA ARG A 37 2.23 -13.75 7.22
C ARG A 37 1.20 -13.95 6.13
N VAL A 38 1.58 -14.65 5.08
CA VAL A 38 0.67 -14.83 3.97
C VAL A 38 -0.15 -16.11 4.08
N ASN A 39 -1.43 -15.97 3.77
CA ASN A 39 -2.37 -17.07 3.80
C ASN A 39 -3.64 -16.65 3.06
N LYS A 40 -4.40 -17.59 2.54
CA LYS A 40 -5.63 -17.23 1.84
C LYS A 40 -6.46 -16.33 2.75
N LYS A 41 -6.70 -16.80 3.98
CA LYS A 41 -7.43 -16.02 4.96
C LYS A 41 -6.65 -14.74 5.21
N ASN A 42 -5.49 -14.64 4.59
CA ASN A 42 -4.65 -13.47 4.73
C ASN A 42 -4.33 -12.84 3.37
N ILE A 43 -4.79 -13.46 2.27
CA ILE A 43 -4.52 -12.91 0.93
C ILE A 43 -5.57 -11.89 0.52
N VAL A 44 -6.83 -12.15 0.86
CA VAL A 44 -7.88 -11.20 0.52
C VAL A 44 -7.99 -10.21 1.67
N TRP A 45 -7.10 -10.40 2.61
CA TRP A 45 -7.01 -9.59 3.80
C TRP A 45 -5.67 -8.83 3.78
N HIS A 46 -4.62 -9.50 3.30
CA HIS A 46 -3.31 -8.85 3.19
C HIS A 46 -3.37 -7.76 2.14
N GLU A 47 -2.73 -6.64 2.39
CA GLU A 47 -2.69 -5.58 1.40
C GLU A 47 -1.91 -6.08 0.20
N LEU A 48 -2.58 -6.32 -0.91
CA LEU A 48 -1.83 -6.79 -2.07
C LEU A 48 -1.04 -5.63 -2.62
N ILE A 49 0.29 -5.74 -2.54
CA ILE A 49 1.18 -4.69 -3.01
C ILE A 49 2.61 -5.23 -3.06
N GLY A 50 2.80 -6.37 -3.71
CA GLY A 50 4.13 -6.96 -3.82
C GLY A 50 4.05 -8.50 -3.92
N LEU A 51 3.09 -9.10 -3.23
CA LEU A 51 2.94 -10.55 -3.27
C LEU A 51 3.08 -11.04 -4.71
N LYS A 52 3.64 -12.24 -4.89
CA LYS A 52 3.84 -12.80 -6.23
C LYS A 52 2.59 -13.54 -6.71
N VAL A 53 2.08 -13.16 -7.89
CA VAL A 53 0.88 -13.81 -8.44
C VAL A 53 0.89 -13.83 -9.96
N ARG A 54 -0.07 -14.55 -10.51
CA ARG A 54 -0.22 -14.67 -11.95
C ARG A 54 -1.68 -14.59 -12.36
N VAL A 55 -1.91 -14.12 -13.58
CA VAL A 55 -3.26 -14.07 -14.11
C VAL A 55 -3.43 -15.26 -15.03
N VAL A 56 -4.07 -16.32 -14.51
CA VAL A 56 -4.26 -17.54 -15.28
C VAL A 56 -5.49 -17.43 -16.16
N ASN A 57 -6.62 -17.06 -15.56
CA ASN A 57 -7.85 -16.90 -16.34
C ASN A 57 -8.46 -15.54 -16.04
N SER A 58 -8.55 -14.71 -17.07
CA SER A 58 -9.12 -13.39 -16.93
C SER A 58 -9.76 -12.94 -18.23
N THR A 59 -10.44 -11.80 -18.20
CA THR A 59 -11.03 -11.26 -19.43
C THR A 59 -10.10 -10.14 -19.91
N HIS A 60 -9.02 -10.56 -20.56
CA HIS A 60 -8.01 -9.63 -21.05
C HIS A 60 -7.17 -10.32 -22.12
N PRO A 61 -7.49 -10.16 -23.36
CA PRO A 61 -6.73 -10.79 -24.48
C PRO A 61 -5.21 -10.61 -24.35
N GLY A 62 -4.76 -9.83 -23.36
CA GLY A 62 -3.32 -9.58 -23.21
C GLY A 62 -2.81 -9.70 -21.77
N TYR A 63 -3.52 -10.42 -20.90
CA TYR A 63 -3.05 -10.58 -19.51
C TYR A 63 -3.29 -12.00 -18.98
N VAL A 64 -4.05 -12.82 -19.70
CA VAL A 64 -4.33 -14.17 -19.25
C VAL A 64 -3.10 -15.08 -19.40
N GLY A 65 -2.80 -15.86 -18.35
CA GLY A 65 -1.67 -16.80 -18.39
C GLY A 65 -0.33 -16.14 -18.07
N ILE A 66 -0.34 -14.87 -17.68
CA ILE A 66 0.93 -14.17 -17.38
C ILE A 66 1.16 -14.01 -15.87
N GLU A 67 2.45 -13.90 -15.47
CA GLU A 67 2.82 -13.80 -14.04
C GLU A 67 3.59 -12.51 -13.72
N GLY A 68 3.15 -11.82 -12.65
CA GLY A 68 3.80 -10.55 -12.23
C GLY A 68 3.76 -10.35 -10.70
N TYR A 69 4.46 -9.31 -10.23
CA TYR A 69 4.49 -8.96 -8.79
C TYR A 69 3.45 -7.87 -8.49
N VAL A 70 2.46 -8.19 -7.64
CA VAL A 70 1.39 -7.24 -7.32
C VAL A 70 1.96 -5.89 -6.88
N ILE A 71 1.25 -4.81 -7.24
CA ILE A 71 1.68 -3.46 -6.89
C ILE A 71 0.49 -2.58 -6.50
N ASP A 72 -0.66 -2.81 -7.13
CA ASP A 72 -1.83 -1.97 -6.87
C ASP A 72 -3.05 -2.76 -6.41
N GLU A 73 -3.87 -2.11 -5.58
CA GLU A 73 -5.10 -2.70 -5.08
C GLU A 73 -6.01 -1.58 -4.57
N THR A 74 -7.07 -1.27 -5.32
CA THR A 74 -7.99 -0.22 -4.91
C THR A 74 -9.40 -0.52 -5.39
N ARG A 75 -10.30 0.44 -5.15
CA ARG A 75 -11.70 0.31 -5.52
C ARG A 75 -11.85 -0.06 -7.00
N ASN A 76 -10.85 0.27 -7.82
CA ASN A 76 -10.97 -0.02 -9.26
C ASN A 76 -9.69 -0.56 -9.89
N MET A 77 -8.83 -1.28 -9.16
CA MET A 77 -7.62 -1.80 -9.79
C MET A 77 -6.89 -2.85 -8.97
N LEU A 78 -6.00 -3.55 -9.69
CA LEU A 78 -5.13 -4.59 -9.15
C LEU A 78 -4.03 -4.80 -10.19
N VAL A 79 -2.80 -4.37 -9.84
CA VAL A 79 -1.69 -4.45 -10.79
C VAL A 79 -0.56 -5.35 -10.29
N ILE A 80 0.08 -6.02 -11.25
CA ILE A 80 1.19 -6.92 -10.98
C ILE A 80 2.39 -6.52 -11.87
N ALA A 81 3.63 -6.69 -11.40
CA ALA A 81 4.81 -6.28 -12.17
C ALA A 81 5.78 -7.44 -12.42
N GLY A 82 6.29 -7.51 -13.65
CA GLY A 82 7.25 -8.55 -14.01
C GLY A 82 8.11 -8.09 -15.20
N GLU A 83 9.43 -8.12 -15.01
CA GLU A 83 10.35 -7.69 -16.06
C GLU A 83 10.18 -6.20 -16.34
N ASN A 84 10.03 -5.85 -17.62
CA ASN A 84 9.88 -4.45 -18.01
C ASN A 84 8.44 -4.18 -18.47
N LYS A 85 7.49 -4.90 -17.87
CA LYS A 85 6.08 -4.74 -18.23
C LYS A 85 5.20 -4.78 -16.98
N VAL A 86 3.95 -4.37 -17.12
CA VAL A 86 3.02 -4.41 -15.99
C VAL A 86 1.81 -5.24 -16.32
N TRP A 87 1.19 -5.75 -15.26
CA TRP A 87 0.00 -6.58 -15.37
C TRP A 87 -1.23 -5.76 -15.03
N LYS A 88 -1.87 -5.16 -16.03
CA LYS A 88 -3.05 -4.35 -15.77
C LYS A 88 -4.32 -5.18 -15.85
N VAL A 89 -4.89 -5.50 -14.69
CA VAL A 89 -6.11 -6.30 -14.68
C VAL A 89 -6.88 -6.08 -13.37
N PRO A 90 -7.85 -5.20 -13.39
CA PRO A 90 -8.66 -4.91 -12.17
C PRO A 90 -9.27 -6.19 -11.58
N LYS A 91 -9.03 -6.40 -10.30
CA LYS A 91 -9.53 -7.57 -9.58
C LYS A 91 -10.95 -7.96 -9.99
N ASP A 92 -11.72 -7.02 -10.50
CA ASP A 92 -13.11 -7.31 -10.88
C ASP A 92 -13.22 -7.96 -12.26
N VAL A 93 -12.11 -8.05 -12.99
CA VAL A 93 -12.16 -8.65 -14.33
C VAL A 93 -10.97 -9.59 -14.53
N CYS A 94 -10.54 -10.25 -13.46
CA CYS A 94 -9.41 -11.15 -13.57
C CYS A 94 -9.25 -12.04 -12.35
N ILE A 95 -8.60 -13.20 -12.55
CA ILE A 95 -8.35 -14.15 -11.47
C ILE A 95 -6.89 -14.09 -11.07
N PHE A 96 -6.59 -14.29 -9.79
CA PHE A 96 -5.21 -14.21 -9.31
C PHE A 96 -4.82 -15.40 -8.46
N GLU A 97 -3.61 -15.90 -8.69
CA GLU A 97 -3.09 -16.96 -7.87
C GLU A 97 -1.82 -16.43 -7.22
N PHE A 98 -1.95 -15.89 -6.00
CA PHE A 98 -0.79 -15.35 -5.31
C PHE A 98 -0.14 -16.49 -4.53
N GLU A 99 1.18 -16.48 -4.42
CA GLU A 99 1.88 -17.57 -3.73
C GLU A 99 2.04 -17.27 -2.26
N THR A 100 1.69 -18.24 -1.43
CA THR A 100 1.79 -18.08 0.01
C THR A 100 3.25 -17.96 0.45
N TRP A 101 3.47 -17.11 1.45
CA TRP A 101 4.79 -16.85 2.00
C TRP A 101 5.46 -18.12 2.53
N ASP A 102 4.77 -19.24 2.42
CA ASP A 102 5.31 -20.52 2.86
C ASP A 102 5.68 -21.38 1.66
N GLY A 103 5.69 -20.75 0.48
CA GLY A 103 6.01 -21.46 -0.75
C GLY A 103 4.79 -22.25 -1.20
N THR A 104 3.62 -21.82 -0.74
CA THR A 104 2.36 -22.49 -1.08
C THR A 104 1.58 -21.65 -2.09
N LYS A 105 0.81 -22.33 -2.94
CA LYS A 105 0.03 -21.63 -3.96
C LYS A 105 -1.40 -21.34 -3.46
N ILE A 106 -1.84 -20.10 -3.68
CA ILE A 106 -3.19 -19.68 -3.27
C ILE A 106 -4.05 -19.53 -4.53
N LYS A 107 -5.28 -20.04 -4.47
CA LYS A 107 -6.19 -19.95 -5.61
C LYS A 107 -7.38 -19.11 -5.24
N ILE A 108 -7.40 -17.86 -5.71
CA ILE A 108 -8.50 -16.99 -5.37
C ILE A 108 -8.72 -15.96 -6.47
N SER A 109 -9.98 -15.68 -6.77
CA SER A 109 -10.31 -14.72 -7.82
C SER A 109 -10.44 -13.30 -7.27
N GLY A 110 -10.09 -12.32 -8.10
CA GLY A 110 -10.13 -10.92 -7.72
C GLY A 110 -11.53 -10.49 -7.32
N GLU A 111 -12.47 -11.40 -7.40
CA GLU A 111 -13.83 -11.04 -7.06
C GLU A 111 -14.04 -10.93 -5.55
N LYS A 112 -13.20 -11.61 -4.76
CA LYS A 112 -13.35 -11.55 -3.30
C LYS A 112 -12.85 -10.21 -2.78
N LEU A 113 -11.67 -9.81 -3.23
CA LEU A 113 -11.09 -8.52 -2.82
C LEU A 113 -11.54 -7.46 -3.81
N VAL A 114 -12.70 -7.67 -4.42
CA VAL A 114 -13.20 -6.75 -5.43
C VAL A 114 -13.38 -5.33 -4.92
N GLY A 115 -12.45 -4.46 -5.31
CA GLY A 115 -12.52 -3.04 -5.00
C GLY A 115 -12.36 -2.74 -3.52
N ARG A 116 -12.96 -3.56 -2.69
CA ARG A 116 -12.95 -3.31 -1.25
C ARG A 116 -11.94 -4.16 -0.48
N PRO A 117 -10.69 -3.79 -0.46
CA PRO A 117 -9.68 -4.52 0.36
C PRO A 117 -10.06 -4.33 1.82
N GLU A 118 -10.76 -3.24 2.05
CA GLU A 118 -11.22 -2.88 3.37
C GLU A 118 -12.21 -3.92 3.90
N MET A 119 -13.30 -4.12 3.13
CA MET A 119 -14.33 -5.08 3.50
C MET A 119 -13.73 -6.25 4.26
N ARG A 120 -12.61 -6.78 3.77
CA ARG A 120 -11.97 -7.90 4.42
C ARG A 120 -11.32 -7.45 5.73
N LEU A 121 -10.59 -6.34 5.69
CA LEU A 121 -9.93 -5.83 6.91
C LEU A 121 -10.98 -5.49 7.96
N LYS A 122 -12.09 -4.88 7.53
CA LYS A 122 -13.17 -4.52 8.45
C LYS A 122 -14.33 -5.49 8.33
N LYS A 123 -14.07 -6.66 7.74
CA LYS A 123 -15.11 -7.66 7.57
C LYS A 123 -16.38 -7.05 7.01
N ARG A 124 -17.53 -7.57 7.44
CA ARG A 124 -18.82 -7.08 6.97
C ARG A 124 -19.44 -6.14 8.00
N TRP A 125 -20.48 -5.42 7.59
CA TRP A 125 -21.17 -4.48 8.48
C TRP A 125 -22.52 -5.06 8.92
N ARG A 126 -22.88 -6.21 8.37
CA ARG A 126 -24.14 -6.85 8.71
C ARG A 126 -24.20 -7.13 10.21
N LYS A 127 -25.32 -6.77 10.83
CA LYS A 127 -25.51 -6.98 12.26
C LYS A 127 -26.08 -8.38 12.53
N GLU B 9 -8.71 -12.15 13.98
CA GLU B 9 -8.08 -12.49 12.67
C GLU B 9 -8.05 -11.26 11.77
N LYS B 10 -8.99 -10.36 11.98
CA LYS B 10 -9.05 -9.15 11.17
C LYS B 10 -8.04 -8.11 11.62
N LYS B 11 -7.90 -7.93 12.93
CA LYS B 11 -6.95 -6.96 13.46
C LYS B 11 -5.55 -7.50 13.26
N ARG B 12 -5.50 -8.80 13.37
CA ARG B 12 -4.29 -9.57 13.25
C ARG B 12 -3.66 -9.39 11.87
N ILE B 13 -4.46 -9.59 10.82
CA ILE B 13 -3.95 -9.42 9.48
C ILE B 13 -3.66 -7.94 9.25
N ALA B 14 -4.40 -7.10 9.96
CA ALA B 14 -4.23 -5.66 9.85
C ALA B 14 -2.83 -5.25 10.28
N LYS B 15 -2.41 -5.66 11.48
CA LYS B 15 -1.08 -5.31 11.96
C LYS B 15 -0.03 -5.73 10.94
N GLU B 16 -0.11 -6.97 10.50
CA GLU B 16 0.85 -7.46 9.50
C GLU B 16 0.58 -6.84 8.13
N ARG B 17 -0.68 -6.66 7.77
CA ARG B 17 -1.01 -6.07 6.48
C ARG B 17 -0.45 -4.67 6.37
N ILE B 18 -0.81 -3.87 7.37
CA ILE B 18 -0.39 -2.49 7.41
C ILE B 18 1.12 -2.37 7.37
N ASP B 19 1.81 -3.32 8.00
CA ASP B 19 3.26 -3.30 8.02
C ASP B 19 3.85 -3.54 6.62
N ILE B 20 3.13 -4.30 5.79
CA ILE B 20 3.63 -4.61 4.45
C ILE B 20 3.57 -3.41 3.49
N LEU B 21 2.39 -2.81 3.31
CA LEU B 21 2.29 -1.66 2.40
C LEU B 21 3.09 -0.51 2.97
N PHE B 22 3.09 -0.45 4.27
CA PHE B 22 3.80 0.56 5.01
C PHE B 22 5.26 0.61 4.57
N SER B 23 5.90 -0.55 4.53
CA SER B 23 7.29 -0.61 4.10
C SER B 23 7.39 -0.29 2.62
N LEU B 24 6.42 -0.74 1.84
CA LEU B 24 6.40 -0.50 0.42
C LEU B 24 6.36 1.00 0.14
N ALA B 25 5.34 1.63 0.71
CA ALA B 25 5.12 3.06 0.55
C ALA B 25 6.36 3.87 0.87
N GLU B 26 7.15 3.42 1.84
CA GLU B 26 8.36 4.16 2.21
C GLU B 26 9.42 3.96 1.15
N ARG B 27 9.56 2.73 0.72
CA ARG B 27 10.55 2.34 -0.26
C ARG B 27 10.19 2.83 -1.68
N VAL B 28 8.90 2.87 -2.01
CA VAL B 28 8.51 3.34 -3.33
C VAL B 28 8.39 4.85 -3.35
N PHE B 29 7.65 5.46 -2.40
CA PHE B 29 7.54 6.92 -2.41
C PHE B 29 8.86 7.52 -2.85
N PRO B 30 9.93 7.09 -2.24
CA PRO B 30 11.29 7.57 -2.61
C PRO B 30 11.46 7.30 -4.08
N TYR B 31 11.11 6.08 -4.42
CA TYR B 31 11.17 5.58 -5.76
C TYR B 31 9.84 5.73 -6.52
N SER B 32 8.74 5.99 -5.80
CA SER B 32 7.43 6.14 -6.45
C SER B 32 6.41 6.86 -5.56
N PRO B 33 6.30 8.15 -5.72
CA PRO B 33 5.34 8.99 -4.93
C PRO B 33 3.87 8.50 -4.99
N GLU B 34 3.43 8.13 -6.19
CA GLU B 34 2.04 7.69 -6.37
C GLU B 34 1.71 6.41 -5.61
N LEU B 35 2.53 5.38 -5.80
CA LEU B 35 2.32 4.11 -5.12
C LEU B 35 2.16 4.30 -3.63
N ALA B 36 3.16 4.89 -3.01
CA ALA B 36 3.10 5.11 -1.59
C ALA B 36 1.83 5.85 -1.24
N LYS B 37 1.43 6.71 -2.14
CA LYS B 37 0.21 7.47 -1.92
C LYS B 37 -1.01 6.54 -2.04
N ARG B 38 -0.95 5.65 -3.02
CA ARG B 38 -2.03 4.70 -3.22
C ARG B 38 -2.17 3.80 -2.00
N TYR B 39 -1.07 3.19 -1.57
CA TYR B 39 -1.15 2.30 -0.41
C TYR B 39 -1.61 3.10 0.78
N VAL B 40 -1.08 4.30 0.87
CA VAL B 40 -1.43 5.17 1.98
C VAL B 40 -2.94 5.11 2.15
N GLU B 41 -3.65 5.02 1.04
CA GLU B 41 -5.09 4.89 1.11
C GLU B 41 -5.42 3.52 1.70
N LEU B 42 -4.71 2.49 1.23
CA LEU B 42 -4.93 1.14 1.75
C LEU B 42 -4.51 1.05 3.22
N ALA B 43 -3.41 1.70 3.56
CA ALA B 43 -2.93 1.68 4.93
C ALA B 43 -3.89 2.45 5.84
N LEU B 44 -4.53 3.47 5.27
CA LEU B 44 -5.46 4.29 6.04
C LEU B 44 -6.66 3.47 6.53
N LEU B 45 -7.36 2.79 5.62
CA LEU B 45 -8.52 1.99 6.05
C LEU B 45 -8.08 0.91 7.03
N VAL B 46 -6.92 0.35 6.77
CA VAL B 46 -6.40 -0.70 7.64
C VAL B 46 -6.37 -0.21 9.06
N GLN B 47 -5.90 1.00 9.23
CA GLN B 47 -5.80 1.59 10.54
C GLN B 47 -7.18 1.84 11.17
N GLN B 48 -8.04 2.57 10.46
CA GLN B 48 -9.38 2.86 10.98
C GLN B 48 -10.36 1.70 10.79
N LYS B 49 -10.46 1.20 9.56
CA LYS B 49 -11.39 0.11 9.26
C LYS B 49 -11.03 -1.16 10.05
N ALA B 50 -9.73 -1.44 10.18
CA ALA B 50 -9.30 -2.61 10.94
C ALA B 50 -9.13 -2.22 12.41
N LYS B 51 -9.16 -0.92 12.64
CA LYS B 51 -9.04 -0.36 13.99
C LYS B 51 -7.71 -0.74 14.64
N VAL B 52 -6.64 -0.22 14.10
CA VAL B 52 -5.30 -0.48 14.62
C VAL B 52 -4.72 0.81 15.21
N LYS B 53 -4.08 0.69 16.36
CA LYS B 53 -3.48 1.86 17.01
C LYS B 53 -2.74 2.71 15.98
N ILE B 54 -2.84 4.03 16.12
CA ILE B 54 -2.18 4.95 15.19
C ILE B 54 -0.98 5.63 15.84
N PRO B 55 0.22 5.19 15.53
CA PRO B 55 1.47 5.79 16.11
C PRO B 55 1.50 7.31 15.94
N ARG B 56 2.64 7.83 15.50
CA ARG B 56 2.80 9.27 15.31
C ARG B 56 4.06 9.58 14.51
N LYS B 57 4.95 8.61 14.41
CA LYS B 57 6.19 8.81 13.67
C LYS B 57 5.92 9.18 12.21
N TRP B 58 4.92 8.54 11.61
CA TRP B 58 4.57 8.81 10.22
C TRP B 58 4.01 10.22 10.07
N LYS B 59 3.86 10.92 11.19
CA LYS B 59 3.36 12.29 11.16
C LYS B 59 4.40 13.16 10.52
N ARG B 60 5.61 12.60 10.47
CA ARG B 60 6.77 13.28 9.91
C ARG B 60 6.76 13.23 8.40
N ARG B 61 6.01 12.29 7.83
CA ARG B 61 5.99 12.14 6.39
C ARG B 61 4.57 11.83 5.90
N TYR B 62 3.59 12.10 6.76
CA TYR B 62 2.18 11.87 6.41
C TYR B 62 1.43 13.18 6.47
N CYS B 63 0.31 13.26 5.76
CA CYS B 63 -0.49 14.47 5.75
C CYS B 63 -1.95 14.17 6.10
N LYS B 64 -2.46 14.85 7.13
CA LYS B 64 -3.84 14.67 7.56
C LYS B 64 -4.75 15.65 6.82
N LYS B 65 -4.15 16.38 5.89
CA LYS B 65 -4.89 17.37 5.11
C LYS B 65 -5.32 16.82 3.75
N CYS B 66 -4.44 16.02 3.14
CA CYS B 66 -4.74 15.43 1.82
C CYS B 66 -4.32 13.97 1.77
N HIS B 67 -3.98 13.39 2.91
CA HIS B 67 -3.58 11.99 2.96
C HIS B 67 -2.51 11.69 1.90
N ALA B 68 -1.28 11.46 2.33
CA ALA B 68 -0.20 11.17 1.39
C ALA B 68 1.08 10.74 2.10
N PHE B 69 2.17 10.66 1.34
CA PHE B 69 3.47 10.29 1.85
C PHE B 69 4.44 11.40 1.54
N LEU B 70 4.80 12.19 2.53
CA LEU B 70 5.71 13.29 2.30
C LEU B 70 7.06 13.02 2.93
N VAL B 71 8.12 13.42 2.26
CA VAL B 71 9.47 13.21 2.78
C VAL B 71 10.17 14.55 2.96
N PRO B 72 10.60 14.87 4.16
CA PRO B 72 11.29 16.15 4.43
C PRO B 72 12.39 16.44 3.42
N GLY B 73 12.28 17.59 2.75
CA GLY B 73 13.27 17.98 1.74
C GLY B 73 12.74 17.74 0.34
N ILE B 74 11.93 16.70 0.18
CA ILE B 74 11.37 16.37 -1.13
C ILE B 74 9.94 16.89 -1.26
N ASN B 75 9.00 16.18 -0.65
CA ASN B 75 7.60 16.58 -0.70
C ASN B 75 7.14 17.09 0.66
N ALA B 76 8.11 17.37 1.53
CA ALA B 76 7.80 17.86 2.86
C ALA B 76 8.95 18.71 3.40
N ARG B 77 8.65 19.51 4.42
CA ARG B 77 9.66 20.37 5.04
C ARG B 77 9.44 20.42 6.55
N VAL B 78 10.54 20.32 7.31
CA VAL B 78 10.44 20.34 8.77
C VAL B 78 11.43 21.34 9.37
N ARG B 79 10.94 22.52 9.74
CA ARG B 79 11.79 23.53 10.35
C ARG B 79 10.95 24.61 11.00
N LEU B 80 11.13 24.77 12.30
CA LEU B 80 10.40 25.79 13.03
C LEU B 80 11.32 26.52 14.00
N ARG B 81 11.13 27.83 14.13
CA ARG B 81 11.94 28.61 15.05
C ARG B 81 11.75 28.14 16.49
N GLN B 82 12.46 28.83 17.40
CA GLN B 82 12.42 28.55 18.84
C GLN B 82 13.83 28.48 19.40
N LYS B 83 14.02 28.98 20.62
CA LYS B 83 15.33 28.98 21.25
C LYS B 83 15.45 27.87 22.30
N ARG B 84 14.79 28.05 23.44
CA ARG B 84 14.86 27.06 24.52
C ARG B 84 13.82 25.96 24.32
N MET B 85 12.96 26.12 23.32
CA MET B 85 11.93 25.13 23.05
C MET B 85 11.84 24.87 21.55
N PRO B 86 12.93 24.45 20.95
CA PRO B 86 12.99 24.17 19.49
C PRO B 86 11.75 23.44 18.97
N HIS B 87 11.02 24.07 18.04
CA HIS B 87 9.84 23.43 17.47
C HIS B 87 10.07 23.13 15.99
N ILE B 88 9.07 22.55 15.30
CA ILE B 88 9.24 22.20 13.87
C ILE B 88 7.98 22.38 13.04
N VAL B 89 8.13 23.00 11.84
CA VAL B 89 6.99 23.19 10.96
C VAL B 89 6.96 22.06 9.92
N VAL B 90 5.90 21.25 9.97
CA VAL B 90 5.74 20.15 9.02
C VAL B 90 4.63 20.52 8.07
N LYS B 91 4.95 20.61 6.79
CA LYS B 91 3.95 21.05 5.82
C LYS B 91 3.94 20.21 4.54
N CYS B 92 2.74 20.03 3.99
CA CYS B 92 2.57 19.28 2.75
C CYS B 92 2.87 20.16 1.55
N LEU B 93 3.76 19.71 0.67
CA LEU B 93 4.10 20.46 -0.53
C LEU B 93 3.14 20.10 -1.66
N GLU B 94 2.27 19.15 -1.37
CA GLU B 94 1.25 18.71 -2.31
C GLU B 94 0.03 19.55 -2.07
N CYS B 95 -0.35 19.60 -0.80
CA CYS B 95 -1.47 20.39 -0.34
C CYS B 95 -0.88 21.39 0.65
N GLY B 96 -0.22 22.40 0.12
CA GLY B 96 0.45 23.39 0.96
C GLY B 96 -0.36 23.66 2.21
N HIS B 97 0.01 22.93 3.25
CA HIS B 97 -0.64 23.04 4.56
C HIS B 97 0.41 23.25 5.65
N ILE B 98 0.25 24.30 6.43
CA ILE B 98 1.22 24.57 7.50
C ILE B 98 0.82 23.89 8.81
N MET B 99 1.70 23.03 9.31
CA MET B 99 1.45 22.34 10.58
C MET B 99 2.59 22.59 11.56
N ARG B 100 2.43 22.14 12.80
CA ARG B 100 3.46 22.34 13.83
C ARG B 100 3.83 21.03 14.51
N TYR B 101 5.05 20.98 15.06
CA TYR B 101 5.53 19.79 15.75
C TYR B 101 6.66 20.17 16.72
N PRO B 102 6.34 20.46 17.96
CA PRO B 102 7.37 20.82 18.97
C PRO B 102 8.40 19.73 19.15
N TYR B 103 9.51 20.08 19.79
CA TYR B 103 10.58 19.13 20.03
C TYR B 103 11.20 19.35 21.40
N ILE B 104 10.96 18.41 22.30
CA ILE B 104 11.50 18.50 23.66
C ILE B 104 12.07 17.15 24.10
N LYS B 105 13.32 17.15 24.56
CA LYS B 105 13.96 15.93 25.01
C LYS B 105 14.19 15.97 26.52
N GLN A 17 0.32 7.75 -17.65
CA GLN A 17 -0.90 7.78 -16.80
C GLN A 17 -0.56 7.28 -15.40
N GLY A 18 -0.05 6.05 -15.33
CA GLY A 18 0.32 5.46 -14.04
C GLY A 18 1.80 5.69 -13.74
N SER A 19 2.17 5.56 -12.46
CA SER A 19 3.56 5.78 -12.06
C SER A 19 4.37 4.49 -12.24
N TYR A 20 3.68 3.39 -12.50
CA TYR A 20 4.36 2.10 -12.69
C TYR A 20 5.52 2.23 -13.68
N GLN A 21 5.25 2.84 -14.83
CA GLN A 21 6.28 3.00 -15.85
C GLN A 21 7.61 3.39 -15.21
N GLU A 22 7.53 3.93 -14.00
CA GLU A 22 8.73 4.33 -13.27
C GLU A 22 9.09 3.30 -12.21
N ILE A 23 8.08 2.69 -11.59
CA ILE A 23 8.30 1.70 -10.54
C ILE A 23 8.31 0.28 -11.08
N ILE A 24 8.57 0.13 -12.37
CA ILE A 24 8.59 -1.19 -12.99
C ILE A 24 9.91 -1.92 -12.73
N GLY A 25 9.83 -3.06 -12.05
CA GLY A 25 11.03 -3.88 -11.79
C GLY A 25 11.53 -3.82 -10.34
N ARG A 26 11.37 -2.69 -9.67
CA ARG A 26 11.84 -2.58 -8.29
C ARG A 26 11.13 -3.56 -7.39
N THR A 27 10.69 -4.68 -7.95
CA THR A 27 10.02 -5.71 -7.18
C THR A 27 10.76 -5.91 -5.84
N TRP A 28 11.96 -5.37 -5.80
CA TRP A 28 12.81 -5.44 -4.61
C TRP A 28 12.12 -4.81 -3.41
N ILE A 29 11.79 -3.53 -3.52
CA ILE A 29 11.17 -2.83 -2.42
C ILE A 29 9.89 -3.54 -2.00
N PHE A 30 9.44 -4.46 -2.83
CA PHE A 30 8.23 -5.20 -2.54
C PHE A 30 8.61 -6.50 -1.87
N ARG A 31 9.80 -6.99 -2.21
CA ARG A 31 10.28 -8.22 -1.62
C ARG A 31 10.74 -7.96 -0.19
N GLY A 32 11.41 -6.82 -0.01
CA GLY A 32 11.90 -6.43 1.30
C GLY A 32 10.86 -5.59 2.03
N ALA A 33 9.59 -5.80 1.68
CA ALA A 33 8.50 -5.09 2.29
C ALA A 33 7.29 -6.01 2.32
N HIS A 34 7.57 -7.30 2.09
CA HIS A 34 6.52 -8.30 2.06
C HIS A 34 6.83 -9.45 2.99
N ARG A 35 6.22 -9.46 4.18
CA ARG A 35 6.46 -10.53 5.14
C ARG A 35 5.17 -10.97 5.84
N GLY A 36 4.08 -10.23 5.64
CA GLY A 36 2.83 -10.61 6.27
C GLY A 36 2.59 -12.09 6.10
N ARG A 37 1.98 -12.74 7.08
CA ARG A 37 1.72 -14.15 6.94
C ARG A 37 0.69 -14.32 5.84
N VAL A 38 1.07 -15.00 4.78
CA VAL A 38 0.17 -15.16 3.65
C VAL A 38 -0.66 -16.42 3.71
N ASN A 39 -1.95 -16.25 3.39
CA ASN A 39 -2.90 -17.34 3.36
C ASN A 39 -4.15 -16.86 2.64
N LYS A 40 -4.88 -17.74 1.97
CA LYS A 40 -6.09 -17.32 1.26
C LYS A 40 -6.93 -16.45 2.19
N LYS A 41 -7.27 -17.00 3.36
CA LYS A 41 -8.04 -16.27 4.36
C LYS A 41 -7.27 -15.02 4.75
N ASN A 42 -6.06 -14.91 4.22
CA ASN A 42 -5.20 -13.76 4.50
C ASN A 42 -4.75 -13.08 3.22
N ILE A 43 -5.19 -13.58 2.06
CA ILE A 43 -4.80 -12.98 0.78
C ILE A 43 -5.78 -11.88 0.38
N VAL A 44 -7.07 -12.12 0.63
CA VAL A 44 -8.07 -11.11 0.28
C VAL A 44 -8.38 -10.31 1.54
N TRP A 45 -7.55 -10.56 2.54
CA TRP A 45 -7.66 -9.89 3.83
C TRP A 45 -6.29 -9.28 4.13
N HIS A 46 -5.42 -9.35 3.12
CA HIS A 46 -4.07 -8.80 3.21
C HIS A 46 -4.00 -7.57 2.32
N GLU A 47 -2.86 -6.90 2.35
CA GLU A 47 -2.66 -5.73 1.52
C GLU A 47 -1.97 -6.15 0.23
N LEU A 48 -2.67 -6.07 -0.89
CA LEU A 48 -2.02 -6.43 -2.12
C LEU A 48 -1.09 -5.29 -2.49
N ILE A 49 0.21 -5.58 -2.50
CA ILE A 49 1.19 -4.56 -2.81
C ILE A 49 2.51 -5.21 -3.21
N GLY A 50 2.89 -6.27 -2.50
CA GLY A 50 4.14 -6.98 -2.80
C GLY A 50 3.99 -8.49 -2.79
N LEU A 51 2.76 -8.98 -2.94
CA LEU A 51 2.52 -10.42 -2.95
C LEU A 51 2.68 -10.96 -4.38
N LYS A 52 3.34 -12.11 -4.52
CA LYS A 52 3.54 -12.68 -5.86
C LYS A 52 2.24 -13.22 -6.42
N VAL A 53 1.98 -12.94 -7.71
CA VAL A 53 0.74 -13.40 -8.35
C VAL A 53 0.93 -13.66 -9.83
N ARG A 54 -0.12 -14.24 -10.42
CA ARG A 54 -0.11 -14.54 -11.85
C ARG A 54 -1.52 -14.41 -12.43
N VAL A 55 -1.60 -13.86 -13.63
CA VAL A 55 -2.87 -13.75 -14.32
C VAL A 55 -3.01 -15.00 -15.18
N VAL A 56 -3.77 -15.96 -14.67
CA VAL A 56 -3.95 -17.22 -15.36
C VAL A 56 -5.04 -17.09 -16.42
N ASN A 57 -6.21 -16.57 -16.03
CA ASN A 57 -7.29 -16.39 -16.98
C ASN A 57 -7.97 -15.04 -16.77
N SER A 58 -7.89 -14.21 -17.79
CA SER A 58 -8.50 -12.88 -17.75
C SER A 58 -8.91 -12.46 -19.15
N THR A 59 -9.59 -11.32 -19.26
CA THR A 59 -9.96 -10.82 -20.58
C THR A 59 -8.93 -9.79 -21.00
N HIS A 60 -7.78 -10.28 -21.46
CA HIS A 60 -6.68 -9.41 -21.88
C HIS A 60 -5.65 -10.23 -22.66
N PRO A 61 -5.50 -10.00 -23.94
CA PRO A 61 -4.52 -10.76 -24.76
C PRO A 61 -3.07 -10.41 -24.41
N GLY A 62 -2.88 -9.42 -23.54
CA GLY A 62 -1.52 -8.99 -23.18
C GLY A 62 -1.23 -9.08 -21.68
N TYR A 63 -2.06 -9.77 -20.91
CA TYR A 63 -1.80 -9.89 -19.46
C TYR A 63 -2.10 -11.31 -18.96
N VAL A 64 -2.94 -12.05 -19.68
CA VAL A 64 -3.30 -13.41 -19.27
C VAL A 64 -2.15 -14.40 -19.47
N GLY A 65 -2.05 -15.38 -18.57
CA GLY A 65 -1.04 -16.41 -18.69
C GLY A 65 0.34 -15.98 -18.17
N ILE A 66 0.43 -14.81 -17.55
CA ILE A 66 1.73 -14.33 -17.08
C ILE A 66 1.84 -14.27 -15.54
N GLU A 67 3.10 -14.30 -15.08
CA GLU A 67 3.42 -14.25 -13.65
C GLU A 67 4.17 -12.96 -13.31
N GLY A 68 3.62 -12.15 -12.41
CA GLY A 68 4.26 -10.87 -12.05
C GLY A 68 4.02 -10.53 -10.58
N TYR A 69 4.72 -9.48 -10.11
CA TYR A 69 4.60 -9.02 -8.72
C TYR A 69 3.51 -7.96 -8.60
N VAL A 70 2.60 -8.14 -7.64
CA VAL A 70 1.50 -7.19 -7.46
C VAL A 70 2.01 -5.84 -6.94
N ILE A 71 1.25 -4.78 -7.23
CA ILE A 71 1.65 -3.43 -6.79
C ILE A 71 0.47 -2.59 -6.35
N ASP A 72 -0.53 -2.43 -7.22
CA ASP A 72 -1.68 -1.56 -6.90
C ASP A 72 -2.95 -2.35 -6.59
N GLU A 73 -3.80 -1.76 -5.74
CA GLU A 73 -5.08 -2.38 -5.38
C GLU A 73 -6.05 -1.30 -4.90
N THR A 74 -7.03 -0.98 -5.74
CA THR A 74 -8.01 0.04 -5.39
C THR A 74 -9.42 -0.39 -5.80
N ARG A 75 -10.37 0.53 -5.64
CA ARG A 75 -11.77 0.25 -5.97
C ARG A 75 -11.95 -0.32 -7.37
N ASN A 76 -11.07 0.05 -8.30
CA ASN A 76 -11.20 -0.45 -9.66
C ASN A 76 -9.86 -0.86 -10.28
N MET A 77 -8.92 -1.35 -9.47
CA MET A 77 -7.64 -1.75 -10.05
C MET A 77 -6.88 -2.77 -9.18
N LEU A 78 -5.94 -3.43 -9.85
CA LEU A 78 -5.06 -4.43 -9.25
C LEU A 78 -3.89 -4.56 -10.23
N VAL A 79 -2.71 -4.06 -9.83
CA VAL A 79 -1.55 -4.04 -10.74
C VAL A 79 -0.47 -5.06 -10.38
N ILE A 80 0.17 -5.56 -11.43
CA ILE A 80 1.25 -6.54 -11.30
C ILE A 80 2.45 -6.08 -12.14
N ALA A 81 3.68 -6.33 -11.66
CA ALA A 81 4.89 -5.90 -12.37
C ALA A 81 5.82 -7.08 -12.66
N GLY A 82 6.35 -7.13 -13.88
CA GLY A 82 7.27 -8.19 -14.27
C GLY A 82 8.26 -7.69 -15.31
N GLU A 83 9.52 -8.06 -15.16
CA GLU A 83 10.55 -7.63 -16.10
C GLU A 83 10.49 -6.12 -16.29
N ASN A 84 10.56 -5.67 -17.55
CA ASN A 84 10.51 -4.25 -17.86
C ASN A 84 9.13 -3.85 -18.36
N LYS A 85 8.10 -4.49 -17.81
CA LYS A 85 6.72 -4.22 -18.20
C LYS A 85 5.79 -4.38 -17.01
N VAL A 86 4.61 -3.78 -17.08
CA VAL A 86 3.65 -3.91 -15.99
C VAL A 86 2.36 -4.55 -16.47
N TRP A 87 1.65 -5.12 -15.52
CA TRP A 87 0.40 -5.80 -15.80
C TRP A 87 -0.77 -4.96 -15.27
N LYS A 88 -1.75 -4.72 -16.13
CA LYS A 88 -2.92 -3.94 -15.73
C LYS A 88 -4.18 -4.78 -15.84
N VAL A 89 -4.72 -5.21 -14.71
CA VAL A 89 -5.93 -6.02 -14.73
C VAL A 89 -6.75 -5.82 -13.46
N PRO A 90 -7.77 -5.02 -13.50
CA PRO A 90 -8.62 -4.77 -12.29
C PRO A 90 -9.07 -6.09 -11.68
N LYS A 91 -9.04 -6.16 -10.36
CA LYS A 91 -9.43 -7.38 -9.66
C LYS A 91 -10.78 -7.91 -10.15
N ASP A 92 -11.58 -7.05 -10.77
CA ASP A 92 -12.89 -7.47 -11.25
C ASP A 92 -12.85 -8.14 -12.63
N VAL A 93 -11.69 -8.15 -13.30
CA VAL A 93 -11.60 -8.75 -14.63
C VAL A 93 -10.53 -9.84 -14.75
N CYS A 94 -9.87 -10.20 -13.64
CA CYS A 94 -8.83 -11.24 -13.70
C CYS A 94 -8.85 -12.15 -12.49
N ILE A 95 -8.66 -13.45 -12.73
CA ILE A 95 -8.57 -14.41 -11.65
C ILE A 95 -7.12 -14.42 -11.19
N PHE A 96 -6.89 -14.02 -9.94
CA PHE A 96 -5.53 -13.94 -9.43
C PHE A 96 -5.11 -15.15 -8.63
N GLU A 97 -3.96 -15.70 -8.97
CA GLU A 97 -3.41 -16.80 -8.22
C GLU A 97 -2.16 -16.29 -7.53
N PHE A 98 -2.28 -15.90 -6.27
CA PHE A 98 -1.13 -15.39 -5.52
C PHE A 98 -0.45 -16.56 -4.83
N GLU A 99 0.88 -16.53 -4.71
CA GLU A 99 1.59 -17.65 -4.08
C GLU A 99 1.74 -17.41 -2.59
N THR A 100 1.32 -18.40 -1.80
CA THR A 100 1.40 -18.28 -0.35
C THR A 100 2.85 -18.17 0.10
N TRP A 101 3.03 -17.36 1.15
CA TRP A 101 4.35 -17.11 1.73
C TRP A 101 5.02 -18.38 2.24
N ASP A 102 4.34 -19.51 2.09
CA ASP A 102 4.89 -20.79 2.50
C ASP A 102 5.29 -21.60 1.27
N GLY A 103 5.34 -20.93 0.13
CA GLY A 103 5.69 -21.60 -1.12
C GLY A 103 4.50 -22.37 -1.66
N THR A 104 3.31 -21.97 -1.22
CA THR A 104 2.07 -22.64 -1.64
C THR A 104 1.30 -21.76 -2.61
N LYS A 105 0.56 -22.40 -3.53
CA LYS A 105 -0.21 -21.66 -4.51
C LYS A 105 -1.63 -21.37 -4.01
N ILE A 106 -2.06 -20.11 -4.16
CA ILE A 106 -3.40 -19.71 -3.75
C ILE A 106 -4.27 -19.51 -4.98
N LYS A 107 -5.48 -20.04 -4.94
CA LYS A 107 -6.40 -19.90 -6.07
C LYS A 107 -7.55 -19.02 -5.63
N ILE A 108 -7.50 -17.76 -6.02
CA ILE A 108 -8.53 -16.82 -5.60
C ILE A 108 -8.95 -15.91 -6.75
N SER A 109 -10.26 -15.72 -6.87
CA SER A 109 -10.79 -14.88 -7.93
C SER A 109 -10.71 -13.41 -7.53
N GLY A 110 -10.26 -12.58 -8.47
CA GLY A 110 -10.13 -11.15 -8.22
C GLY A 110 -11.45 -10.52 -7.86
N GLU A 111 -12.51 -11.30 -7.86
CA GLU A 111 -13.80 -10.74 -7.54
C GLU A 111 -14.06 -10.72 -6.03
N LYS A 112 -13.35 -11.55 -5.28
CA LYS A 112 -13.53 -11.58 -3.84
C LYS A 112 -13.14 -10.23 -3.25
N LEU A 113 -12.01 -9.73 -3.72
CA LEU A 113 -11.51 -8.43 -3.29
C LEU A 113 -11.94 -7.37 -4.28
N VAL A 114 -13.07 -7.61 -4.95
CA VAL A 114 -13.54 -6.68 -5.97
C VAL A 114 -13.53 -5.23 -5.49
N GLY A 115 -12.53 -4.49 -5.94
CA GLY A 115 -12.42 -3.07 -5.65
C GLY A 115 -12.14 -2.76 -4.18
N ARG A 116 -12.81 -3.49 -3.30
CA ARG A 116 -12.70 -3.22 -1.87
C ARG A 116 -11.77 -4.16 -1.10
N PRO A 117 -10.53 -3.77 -0.86
CA PRO A 117 -9.62 -4.59 -0.02
C PRO A 117 -10.13 -4.52 1.40
N GLU A 118 -10.75 -3.38 1.66
CA GLU A 118 -11.33 -3.11 2.95
C GLU A 118 -12.47 -4.09 3.22
N MET A 119 -13.42 -4.15 2.26
CA MET A 119 -14.57 -5.04 2.40
C MET A 119 -14.19 -6.25 3.24
N ARG A 120 -12.97 -6.72 3.05
CA ARG A 120 -12.51 -7.87 3.82
C ARG A 120 -12.03 -7.43 5.20
N LEU A 121 -11.11 -6.45 5.27
CA LEU A 121 -10.69 -5.99 6.60
C LEU A 121 -11.96 -5.60 7.36
N LYS A 122 -12.95 -5.13 6.60
CA LYS A 122 -14.23 -4.70 7.18
C LYS A 122 -15.18 -5.89 7.37
N LYS A 123 -14.81 -7.06 6.82
CA LYS A 123 -15.64 -8.27 6.90
C LYS A 123 -16.88 -8.04 7.78
N ARG A 124 -18.05 -8.13 7.17
CA ARG A 124 -19.29 -7.94 7.90
C ARG A 124 -19.37 -8.91 9.08
N TRP A 125 -20.04 -10.03 8.88
CA TRP A 125 -20.18 -11.04 9.94
C TRP A 125 -21.03 -10.52 11.08
N ARG A 126 -20.85 -9.25 11.44
CA ARG A 126 -21.63 -8.67 12.53
C ARG A 126 -23.12 -8.76 12.23
N LYS A 127 -23.89 -9.19 13.21
CA LYS A 127 -25.33 -9.32 13.04
C LYS A 127 -25.91 -8.04 12.43
N GLU B 9 -9.06 -12.31 14.91
CA GLU B 9 -8.73 -12.86 13.57
C GLU B 9 -8.68 -11.73 12.55
N LYS B 10 -9.55 -10.75 12.70
CA LYS B 10 -9.59 -9.64 11.77
C LYS B 10 -8.48 -8.62 12.04
N LYS B 11 -8.19 -8.38 13.32
CA LYS B 11 -7.15 -7.43 13.68
C LYS B 11 -5.81 -8.05 13.35
N ARG B 12 -5.82 -9.34 13.51
CA ARG B 12 -4.68 -10.19 13.31
C ARG B 12 -4.16 -10.08 11.88
N ILE B 13 -5.05 -10.25 10.90
CA ILE B 13 -4.63 -10.12 9.51
C ILE B 13 -4.31 -8.66 9.23
N ALA B 14 -4.98 -7.79 9.96
CA ALA B 14 -4.77 -6.37 9.82
C ALA B 14 -3.39 -5.97 10.32
N LYS B 15 -3.05 -6.44 11.52
CA LYS B 15 -1.75 -6.13 12.09
C LYS B 15 -0.66 -6.43 11.09
N GLU B 16 -0.71 -7.64 10.53
CA GLU B 16 0.28 -8.05 9.54
C GLU B 16 0.02 -7.35 8.21
N ARG B 17 -1.25 -7.15 7.86
CA ARG B 17 -1.57 -6.51 6.59
C ARG B 17 -0.99 -5.09 6.56
N ILE B 18 -1.32 -4.34 7.59
CA ILE B 18 -0.90 -2.96 7.70
C ILE B 18 0.62 -2.82 7.74
N ASP B 19 1.30 -3.76 8.39
CA ASP B 19 2.75 -3.69 8.51
C ASP B 19 3.44 -3.88 7.15
N ILE B 20 2.84 -4.68 6.28
CA ILE B 20 3.44 -4.97 4.98
C ILE B 20 3.36 -3.79 4.00
N LEU B 21 2.16 -3.27 3.75
CA LEU B 21 2.05 -2.14 2.82
C LEU B 21 2.83 -0.98 3.39
N PHE B 22 2.81 -0.90 4.69
CA PHE B 22 3.50 0.14 5.42
C PHE B 22 4.98 0.18 5.04
N SER B 23 5.64 -0.96 5.09
CA SER B 23 7.05 -1.01 4.73
C SER B 23 7.23 -0.79 3.24
N LEU B 24 6.26 -1.21 2.45
CA LEU B 24 6.29 -1.04 1.03
C LEU B 24 6.15 0.44 0.68
N ALA B 25 5.09 1.04 1.20
CA ALA B 25 4.82 2.46 0.98
C ALA B 25 6.02 3.35 1.31
N GLU B 26 6.82 2.97 2.31
CA GLU B 26 7.97 3.78 2.69
C GLU B 26 9.08 3.64 1.66
N ARG B 27 9.30 2.41 1.24
CA ARG B 27 10.34 2.09 0.29
C ARG B 27 10.01 2.59 -1.14
N VAL B 28 8.74 2.55 -1.51
CA VAL B 28 8.38 3.03 -2.84
C VAL B 28 8.22 4.55 -2.84
N PHE B 29 7.46 5.12 -1.90
CA PHE B 29 7.29 6.57 -1.86
C PHE B 29 8.59 7.25 -2.26
N PRO B 30 9.67 6.86 -1.64
CA PRO B 30 11.00 7.40 -1.98
C PRO B 30 11.17 7.18 -3.46
N TYR B 31 10.83 5.95 -3.82
CA TYR B 31 10.90 5.49 -5.18
C TYR B 31 9.57 5.63 -5.95
N SER B 32 8.45 5.86 -5.24
CA SER B 32 7.15 5.98 -5.91
C SER B 32 6.11 6.74 -5.09
N PRO B 33 5.96 8.01 -5.33
CA PRO B 33 4.95 8.87 -4.61
C PRO B 33 3.51 8.34 -4.67
N GLU B 34 3.07 7.97 -5.86
CA GLU B 34 1.70 7.50 -6.06
C GLU B 34 1.40 6.22 -5.28
N LEU B 35 2.24 5.22 -5.48
CA LEU B 35 2.06 3.94 -4.81
C LEU B 35 1.90 4.08 -3.32
N ALA B 36 2.91 4.65 -2.70
CA ALA B 36 2.86 4.80 -1.25
C ALA B 36 1.61 5.55 -0.86
N LYS B 37 1.20 6.45 -1.72
CA LYS B 37 0.00 7.22 -1.47
C LYS B 37 -1.21 6.29 -1.61
N ARG B 38 -1.13 5.39 -2.59
CA ARG B 38 -2.21 4.43 -2.81
C ARG B 38 -2.40 3.57 -1.57
N TYR B 39 -1.31 2.99 -1.07
CA TYR B 39 -1.41 2.15 0.11
C TYR B 39 -1.86 2.97 1.29
N VAL B 40 -1.32 4.17 1.38
CA VAL B 40 -1.70 5.05 2.49
C VAL B 40 -3.21 5.00 2.64
N GLU B 41 -3.91 4.95 1.51
CA GLU B 41 -5.35 4.84 1.55
C GLU B 41 -5.72 3.47 2.13
N LEU B 42 -5.02 2.44 1.64
CA LEU B 42 -5.26 1.08 2.12
C LEU B 42 -4.92 0.97 3.60
N ALA B 43 -3.72 1.42 3.97
CA ALA B 43 -3.29 1.37 5.35
C ALA B 43 -4.25 2.13 6.26
N LEU B 44 -4.86 3.17 5.72
CA LEU B 44 -5.79 3.98 6.51
C LEU B 44 -7.02 3.20 6.95
N LEU B 45 -7.76 2.60 6.01
CA LEU B 45 -8.97 1.84 6.41
C LEU B 45 -8.60 0.73 7.38
N VAL B 46 -7.43 0.15 7.17
CA VAL B 46 -6.98 -0.95 7.99
C VAL B 46 -6.74 -0.48 9.41
N GLN B 47 -6.02 0.61 9.51
CA GLN B 47 -5.69 1.17 10.80
C GLN B 47 -6.94 1.56 11.59
N GLN B 48 -7.82 2.32 10.95
CA GLN B 48 -9.03 2.79 11.62
C GLN B 48 -10.13 1.74 11.72
N LYS B 49 -10.32 0.95 10.67
CA LYS B 49 -11.38 -0.03 10.67
C LYS B 49 -10.94 -1.30 11.39
N ALA B 50 -9.72 -1.75 11.15
CA ALA B 50 -9.25 -2.97 11.80
C ALA B 50 -9.11 -2.72 13.29
N LYS B 51 -9.14 -1.44 13.64
CA LYS B 51 -9.03 -0.99 15.02
C LYS B 51 -7.62 -1.16 15.58
N VAL B 52 -6.66 -0.64 14.86
CA VAL B 52 -5.25 -0.72 15.27
C VAL B 52 -4.82 0.60 15.89
N LYS B 53 -3.55 0.69 16.29
CA LYS B 53 -3.02 1.91 16.89
C LYS B 53 -2.89 3.00 15.83
N ILE B 54 -2.77 4.24 16.29
CA ILE B 54 -2.64 5.37 15.36
C ILE B 54 -1.21 5.47 14.82
N PRO B 55 -1.04 5.94 13.60
CA PRO B 55 0.29 6.09 12.97
C PRO B 55 1.33 6.65 13.94
N ARG B 56 1.17 7.93 14.28
CA ARG B 56 2.09 8.61 15.20
C ARG B 56 3.39 9.00 14.49
N LYS B 57 4.32 8.05 14.40
CA LYS B 57 5.61 8.33 13.77
C LYS B 57 5.46 8.85 12.34
N TRP B 58 4.52 8.30 11.59
CA TRP B 58 4.32 8.73 10.22
C TRP B 58 3.90 10.20 10.17
N LYS B 59 3.84 10.84 11.34
CA LYS B 59 3.49 12.26 11.39
C LYS B 59 4.61 13.04 10.73
N ARG B 60 5.73 12.36 10.60
CA ARG B 60 6.92 12.92 10.00
C ARG B 60 6.79 12.97 8.50
N ARG B 61 5.87 12.18 7.96
CA ARG B 61 5.69 12.15 6.52
C ARG B 61 4.23 11.89 6.14
N TYR B 62 3.35 12.06 7.11
CA TYR B 62 1.91 11.88 6.87
C TYR B 62 1.20 13.21 7.01
N CYS B 63 0.06 13.33 6.34
CA CYS B 63 -0.69 14.58 6.39
C CYS B 63 -2.12 14.35 6.86
N LYS B 64 -2.45 14.89 8.03
CA LYS B 64 -3.79 14.75 8.58
C LYS B 64 -4.74 15.71 7.87
N LYS B 65 -4.22 16.41 6.86
CA LYS B 65 -5.02 17.36 6.10
C LYS B 65 -5.53 16.74 4.80
N CYS B 66 -4.64 16.02 4.10
CA CYS B 66 -5.01 15.39 2.83
C CYS B 66 -4.54 13.94 2.76
N HIS B 67 -3.84 13.49 3.79
CA HIS B 67 -3.35 12.10 3.82
C HIS B 67 -2.37 11.86 2.67
N ALA B 68 -1.25 11.22 2.97
CA ALA B 68 -0.24 10.94 1.94
C ALA B 68 1.09 10.55 2.58
N PHE B 69 2.12 10.45 1.75
CA PHE B 69 3.47 10.13 2.21
C PHE B 69 4.36 11.31 1.87
N LEU B 70 4.70 12.10 2.87
CA LEU B 70 5.51 13.28 2.62
C LEU B 70 6.92 13.15 3.18
N VAL B 71 7.88 13.17 2.28
CA VAL B 71 9.29 13.07 2.67
C VAL B 71 9.94 14.46 2.65
N PRO B 72 10.47 14.92 3.76
CA PRO B 72 11.13 16.25 3.81
C PRO B 72 12.08 16.45 2.64
N GLY B 73 11.87 17.54 1.91
CA GLY B 73 12.70 17.83 0.75
C GLY B 73 11.96 17.52 -0.55
N ILE B 74 11.13 16.47 -0.51
CA ILE B 74 10.35 16.08 -1.68
C ILE B 74 8.95 16.67 -1.63
N ASN B 75 8.08 16.02 -0.86
CA ASN B 75 6.70 16.49 -0.74
C ASN B 75 6.44 16.97 0.68
N ALA B 76 7.52 17.25 1.41
CA ALA B 76 7.40 17.72 2.79
C ALA B 76 8.53 18.67 3.14
N ARG B 77 8.35 19.40 4.24
CA ARG B 77 9.36 20.35 4.69
C ARG B 77 9.42 20.37 6.21
N VAL B 78 10.64 20.23 6.75
CA VAL B 78 10.85 20.25 8.19
C VAL B 78 12.10 21.06 8.53
N ARG B 79 11.89 22.28 9.04
CA ARG B 79 13.00 23.15 9.41
C ARG B 79 12.84 23.65 10.83
N LEU B 80 13.95 23.79 11.51
CA LEU B 80 13.95 24.23 12.90
C LEU B 80 14.82 25.46 13.12
N ARG B 81 14.23 26.52 13.66
CA ARG B 81 14.98 27.73 13.92
C ARG B 81 14.61 28.31 15.28
N GLN B 82 15.53 29.08 15.84
CA GLN B 82 15.31 29.69 17.16
C GLN B 82 14.55 31.01 17.00
N LYS B 83 15.30 32.11 17.01
CA LYS B 83 14.69 33.43 16.88
C LYS B 83 13.87 33.75 18.13
N ARG B 84 13.62 32.72 18.93
CA ARG B 84 12.85 32.87 20.16
C ARG B 84 12.74 31.52 20.86
N MET B 85 12.88 30.45 20.07
CA MET B 85 12.79 29.09 20.58
C MET B 85 12.93 28.11 19.41
N PRO B 86 13.70 27.05 19.56
CA PRO B 86 13.89 26.04 18.47
C PRO B 86 12.64 25.20 18.24
N HIS B 87 11.92 25.52 17.16
CA HIS B 87 10.70 24.79 16.83
C HIS B 87 10.75 24.29 15.38
N ILE B 88 10.41 23.02 15.19
CA ILE B 88 10.40 22.43 13.86
C ILE B 88 9.07 22.73 13.16
N VAL B 89 9.14 23.11 11.88
CA VAL B 89 7.94 23.40 11.12
C VAL B 89 7.68 22.28 10.13
N VAL B 90 6.53 21.62 10.26
CA VAL B 90 6.16 20.52 9.37
C VAL B 90 4.99 20.97 8.51
N LYS B 91 5.09 20.80 7.20
CA LYS B 91 4.02 21.25 6.32
C LYS B 91 3.85 20.37 5.08
N CYS B 92 2.60 20.21 4.64
CA CYS B 92 2.30 19.40 3.45
C CYS B 92 2.53 20.23 2.18
N LEU B 93 3.25 19.66 1.22
CA LEU B 93 3.51 20.35 -0.05
C LEU B 93 2.48 19.91 -1.10
N GLU B 94 1.57 19.04 -0.67
CA GLU B 94 0.51 18.55 -1.54
C GLU B 94 -0.69 19.44 -1.30
N CYS B 95 -0.92 19.66 -0.02
CA CYS B 95 -1.98 20.51 0.47
C CYS B 95 -1.33 21.47 1.46
N GLY B 96 -0.68 22.49 0.93
CA GLY B 96 0.06 23.43 1.75
C GLY B 96 -0.63 23.69 3.07
N HIS B 97 -0.19 22.92 4.06
CA HIS B 97 -0.71 23.04 5.42
C HIS B 97 0.43 23.43 6.35
N ILE B 98 0.30 24.56 7.03
CA ILE B 98 1.36 25.02 7.91
C ILE B 98 1.15 24.52 9.34
N MET B 99 2.14 23.78 9.85
CA MET B 99 2.07 23.27 11.23
C MET B 99 3.39 23.54 11.94
N ARG B 100 3.37 23.41 13.27
CA ARG B 100 4.57 23.65 14.08
C ARG B 100 4.81 22.48 15.03
N TYR B 101 6.07 22.31 15.42
CA TYR B 101 6.44 21.22 16.33
C TYR B 101 7.73 21.56 17.08
N PRO B 102 7.64 21.90 18.35
CA PRO B 102 8.84 22.25 19.16
C PRO B 102 9.98 21.26 18.98
N TYR B 103 11.13 21.62 19.51
CA TYR B 103 12.32 20.80 19.41
C TYR B 103 12.78 20.32 20.80
N ILE B 104 12.05 19.33 21.33
CA ILE B 104 12.39 18.79 22.65
C ILE B 104 12.64 17.29 22.55
N LYS B 105 13.87 16.88 22.83
CA LYS B 105 14.22 15.46 22.78
C LYS B 105 13.75 14.75 24.04
N GLN A 17 -2.01 7.32 -16.19
CA GLN A 17 -1.83 6.05 -16.95
C GLN A 17 -1.09 5.04 -16.08
N GLY A 18 -0.61 5.49 -14.92
CA GLY A 18 0.11 4.62 -14.00
C GLY A 18 1.61 4.91 -14.02
N SER A 19 2.25 4.78 -12.86
CA SER A 19 3.68 5.03 -12.76
C SER A 19 4.47 3.73 -12.96
N TYR A 20 3.75 2.62 -13.12
CA TYR A 20 4.40 1.32 -13.31
C TYR A 20 5.55 1.43 -14.31
N GLN A 21 5.24 1.90 -15.51
CA GLN A 21 6.25 2.04 -16.56
C GLN A 21 7.58 2.51 -15.97
N GLU A 22 7.51 3.12 -14.79
CA GLU A 22 8.71 3.62 -14.13
C GLU A 22 9.12 2.70 -12.98
N ILE A 23 8.13 2.09 -12.33
CA ILE A 23 8.40 1.21 -11.19
C ILE A 23 8.33 -0.27 -11.58
N ILE A 24 8.35 -0.55 -12.87
CA ILE A 24 8.27 -1.94 -13.32
C ILE A 24 9.61 -2.65 -13.20
N GLY A 25 9.67 -3.68 -12.36
CA GLY A 25 10.90 -4.46 -12.19
C GLY A 25 11.51 -4.33 -10.80
N ARG A 26 11.43 -3.13 -10.19
CA ARG A 26 12.01 -2.93 -8.87
C ARG A 26 11.34 -3.83 -7.84
N THR A 27 10.81 -4.97 -8.30
CA THR A 27 10.17 -5.92 -7.41
C THR A 27 11.01 -6.06 -6.14
N TRP A 28 12.23 -5.57 -6.20
CA TRP A 28 13.15 -5.59 -5.08
C TRP A 28 12.53 -4.89 -3.89
N ILE A 29 12.10 -3.66 -4.09
CA ILE A 29 11.51 -2.91 -3.00
C ILE A 29 10.19 -3.54 -2.59
N PHE A 30 9.68 -4.44 -3.43
CA PHE A 30 8.44 -5.12 -3.15
C PHE A 30 8.76 -6.43 -2.44
N ARG A 31 10.04 -6.75 -2.43
CA ARG A 31 10.52 -7.96 -1.79
C ARG A 31 10.95 -7.64 -0.37
N GLY A 32 12.00 -6.84 -0.26
CA GLY A 32 12.53 -6.44 1.03
C GLY A 32 11.54 -5.50 1.70
N ALA A 33 10.26 -5.71 1.43
CA ALA A 33 9.22 -4.88 2.01
C ALA A 33 7.99 -5.72 2.24
N HIS A 34 7.74 -6.64 1.31
CA HIS A 34 6.59 -7.51 1.44
C HIS A 34 6.95 -8.79 2.19
N ARG A 35 6.40 -8.93 3.40
CA ARG A 35 6.69 -10.11 4.22
C ARG A 35 5.49 -10.50 5.10
N GLY A 36 4.37 -9.77 4.98
CA GLY A 36 3.20 -10.10 5.77
C GLY A 36 2.94 -11.59 5.76
N ARG A 37 2.30 -12.10 6.81
CA ARG A 37 1.99 -13.52 6.82
C ARG A 37 0.96 -13.79 5.75
N VAL A 38 1.33 -14.61 4.77
CA VAL A 38 0.42 -14.87 3.68
C VAL A 38 -0.41 -16.13 3.86
N ASN A 39 -1.70 -15.98 3.59
CA ASN A 39 -2.65 -17.08 3.68
C ASN A 39 -3.93 -16.67 2.98
N LYS A 40 -4.67 -17.61 2.41
CA LYS A 40 -5.91 -17.25 1.73
C LYS A 40 -6.74 -16.34 2.63
N LYS A 41 -7.01 -16.81 3.85
CA LYS A 41 -7.74 -16.02 4.83
C LYS A 41 -6.98 -14.74 5.10
N ASN A 42 -5.79 -14.66 4.50
CA ASN A 42 -4.94 -13.49 4.66
C ASN A 42 -4.59 -12.87 3.31
N ILE A 43 -5.07 -13.46 2.20
CA ILE A 43 -4.78 -12.92 0.86
C ILE A 43 -5.82 -11.89 0.47
N VAL A 44 -7.08 -12.13 0.79
CA VAL A 44 -8.12 -11.17 0.45
C VAL A 44 -8.30 -10.25 1.65
N TRP A 45 -7.37 -10.41 2.57
CA TRP A 45 -7.32 -9.65 3.79
C TRP A 45 -5.93 -9.01 3.92
N HIS A 46 -5.03 -9.37 3.01
CA HIS A 46 -3.67 -8.82 3.01
C HIS A 46 -3.62 -7.62 2.08
N GLU A 47 -2.79 -6.65 2.42
CA GLU A 47 -2.65 -5.48 1.57
C GLU A 47 -1.84 -5.88 0.35
N LEU A 48 -2.47 -5.92 -0.82
CA LEU A 48 -1.73 -6.30 -2.00
C LEU A 48 -0.83 -5.14 -2.38
N ILE A 49 0.47 -5.38 -2.36
CA ILE A 49 1.42 -4.32 -2.68
C ILE A 49 2.72 -4.91 -3.24
N GLY A 50 3.07 -6.12 -2.82
CA GLY A 50 4.29 -6.77 -3.31
C GLY A 50 4.16 -8.28 -3.42
N LEU A 51 3.00 -8.82 -3.06
CA LEU A 51 2.82 -10.28 -3.14
C LEU A 51 3.04 -10.74 -4.58
N LYS A 52 3.27 -12.04 -4.76
CA LYS A 52 3.52 -12.60 -6.10
C LYS A 52 2.31 -13.39 -6.60
N VAL A 53 1.81 -13.02 -7.79
CA VAL A 53 0.65 -13.72 -8.36
C VAL A 53 0.71 -13.72 -9.88
N ARG A 54 -0.19 -14.49 -10.47
CA ARG A 54 -0.28 -14.59 -11.91
C ARG A 54 -1.73 -14.44 -12.36
N VAL A 55 -1.90 -13.83 -13.51
CA VAL A 55 -3.23 -13.68 -14.09
C VAL A 55 -3.37 -14.75 -15.16
N VAL A 56 -4.06 -15.82 -14.79
CA VAL A 56 -4.26 -16.95 -15.68
C VAL A 56 -5.44 -16.70 -16.61
N ASN A 57 -6.57 -16.25 -16.07
CA ASN A 57 -7.73 -15.98 -16.91
C ASN A 57 -8.28 -14.57 -16.66
N SER A 58 -8.27 -13.77 -17.72
CA SER A 58 -8.78 -12.41 -17.66
C SER A 58 -9.35 -12.04 -19.03
N THR A 59 -10.51 -11.40 -19.07
CA THR A 59 -11.05 -11.04 -20.37
C THR A 59 -10.21 -9.90 -20.96
N HIS A 60 -9.04 -10.28 -21.46
CA HIS A 60 -8.11 -9.34 -22.08
C HIS A 60 -7.01 -10.13 -22.79
N PRO A 61 -7.11 -10.33 -24.07
CA PRO A 61 -6.09 -11.09 -24.86
C PRO A 61 -4.64 -10.68 -24.55
N GLY A 62 -4.45 -9.65 -23.72
CA GLY A 62 -3.07 -9.19 -23.42
C GLY A 62 -2.72 -9.17 -21.92
N TYR A 63 -3.39 -9.97 -21.09
CA TYR A 63 -3.06 -9.98 -19.66
C TYR A 63 -3.12 -11.41 -19.08
N VAL A 64 -3.85 -12.29 -19.74
CA VAL A 64 -3.98 -13.68 -19.28
C VAL A 64 -2.71 -14.49 -19.50
N GLY A 65 -2.43 -15.41 -18.56
CA GLY A 65 -1.28 -16.31 -18.70
C GLY A 65 0.04 -15.69 -18.28
N ILE A 66 0.01 -14.47 -17.73
CA ILE A 66 1.27 -13.82 -17.32
C ILE A 66 1.46 -13.86 -15.80
N GLU A 67 2.72 -13.93 -15.36
CA GLU A 67 3.05 -13.96 -13.93
C GLU A 67 3.82 -12.69 -13.53
N GLY A 68 3.35 -11.98 -12.50
CA GLY A 68 4.00 -10.74 -12.07
C GLY A 68 3.87 -10.50 -10.56
N TYR A 69 4.57 -9.46 -10.08
CA TYR A 69 4.54 -9.08 -8.66
C TYR A 69 3.51 -7.97 -8.45
N VAL A 70 2.50 -8.22 -7.60
CA VAL A 70 1.45 -7.23 -7.36
C VAL A 70 2.04 -5.88 -6.97
N ILE A 71 1.43 -4.80 -7.46
CA ILE A 71 1.91 -3.46 -7.16
C ILE A 71 0.76 -2.51 -6.81
N ASP A 72 -0.38 -2.66 -7.48
CA ASP A 72 -1.51 -1.75 -7.23
C ASP A 72 -2.77 -2.48 -6.79
N GLU A 73 -3.50 -1.87 -5.84
CA GLU A 73 -4.74 -2.45 -5.36
C GLU A 73 -5.65 -1.34 -4.85
N THR A 74 -6.69 -1.03 -5.62
CA THR A 74 -7.61 0.04 -5.25
C THR A 74 -9.05 -0.35 -5.57
N ARG A 75 -9.96 0.57 -5.32
CA ARG A 75 -11.37 0.32 -5.57
C ARG A 75 -11.64 -0.04 -7.02
N ASN A 76 -10.68 0.22 -7.91
CA ASN A 76 -10.88 -0.08 -9.33
C ASN A 76 -9.65 -0.68 -10.01
N MET A 77 -8.76 -1.36 -9.28
CA MET A 77 -7.60 -1.94 -9.95
C MET A 77 -6.84 -2.97 -9.11
N LEU A 78 -5.92 -3.63 -9.80
CA LEU A 78 -5.05 -4.66 -9.23
C LEU A 78 -3.94 -4.88 -10.27
N VAL A 79 -2.71 -4.45 -9.93
CA VAL A 79 -1.60 -4.54 -10.89
C VAL A 79 -0.44 -5.40 -10.38
N ILE A 80 0.07 -6.25 -11.27
CA ILE A 80 1.21 -7.12 -10.99
C ILE A 80 2.37 -6.69 -11.89
N ALA A 81 3.62 -6.91 -11.45
CA ALA A 81 4.79 -6.48 -12.24
C ALA A 81 5.78 -7.64 -12.45
N GLY A 82 6.26 -7.76 -13.69
CA GLY A 82 7.22 -8.79 -14.02
C GLY A 82 8.02 -8.41 -15.27
N GLU A 83 9.34 -8.36 -15.13
CA GLU A 83 10.21 -8.00 -16.25
C GLU A 83 9.98 -6.54 -16.63
N ASN A 84 9.78 -6.28 -17.93
CA ASN A 84 9.56 -4.93 -18.42
C ASN A 84 8.10 -4.76 -18.85
N LYS A 85 7.25 -5.67 -18.38
CA LYS A 85 5.83 -5.64 -18.72
C LYS A 85 4.98 -5.49 -17.46
N VAL A 86 3.87 -4.76 -17.58
CA VAL A 86 2.99 -4.58 -16.42
C VAL A 86 1.61 -5.15 -16.70
N TRP A 87 0.93 -5.50 -15.62
CA TRP A 87 -0.41 -6.07 -15.70
C TRP A 87 -1.48 -5.01 -15.42
N LYS A 88 -2.55 -5.03 -16.19
CA LYS A 88 -3.66 -4.11 -15.96
C LYS A 88 -4.96 -4.89 -15.89
N VAL A 89 -5.42 -5.28 -14.69
CA VAL A 89 -6.66 -6.05 -14.62
C VAL A 89 -7.38 -5.87 -13.29
N PRO A 90 -8.48 -5.15 -13.28
CA PRO A 90 -9.29 -4.97 -12.04
C PRO A 90 -9.65 -6.31 -11.44
N LYS A 91 -10.10 -6.30 -10.19
CA LYS A 91 -10.45 -7.53 -9.50
C LYS A 91 -11.76 -8.12 -10.01
N ASP A 92 -12.58 -7.30 -10.63
CA ASP A 92 -13.88 -7.76 -11.12
C ASP A 92 -13.81 -8.36 -12.52
N VAL A 93 -12.64 -8.30 -13.18
CA VAL A 93 -12.52 -8.83 -14.54
C VAL A 93 -11.42 -9.88 -14.66
N CYS A 94 -10.92 -10.43 -13.56
CA CYS A 94 -9.85 -11.41 -13.67
C CYS A 94 -9.69 -12.27 -12.42
N ILE A 95 -8.81 -13.26 -12.52
CA ILE A 95 -8.52 -14.17 -11.41
C ILE A 95 -7.04 -14.07 -11.03
N PHE A 96 -6.75 -14.10 -9.73
CA PHE A 96 -5.37 -13.99 -9.27
C PHE A 96 -4.97 -15.19 -8.42
N GLU A 97 -3.81 -15.77 -8.74
CA GLU A 97 -3.31 -16.87 -7.93
C GLU A 97 -2.03 -16.40 -7.27
N PHE A 98 -2.14 -15.88 -6.03
CA PHE A 98 -0.97 -15.40 -5.32
C PHE A 98 -0.31 -16.57 -4.59
N GLU A 99 1.00 -16.56 -4.50
CA GLU A 99 1.71 -17.67 -3.85
C GLU A 99 1.88 -17.40 -2.36
N THR A 100 1.49 -18.38 -1.56
CA THR A 100 1.58 -18.24 -0.11
C THR A 100 3.02 -18.14 0.34
N TRP A 101 3.23 -17.31 1.35
CA TRP A 101 4.55 -17.07 1.91
C TRP A 101 5.19 -18.34 2.48
N ASP A 102 4.49 -19.46 2.37
CA ASP A 102 5.01 -20.73 2.85
C ASP A 102 5.39 -21.60 1.65
N GLY A 103 5.44 -20.99 0.47
CA GLY A 103 5.76 -21.70 -0.75
C GLY A 103 4.54 -22.47 -1.24
N THR A 104 3.36 -22.01 -0.81
CA THR A 104 2.10 -22.64 -1.21
C THR A 104 1.36 -21.77 -2.22
N LYS A 105 0.58 -22.40 -3.08
CA LYS A 105 -0.18 -21.66 -4.10
C LYS A 105 -1.59 -21.34 -3.61
N ILE A 106 -2.00 -20.08 -3.79
CA ILE A 106 -3.35 -19.65 -3.39
C ILE A 106 -4.20 -19.46 -4.63
N LYS A 107 -5.42 -19.96 -4.61
CA LYS A 107 -6.32 -19.83 -5.76
C LYS A 107 -7.51 -18.99 -5.36
N ILE A 108 -7.52 -17.73 -5.78
CA ILE A 108 -8.61 -16.86 -5.40
C ILE A 108 -8.90 -15.83 -6.49
N SER A 109 -10.19 -15.57 -6.71
CA SER A 109 -10.61 -14.62 -7.74
C SER A 109 -10.67 -13.19 -7.20
N GLY A 110 -10.44 -12.24 -8.08
CA GLY A 110 -10.47 -10.82 -7.72
C GLY A 110 -11.84 -10.40 -7.25
N GLU A 111 -12.78 -11.33 -7.28
CA GLU A 111 -14.12 -10.97 -6.88
C GLU A 111 -14.28 -10.92 -5.35
N LYS A 112 -13.40 -11.59 -4.62
CA LYS A 112 -13.51 -11.59 -3.16
C LYS A 112 -13.06 -10.24 -2.60
N LEU A 113 -11.93 -9.76 -3.07
CA LEU A 113 -11.40 -8.47 -2.64
C LEU A 113 -11.87 -7.38 -3.60
N VAL A 114 -13.03 -7.63 -4.21
CA VAL A 114 -13.57 -6.70 -5.20
C VAL A 114 -13.72 -5.27 -4.69
N GLY A 115 -12.83 -4.41 -5.16
CA GLY A 115 -12.87 -2.99 -4.86
C GLY A 115 -12.56 -2.65 -3.41
N ARG A 116 -13.09 -3.43 -2.49
CA ARG A 116 -12.93 -3.12 -1.06
C ARG A 116 -11.87 -3.94 -0.33
N PRO A 117 -10.62 -3.54 -0.33
CA PRO A 117 -9.58 -4.25 0.46
C PRO A 117 -9.86 -4.03 1.93
N GLU A 118 -10.53 -2.90 2.17
CA GLU A 118 -10.90 -2.50 3.51
C GLU A 118 -11.93 -3.47 4.10
N MET A 119 -13.05 -3.61 3.39
CA MET A 119 -14.14 -4.48 3.84
C MET A 119 -13.62 -5.68 4.62
N ARG A 120 -12.70 -6.43 4.02
CA ARG A 120 -12.16 -7.61 4.69
C ARG A 120 -11.28 -7.22 5.87
N LEU A 121 -10.41 -6.23 5.69
CA LEU A 121 -9.53 -5.79 6.77
C LEU A 121 -10.34 -5.58 8.05
N LYS A 122 -11.60 -5.19 7.90
CA LYS A 122 -12.47 -4.96 9.06
C LYS A 122 -13.44 -6.12 9.23
N LYS A 123 -13.63 -6.91 8.16
CA LYS A 123 -14.54 -8.05 8.22
C LYS A 123 -15.94 -7.59 8.57
N ARG A 124 -16.95 -8.26 8.01
CA ARG A 124 -18.34 -7.92 8.28
C ARG A 124 -18.90 -8.77 9.42
N TRP A 125 -19.58 -8.12 10.36
CA TRP A 125 -20.16 -8.82 11.49
C TRP A 125 -21.00 -7.88 12.34
N ARG A 126 -21.41 -8.36 13.51
CA ARG A 126 -22.21 -7.55 14.42
C ARG A 126 -22.01 -8.01 15.86
N LYS A 127 -22.11 -7.07 16.80
CA LYS A 127 -21.94 -7.40 18.21
C LYS A 127 -22.85 -8.55 18.61
N GLU B 9 -8.84 -11.76 14.63
CA GLU B 9 -8.14 -12.21 13.39
C GLU B 9 -8.01 -11.04 12.43
N LYS B 10 -8.92 -10.10 12.52
CA LYS B 10 -8.88 -8.94 11.64
C LYS B 10 -7.84 -7.91 12.10
N LYS B 11 -7.58 -7.85 13.40
CA LYS B 11 -6.60 -6.91 13.92
C LYS B 11 -5.22 -7.42 13.57
N ARG B 12 -5.15 -8.72 13.58
CA ARG B 12 -3.95 -9.47 13.32
C ARG B 12 -3.44 -9.24 11.90
N ILE B 13 -4.31 -9.43 10.92
CA ILE B 13 -3.91 -9.22 9.53
C ILE B 13 -3.72 -7.73 9.29
N ALA B 14 -4.43 -6.92 10.05
CA ALA B 14 -4.31 -5.48 9.91
C ALA B 14 -2.94 -4.98 10.38
N LYS B 15 -2.44 -5.55 11.47
CA LYS B 15 -1.13 -5.16 11.99
C LYS B 15 -0.04 -5.47 10.97
N GLU B 16 -0.04 -6.69 10.47
CA GLU B 16 0.96 -7.10 9.48
C GLU B 16 0.73 -6.38 8.15
N ARG B 17 -0.53 -6.15 7.80
CA ARG B 17 -0.87 -5.50 6.55
C ARG B 17 -0.33 -4.08 6.51
N ILE B 18 -0.62 -3.33 7.54
CA ILE B 18 -0.21 -1.95 7.62
C ILE B 18 1.31 -1.78 7.61
N ASP B 19 2.01 -2.64 8.34
CA ASP B 19 3.46 -2.55 8.42
C ASP B 19 4.12 -2.94 7.09
N ILE B 20 3.45 -3.77 6.32
CA ILE B 20 4.01 -4.23 5.05
C ILE B 20 3.99 -3.15 3.96
N LEU B 21 2.82 -2.63 3.64
CA LEU B 21 2.73 -1.60 2.61
C LEU B 21 3.52 -0.40 3.07
N PHE B 22 3.49 -0.20 4.37
CA PHE B 22 4.19 0.90 5.00
C PHE B 22 5.66 0.89 4.61
N SER B 23 6.29 -0.28 4.71
CA SER B 23 7.69 -0.39 4.33
C SER B 23 7.85 -0.27 2.81
N LEU B 24 6.88 -0.78 2.08
CA LEU B 24 6.88 -0.73 0.63
C LEU B 24 6.73 0.72 0.17
N ALA B 25 5.68 1.37 0.63
CA ALA B 25 5.42 2.76 0.27
C ALA B 25 6.65 3.64 0.49
N GLU B 26 7.38 3.39 1.56
CA GLU B 26 8.56 4.19 1.87
C GLU B 26 9.65 4.00 0.82
N ARG B 27 9.91 2.76 0.48
CA ARG B 27 10.95 2.42 -0.48
C ARG B 27 10.56 2.79 -1.94
N VAL B 28 9.29 2.70 -2.26
CA VAL B 28 8.88 3.07 -3.61
C VAL B 28 8.70 4.58 -3.73
N PHE B 29 7.93 5.21 -2.81
CA PHE B 29 7.74 6.67 -2.88
C PHE B 29 9.02 7.32 -3.36
N PRO B 30 10.12 7.00 -2.74
CA PRO B 30 11.44 7.52 -3.16
C PRO B 30 11.58 7.20 -4.63
N TYR B 31 11.23 5.94 -4.90
CA TYR B 31 11.27 5.40 -6.23
C TYR B 31 9.91 5.47 -6.96
N SER B 32 8.82 5.78 -6.22
CA SER B 32 7.49 5.83 -6.86
C SER B 32 6.45 6.63 -6.06
N PRO B 33 6.26 7.87 -6.39
CA PRO B 33 5.25 8.75 -5.72
C PRO B 33 3.81 8.21 -5.73
N GLU B 34 3.39 7.70 -6.88
CA GLU B 34 2.02 7.19 -7.02
C GLU B 34 1.76 5.98 -6.13
N LEU B 35 2.61 4.99 -6.25
CA LEU B 35 2.47 3.76 -5.47
C LEU B 35 2.36 4.05 -3.99
N ALA B 36 3.40 4.65 -3.43
CA ALA B 36 3.39 4.92 -2.01
C ALA B 36 2.12 5.67 -1.64
N LYS B 37 1.67 6.48 -2.58
CA LYS B 37 0.46 7.24 -2.38
C LYS B 37 -0.74 6.30 -2.40
N ARG B 38 -0.71 5.32 -3.32
CA ARG B 38 -1.78 4.34 -3.42
C ARG B 38 -1.92 3.56 -2.12
N TYR B 39 -0.82 2.99 -1.65
CA TYR B 39 -0.86 2.20 -0.44
C TYR B 39 -1.33 3.06 0.71
N VAL B 40 -0.81 4.28 0.75
CA VAL B 40 -1.18 5.19 1.82
C VAL B 40 -2.69 5.17 1.99
N GLU B 41 -3.42 5.13 0.89
CA GLU B 41 -4.87 5.05 0.99
C GLU B 41 -5.22 3.72 1.66
N LEU B 42 -4.52 2.66 1.26
CA LEU B 42 -4.76 1.35 1.86
C LEU B 42 -4.33 1.34 3.32
N ALA B 43 -3.11 1.78 3.61
CA ALA B 43 -2.62 1.81 4.98
C ALA B 43 -3.62 2.54 5.87
N LEU B 44 -4.32 3.51 5.29
CA LEU B 44 -5.30 4.27 6.06
C LEU B 44 -6.46 3.40 6.51
N LEU B 45 -7.12 2.70 5.59
CA LEU B 45 -8.25 1.86 6.00
C LEU B 45 -7.82 0.76 6.96
N VAL B 46 -6.59 0.33 6.84
CA VAL B 46 -6.11 -0.76 7.68
C VAL B 46 -6.12 -0.33 9.14
N GLN B 47 -5.55 0.83 9.40
CA GLN B 47 -5.47 1.33 10.75
C GLN B 47 -6.82 1.64 11.37
N GLN B 48 -7.60 2.51 10.73
CA GLN B 48 -8.90 2.88 11.28
C GLN B 48 -9.99 1.86 10.94
N LYS B 49 -10.12 1.53 9.67
CA LYS B 49 -11.15 0.60 9.24
C LYS B 49 -10.96 -0.79 9.85
N ALA B 50 -9.72 -1.24 9.98
CA ALA B 50 -9.49 -2.57 10.56
C ALA B 50 -9.54 -2.48 12.08
N LYS B 51 -9.76 -1.26 12.56
CA LYS B 51 -9.86 -1.01 14.00
C LYS B 51 -8.55 -1.31 14.71
N VAL B 52 -7.55 -0.49 14.45
CA VAL B 52 -6.24 -0.65 15.09
C VAL B 52 -5.76 0.70 15.62
N LYS B 53 -4.87 0.66 16.61
CA LYS B 53 -4.35 1.90 17.16
C LYS B 53 -4.01 2.85 16.03
N ILE B 54 -4.21 4.16 16.25
CA ILE B 54 -3.94 5.14 15.20
C ILE B 54 -2.75 6.03 15.55
N PRO B 55 -1.57 5.68 15.10
CA PRO B 55 -0.35 6.50 15.36
C PRO B 55 -0.49 7.90 14.76
N ARG B 56 0.52 8.73 14.96
CA ARG B 56 0.49 10.09 14.43
C ARG B 56 1.89 10.58 14.09
N LYS B 57 2.81 9.65 13.84
CA LYS B 57 4.18 10.01 13.51
C LYS B 57 4.35 10.26 12.01
N TRP B 58 3.66 9.46 11.19
CA TRP B 58 3.74 9.60 9.75
C TRP B 58 3.52 11.06 9.31
N LYS B 59 3.26 11.94 10.27
CA LYS B 59 3.09 13.35 9.94
C LYS B 59 4.38 13.83 9.34
N ARG B 60 5.41 13.04 9.64
CA ARG B 60 6.75 13.31 9.18
C ARG B 60 6.83 13.09 7.68
N ARG B 61 5.84 12.38 7.15
CA ARG B 61 5.85 12.06 5.74
C ARG B 61 4.44 11.91 5.19
N TYR B 62 3.44 12.26 6.00
CA TYR B 62 2.04 12.15 5.59
C TYR B 62 1.38 13.52 5.60
N CYS B 63 0.31 13.64 4.83
CA CYS B 63 -0.42 14.90 4.75
C CYS B 63 -1.90 14.69 5.04
N LYS B 64 -2.44 15.50 5.94
CA LYS B 64 -3.85 15.42 6.29
C LYS B 64 -4.67 16.28 5.34
N LYS B 65 -4.00 16.86 4.37
CA LYS B 65 -4.64 17.75 3.41
C LYS B 65 -4.74 17.11 2.03
N CYS B 66 -3.79 16.25 1.68
CA CYS B 66 -3.83 15.60 0.37
C CYS B 66 -3.43 14.13 0.48
N HIS B 67 -3.34 13.63 1.71
CA HIS B 67 -2.97 12.23 1.95
C HIS B 67 -1.93 11.76 0.93
N ALA B 68 -0.67 11.66 1.37
CA ALA B 68 0.39 11.22 0.48
C ALA B 68 1.61 10.78 1.27
N PHE B 69 2.70 10.49 0.55
CA PHE B 69 3.95 10.08 1.18
C PHE B 69 4.98 11.15 0.93
N LEU B 70 5.25 11.95 1.95
CA LEU B 70 6.20 13.04 1.79
C LEU B 70 7.52 12.70 2.48
N VAL B 71 8.62 13.19 1.93
CA VAL B 71 9.93 12.92 2.52
C VAL B 71 10.68 14.23 2.77
N PRO B 72 11.05 14.52 3.99
CA PRO B 72 11.78 15.78 4.32
C PRO B 72 12.92 16.03 3.33
N GLY B 73 12.89 17.20 2.70
CA GLY B 73 13.92 17.56 1.72
C GLY B 73 13.41 17.38 0.30
N ILE B 74 12.55 16.39 0.10
CA ILE B 74 12.00 16.13 -1.23
C ILE B 74 10.64 16.83 -1.40
N ASN B 75 9.59 16.23 -0.86
CA ASN B 75 8.26 16.81 -0.94
C ASN B 75 7.76 17.13 0.46
N ALA B 76 8.70 17.30 1.38
CA ALA B 76 8.37 17.61 2.76
C ALA B 76 9.50 18.42 3.40
N ARG B 77 9.17 19.15 4.46
CA ARG B 77 10.17 19.94 5.16
C ARG B 77 9.85 20.01 6.65
N VAL B 78 10.90 19.89 7.47
CA VAL B 78 10.76 19.94 8.92
C VAL B 78 11.91 20.76 9.53
N ARG B 79 11.56 21.84 10.22
CA ARG B 79 12.57 22.69 10.85
C ARG B 79 12.23 22.97 12.30
N LEU B 80 13.27 23.08 13.12
CA LEU B 80 13.09 23.31 14.54
C LEU B 80 13.87 24.53 15.02
N ARG B 81 13.18 25.44 15.70
CA ARG B 81 13.82 26.64 16.21
C ARG B 81 13.32 26.99 17.61
N GLN B 82 14.12 27.76 18.34
CA GLN B 82 13.78 28.15 19.70
C GLN B 82 12.73 29.24 19.72
N LYS B 83 12.99 30.31 20.49
CA LYS B 83 12.05 31.43 20.60
C LYS B 83 10.99 31.12 21.65
N ARG B 84 11.40 31.10 22.92
CA ARG B 84 10.48 30.80 24.01
C ARG B 84 9.62 29.60 23.64
N MET B 85 10.07 28.41 24.06
CA MET B 85 9.36 27.17 23.76
C MET B 85 9.78 26.64 22.39
N PRO B 86 10.51 25.55 22.34
CA PRO B 86 10.99 24.96 21.05
C PRO B 86 9.88 24.26 20.29
N HIS B 87 9.82 24.50 18.98
CA HIS B 87 8.78 23.88 18.15
C HIS B 87 9.31 23.53 16.77
N ILE B 88 8.81 22.43 16.22
CA ILE B 88 9.23 21.98 14.89
C ILE B 88 8.17 22.36 13.86
N VAL B 89 8.63 22.85 12.71
CA VAL B 89 7.70 23.24 11.64
C VAL B 89 7.69 22.19 10.54
N VAL B 90 6.57 21.48 10.41
CA VAL B 90 6.42 20.45 9.39
C VAL B 90 5.24 20.80 8.51
N LYS B 91 5.40 20.67 7.20
CA LYS B 91 4.31 21.04 6.30
C LYS B 91 4.35 20.29 4.97
N CYS B 92 3.18 20.12 4.34
CA CYS B 92 3.11 19.41 3.06
C CYS B 92 3.48 20.32 1.92
N LEU B 93 4.37 19.81 1.07
CA LEU B 93 4.81 20.52 -0.12
C LEU B 93 4.22 19.82 -1.33
N GLU B 94 3.20 19.00 -1.08
CA GLU B 94 2.51 18.27 -2.13
C GLU B 94 1.32 19.11 -2.49
N CYS B 95 0.88 19.80 -1.45
CA CYS B 95 -0.21 20.71 -1.50
C CYS B 95 0.12 21.85 -0.55
N GLY B 96 -0.50 21.84 0.61
CA GLY B 96 -0.22 22.84 1.63
C GLY B 96 -0.67 22.38 3.01
N HIS B 97 0.24 21.86 3.81
CA HIS B 97 -0.15 21.42 5.16
C HIS B 97 0.68 22.13 6.22
N ILE B 98 0.02 22.97 7.02
CA ILE B 98 0.72 23.69 8.08
C ILE B 98 0.62 22.92 9.39
N MET B 99 1.76 22.53 9.95
CA MET B 99 1.75 21.77 11.21
C MET B 99 2.90 22.20 12.12
N ARG B 100 2.74 21.91 13.40
CA ARG B 100 3.76 22.24 14.40
C ARG B 100 3.88 21.11 15.44
N TYR B 101 5.10 20.82 15.87
CA TYR B 101 5.33 19.76 16.84
C TYR B 101 6.33 20.20 17.92
N PRO B 102 5.86 20.53 19.10
CA PRO B 102 6.76 20.96 20.22
C PRO B 102 7.83 19.94 20.53
N TYR B 103 8.81 20.38 21.29
CA TYR B 103 9.91 19.52 21.69
C TYR B 103 10.33 19.82 23.14
N ILE B 104 9.52 19.37 24.09
CA ILE B 104 9.81 19.60 25.50
C ILE B 104 10.42 18.37 26.14
N LYS B 105 11.47 18.57 26.92
CA LYS B 105 12.15 17.46 27.60
C LYS B 105 11.23 16.85 28.66
N GLN A 17 1.28 10.98 -15.90
CA GLN A 17 1.03 11.03 -14.43
C GLN A 17 1.11 9.62 -13.86
N GLY A 18 0.99 8.62 -14.72
CA GLY A 18 1.06 7.23 -14.29
C GLY A 18 2.48 6.87 -13.86
N SER A 19 2.61 6.28 -12.67
CA SER A 19 3.92 5.91 -12.15
C SER A 19 4.28 4.47 -12.57
N TYR A 20 3.26 3.69 -12.89
CA TYR A 20 3.47 2.29 -13.29
C TYR A 20 4.73 2.13 -14.14
N GLN A 21 4.74 2.78 -15.30
CA GLN A 21 5.88 2.69 -16.20
C GLN A 21 7.17 3.16 -15.54
N GLU A 22 7.05 3.72 -14.34
CA GLU A 22 8.21 4.24 -13.61
C GLU A 22 8.73 3.25 -12.58
N ILE A 23 7.82 2.53 -11.93
CA ILE A 23 8.21 1.61 -10.86
C ILE A 23 8.18 0.15 -11.26
N ILE A 24 8.11 -0.12 -12.55
CA ILE A 24 8.09 -1.49 -13.01
C ILE A 24 9.50 -2.07 -13.02
N GLY A 25 9.71 -3.13 -12.22
CA GLY A 25 11.02 -3.78 -12.17
C GLY A 25 11.62 -3.75 -10.76
N ARG A 26 11.43 -2.63 -10.07
CA ARG A 26 11.95 -2.50 -8.70
C ARG A 26 11.20 -3.46 -7.78
N THR A 27 10.70 -4.55 -8.36
CA THR A 27 10.00 -5.55 -7.58
C THR A 27 10.72 -5.78 -6.27
N TRP A 28 11.95 -5.29 -6.22
CA TRP A 28 12.78 -5.39 -5.05
C TRP A 28 12.11 -4.71 -3.86
N ILE A 29 11.74 -3.44 -4.05
CA ILE A 29 11.11 -2.71 -2.97
C ILE A 29 9.75 -3.32 -2.64
N PHE A 30 9.27 -4.15 -3.55
CA PHE A 30 7.99 -4.80 -3.36
C PHE A 30 8.21 -6.12 -2.63
N ARG A 31 9.34 -6.75 -2.92
CA ARG A 31 9.66 -8.01 -2.27
C ARG A 31 10.38 -7.73 -0.95
N GLY A 32 11.16 -6.65 -0.93
CA GLY A 32 11.87 -6.26 0.27
C GLY A 32 10.95 -5.43 1.15
N ALA A 33 9.66 -5.69 1.04
CA ALA A 33 8.66 -4.98 1.80
C ALA A 33 7.43 -5.86 1.90
N HIS A 34 7.65 -7.16 1.68
CA HIS A 34 6.57 -8.12 1.73
C HIS A 34 6.89 -9.27 2.68
N ARG A 35 6.32 -9.23 3.88
CA ARG A 35 6.57 -10.29 4.85
C ARG A 35 5.32 -10.55 5.70
N GLY A 36 4.19 -10.00 5.27
CA GLY A 36 2.95 -10.21 5.97
C GLY A 36 2.59 -11.68 5.99
N ARG A 37 1.86 -12.11 7.01
CA ARG A 37 1.46 -13.50 7.06
C ARG A 37 0.49 -13.74 5.92
N VAL A 38 0.69 -14.81 5.17
CA VAL A 38 -0.18 -15.04 4.03
C VAL A 38 -1.00 -16.32 4.14
N ASN A 39 -2.26 -16.20 3.78
CA ASN A 39 -3.21 -17.31 3.79
C ASN A 39 -4.45 -16.90 3.01
N LYS A 40 -5.19 -17.86 2.43
CA LYS A 40 -6.39 -17.50 1.68
C LYS A 40 -7.25 -16.58 2.55
N LYS A 41 -7.58 -17.05 3.75
CA LYS A 41 -8.35 -16.25 4.70
C LYS A 41 -7.56 -15.00 5.01
N ASN A 42 -6.35 -14.94 4.45
CA ASN A 42 -5.47 -13.79 4.66
C ASN A 42 -5.03 -13.17 3.33
N ILE A 43 -5.52 -13.73 2.19
CA ILE A 43 -5.16 -13.19 0.87
C ILE A 43 -6.15 -12.12 0.44
N VAL A 44 -7.44 -12.36 0.65
CA VAL A 44 -8.44 -11.38 0.28
C VAL A 44 -8.64 -10.46 1.46
N TRP A 45 -7.88 -10.77 2.48
CA TRP A 45 -7.88 -10.03 3.71
C TRP A 45 -6.50 -9.42 3.90
N HIS A 46 -5.76 -9.37 2.79
CA HIS A 46 -4.41 -8.82 2.82
C HIS A 46 -4.22 -7.69 1.81
N GLU A 47 -3.74 -6.55 2.30
CA GLU A 47 -3.47 -5.40 1.43
C GLU A 47 -2.43 -5.85 0.39
N LEU A 48 -2.85 -5.90 -0.88
CA LEU A 48 -1.95 -6.37 -1.95
C LEU A 48 -0.97 -5.26 -2.35
N ILE A 49 0.33 -5.55 -2.25
CA ILE A 49 1.33 -4.56 -2.63
C ILE A 49 2.61 -5.23 -3.11
N GLY A 50 3.09 -6.24 -2.39
CA GLY A 50 4.32 -6.94 -2.80
C GLY A 50 4.12 -8.45 -2.86
N LEU A 51 2.93 -8.92 -2.50
CA LEU A 51 2.66 -10.36 -2.54
C LEU A 51 2.82 -10.90 -3.96
N LYS A 52 3.39 -12.09 -4.10
CA LYS A 52 3.59 -12.71 -5.42
C LYS A 52 2.26 -13.24 -5.94
N VAL A 53 1.96 -12.98 -7.22
CA VAL A 53 0.71 -13.43 -7.82
C VAL A 53 0.88 -13.73 -9.30
N ARG A 54 -0.16 -14.34 -9.88
CA ARG A 54 -0.15 -14.66 -11.30
C ARG A 54 -1.57 -14.65 -11.86
N VAL A 55 -1.70 -14.13 -13.07
CA VAL A 55 -2.99 -14.13 -13.73
C VAL A 55 -3.11 -15.46 -14.48
N VAL A 56 -3.84 -16.40 -13.89
CA VAL A 56 -4.00 -17.72 -14.51
C VAL A 56 -5.10 -17.68 -15.57
N ASN A 57 -6.27 -17.17 -15.21
CA ASN A 57 -7.37 -17.08 -16.16
C ASN A 57 -8.07 -15.73 -16.03
N SER A 58 -8.04 -14.96 -17.12
CA SER A 58 -8.67 -13.65 -17.15
C SER A 58 -9.16 -13.35 -18.56
N THR A 59 -9.88 -12.24 -18.73
CA THR A 59 -10.34 -11.85 -20.05
C THR A 59 -9.45 -10.74 -20.59
N HIS A 60 -8.28 -11.14 -21.07
CA HIS A 60 -7.30 -10.21 -21.63
C HIS A 60 -6.23 -11.03 -22.36
N PRO A 61 -6.07 -10.85 -23.65
CA PRO A 61 -5.06 -11.62 -24.41
C PRO A 61 -3.62 -11.25 -24.06
N GLY A 62 -3.44 -10.22 -23.21
CA GLY A 62 -2.09 -9.77 -22.86
C GLY A 62 -1.80 -9.76 -21.36
N TYR A 63 -2.55 -10.52 -20.56
CA TYR A 63 -2.27 -10.55 -19.11
C TYR A 63 -2.44 -11.95 -18.52
N VAL A 64 -3.23 -12.81 -19.17
CA VAL A 64 -3.49 -14.16 -18.67
C VAL A 64 -2.26 -15.07 -18.81
N GLY A 65 -2.08 -15.97 -17.84
CA GLY A 65 -0.97 -16.93 -17.90
C GLY A 65 0.36 -16.36 -17.39
N ILE A 66 0.34 -15.15 -16.84
CA ILE A 66 1.59 -14.54 -16.39
C ILE A 66 1.73 -14.48 -14.87
N GLU A 67 3.00 -14.34 -14.42
CA GLU A 67 3.32 -14.25 -13.00
C GLU A 67 4.16 -12.99 -12.72
N GLY A 68 3.66 -12.14 -11.83
CA GLY A 68 4.35 -10.89 -11.48
C GLY A 68 4.11 -10.48 -10.04
N TYR A 69 4.83 -9.44 -9.59
CA TYR A 69 4.67 -8.92 -8.23
C TYR A 69 3.56 -7.88 -8.18
N VAL A 70 2.56 -8.11 -7.33
CA VAL A 70 1.42 -7.19 -7.21
C VAL A 70 1.88 -5.77 -6.89
N ILE A 71 1.04 -4.78 -7.20
CA ILE A 71 1.39 -3.39 -6.94
C ILE A 71 0.19 -2.55 -6.51
N ASP A 72 -0.83 -2.45 -7.39
CA ASP A 72 -1.99 -1.61 -7.10
C ASP A 72 -3.21 -2.40 -6.63
N GLU A 73 -4.00 -1.74 -5.77
CA GLU A 73 -5.23 -2.32 -5.25
C GLU A 73 -6.18 -1.19 -4.88
N THR A 74 -7.22 -1.00 -5.68
CA THR A 74 -8.17 0.07 -5.42
C THR A 74 -9.51 -0.21 -6.09
N ARG A 75 -10.45 0.70 -5.86
CA ARG A 75 -11.79 0.57 -6.41
C ARG A 75 -11.78 0.38 -7.93
N ASN A 76 -10.61 0.46 -8.56
CA ASN A 76 -10.58 0.32 -10.03
C ASN A 76 -9.42 -0.54 -10.55
N MET A 77 -8.56 -1.10 -9.71
CA MET A 77 -7.47 -1.90 -10.27
C MET A 77 -6.72 -2.79 -9.28
N LEU A 78 -5.94 -3.68 -9.89
CA LEU A 78 -5.06 -4.63 -9.22
C LEU A 78 -3.91 -4.84 -10.22
N VAL A 79 -2.72 -4.33 -9.86
CA VAL A 79 -1.58 -4.37 -10.80
C VAL A 79 -0.43 -5.26 -10.34
N ILE A 80 0.22 -5.87 -11.32
CA ILE A 80 1.35 -6.76 -11.10
C ILE A 80 2.55 -6.30 -11.97
N ALA A 81 3.78 -6.38 -11.44
CA ALA A 81 4.96 -5.91 -12.20
C ALA A 81 5.86 -7.07 -12.63
N GLY A 82 6.34 -7.02 -13.89
CA GLY A 82 7.23 -8.04 -14.41
C GLY A 82 8.14 -7.47 -15.49
N GLU A 83 9.45 -7.53 -15.25
CA GLU A 83 10.42 -7.00 -16.22
C GLU A 83 10.27 -5.50 -16.36
N ASN A 84 10.04 -5.03 -17.59
CA ASN A 84 9.88 -3.60 -17.86
C ASN A 84 8.45 -3.29 -18.26
N LYS A 85 7.54 -4.19 -17.90
CA LYS A 85 6.12 -4.02 -18.23
C LYS A 85 5.25 -4.22 -16.99
N VAL A 86 3.99 -3.81 -17.06
CA VAL A 86 3.09 -4.00 -15.93
C VAL A 86 1.88 -4.83 -16.34
N TRP A 87 1.28 -5.47 -15.36
CA TRP A 87 0.12 -6.32 -15.58
C TRP A 87 -1.13 -5.62 -15.09
N LYS A 88 -1.94 -5.12 -16.02
CA LYS A 88 -3.17 -4.44 -15.64
C LYS A 88 -4.37 -5.37 -15.77
N VAL A 89 -4.95 -5.76 -14.64
CA VAL A 89 -6.10 -6.66 -14.66
C VAL A 89 -6.99 -6.39 -13.43
N PRO A 90 -8.02 -5.61 -13.60
CA PRO A 90 -8.94 -5.31 -12.47
C PRO A 90 -9.52 -6.58 -11.87
N LYS A 91 -9.75 -6.53 -10.57
CA LYS A 91 -10.26 -7.68 -9.82
C LYS A 91 -11.56 -8.24 -10.43
N ASP A 92 -12.35 -7.37 -11.07
CA ASP A 92 -13.62 -7.81 -11.64
C ASP A 92 -13.48 -8.44 -13.03
N VAL A 93 -12.29 -8.40 -13.62
CA VAL A 93 -12.09 -8.99 -14.95
C VAL A 93 -10.94 -10.00 -14.95
N CYS A 94 -10.60 -10.55 -13.80
CA CYS A 94 -9.50 -11.51 -13.74
C CYS A 94 -9.48 -12.30 -12.44
N ILE A 95 -8.83 -13.47 -12.49
CA ILE A 95 -8.67 -14.33 -11.33
C ILE A 95 -7.21 -14.36 -10.93
N PHE A 96 -6.92 -14.01 -9.68
CA PHE A 96 -5.54 -13.97 -9.20
C PHE A 96 -5.18 -15.19 -8.39
N GLU A 97 -3.93 -15.62 -8.53
CA GLU A 97 -3.42 -16.72 -7.75
C GLU A 97 -2.15 -16.23 -7.06
N PHE A 98 -2.27 -15.81 -5.80
CA PHE A 98 -1.11 -15.34 -5.06
C PHE A 98 -0.48 -16.52 -4.34
N GLU A 99 0.84 -16.52 -4.20
CA GLU A 99 1.51 -17.64 -3.55
C GLU A 99 1.62 -17.38 -2.06
N THR A 100 1.22 -18.37 -1.26
CA THR A 100 1.27 -18.22 0.18
C THR A 100 2.72 -18.08 0.64
N TRP A 101 2.89 -17.23 1.64
CA TRP A 101 4.18 -16.94 2.23
C TRP A 101 4.86 -18.18 2.80
N ASP A 102 4.19 -19.33 2.69
CA ASP A 102 4.76 -20.59 3.18
C ASP A 102 5.19 -21.45 1.99
N GLY A 103 5.05 -20.88 0.79
CA GLY A 103 5.40 -21.59 -0.44
C GLY A 103 4.20 -22.37 -0.95
N THR A 104 3.01 -21.93 -0.55
CA THR A 104 1.77 -22.59 -0.96
C THR A 104 1.03 -21.74 -2.00
N LYS A 105 0.29 -22.39 -2.89
CA LYS A 105 -0.45 -21.67 -3.93
C LYS A 105 -1.85 -21.30 -3.46
N ILE A 106 -2.22 -20.03 -3.60
CA ILE A 106 -3.54 -19.56 -3.23
C ILE A 106 -4.36 -19.35 -4.50
N LYS A 107 -5.60 -19.81 -4.48
CA LYS A 107 -6.47 -19.66 -5.65
C LYS A 107 -7.69 -18.86 -5.27
N ILE A 108 -7.68 -17.59 -5.64
CA ILE A 108 -8.80 -16.74 -5.29
C ILE A 108 -9.12 -15.76 -6.42
N SER A 109 -10.40 -15.66 -6.75
CA SER A 109 -10.84 -14.78 -7.82
C SER A 109 -10.80 -13.32 -7.38
N GLY A 110 -10.47 -12.45 -8.33
CA GLY A 110 -10.39 -11.03 -8.06
C GLY A 110 -11.74 -10.46 -7.68
N GLU A 111 -12.76 -11.29 -7.69
CA GLU A 111 -14.07 -10.79 -7.36
C GLU A 111 -14.31 -10.68 -5.86
N LYS A 112 -13.56 -11.44 -5.07
CA LYS A 112 -13.74 -11.40 -3.61
C LYS A 112 -13.25 -10.06 -3.05
N LEU A 113 -12.09 -9.61 -3.50
CA LEU A 113 -11.54 -8.33 -3.04
C LEU A 113 -11.84 -7.23 -4.05
N VAL A 114 -12.95 -7.39 -4.76
CA VAL A 114 -13.32 -6.43 -5.79
C VAL A 114 -13.38 -4.99 -5.31
N GLY A 115 -12.36 -4.23 -5.72
CA GLY A 115 -12.30 -2.81 -5.44
C GLY A 115 -12.08 -2.45 -3.97
N ARG A 116 -12.74 -3.16 -3.08
CA ARG A 116 -12.66 -2.83 -1.65
C ARG A 116 -11.70 -3.72 -0.86
N PRO A 117 -10.42 -3.40 -0.82
CA PRO A 117 -9.47 -4.18 0.02
C PRO A 117 -9.88 -4.06 1.47
N GLU A 118 -10.62 -2.99 1.74
CA GLU A 118 -11.11 -2.73 3.08
C GLU A 118 -12.16 -3.76 3.48
N MET A 119 -13.22 -3.83 2.65
CA MET A 119 -14.32 -4.76 2.91
C MET A 119 -13.88 -5.96 3.74
N ARG A 120 -12.77 -6.56 3.35
CA ARG A 120 -12.26 -7.73 4.06
C ARG A 120 -11.45 -7.32 5.30
N LEU A 121 -10.50 -6.41 5.13
CA LEU A 121 -9.69 -5.97 6.27
C LEU A 121 -10.58 -5.56 7.45
N LYS A 122 -11.69 -4.89 7.16
CA LYS A 122 -12.58 -4.45 8.22
C LYS A 122 -13.62 -5.50 8.58
N LYS A 123 -14.07 -6.26 7.60
CA LYS A 123 -15.07 -7.30 7.85
C LYS A 123 -16.31 -6.69 8.51
N ARG A 124 -17.48 -7.23 8.20
CA ARG A 124 -18.72 -6.73 8.77
C ARG A 124 -19.56 -7.88 9.34
N TRP A 125 -20.34 -7.57 10.36
CA TRP A 125 -21.19 -8.58 11.00
C TRP A 125 -22.60 -8.55 10.42
N ARG A 126 -23.21 -7.38 10.41
CA ARG A 126 -24.57 -7.23 9.89
C ARG A 126 -25.47 -8.33 10.43
N LYS A 127 -26.14 -8.05 11.54
CA LYS A 127 -27.04 -9.03 12.15
C LYS A 127 -28.49 -8.66 11.87
N GLU B 9 -8.02 -12.28 14.38
CA GLU B 9 -7.51 -12.55 13.00
C GLU B 9 -7.51 -11.26 12.19
N LYS B 10 -8.68 -10.65 12.07
CA LYS B 10 -8.78 -9.43 11.30
C LYS B 10 -7.75 -8.42 11.81
N LYS B 11 -7.55 -8.40 13.11
CA LYS B 11 -6.59 -7.51 13.73
C LYS B 11 -5.19 -7.90 13.26
N ARG B 12 -4.96 -9.18 13.34
CA ARG B 12 -3.68 -9.77 13.03
C ARG B 12 -3.30 -9.59 11.55
N ILE B 13 -4.19 -9.96 10.61
CA ILE B 13 -3.86 -9.79 9.20
C ILE B 13 -3.66 -8.31 8.89
N ALA B 14 -4.32 -7.47 9.68
CA ALA B 14 -4.20 -6.04 9.49
C ALA B 14 -2.81 -5.55 9.90
N LYS B 15 -2.28 -6.13 10.98
CA LYS B 15 -0.95 -5.74 11.47
C LYS B 15 0.11 -6.01 10.40
N GLU B 16 0.06 -7.21 9.81
CA GLU B 16 1.04 -7.55 8.78
C GLU B 16 0.82 -6.69 7.54
N ARG B 17 -0.44 -6.43 7.22
CA ARG B 17 -0.79 -5.65 6.04
C ARG B 17 -0.36 -4.20 6.20
N ILE B 18 -0.76 -3.60 7.29
CA ILE B 18 -0.41 -2.21 7.54
C ILE B 18 1.11 -2.04 7.53
N ASP B 19 1.81 -2.97 8.15
CA ASP B 19 3.27 -2.92 8.24
C ASP B 19 3.95 -3.21 6.89
N ILE B 20 3.35 -4.06 6.07
CA ILE B 20 3.97 -4.43 4.80
C ILE B 20 3.94 -3.29 3.78
N LEU B 21 2.76 -2.73 3.52
CA LEU B 21 2.67 -1.64 2.56
C LEU B 21 3.41 -0.45 3.13
N PHE B 22 3.34 -0.33 4.44
CA PHE B 22 4.01 0.72 5.14
C PHE B 22 5.48 0.76 4.72
N SER B 23 6.08 -0.42 4.65
CA SER B 23 7.46 -0.51 4.22
C SER B 23 7.58 -0.28 2.72
N LEU B 24 6.55 -0.69 1.97
CA LEU B 24 6.54 -0.53 0.54
C LEU B 24 6.43 0.95 0.18
N ALA B 25 5.37 1.60 0.65
CA ALA B 25 5.17 3.02 0.38
C ALA B 25 6.43 3.82 0.71
N GLU B 26 7.07 3.50 1.83
CA GLU B 26 8.28 4.20 2.23
C GLU B 26 9.36 4.04 1.15
N ARG B 27 9.58 2.79 0.78
CA ARG B 27 10.58 2.44 -0.22
C ARG B 27 10.24 2.94 -1.63
N VAL B 28 8.97 2.91 -2.01
CA VAL B 28 8.64 3.37 -3.34
C VAL B 28 8.39 4.88 -3.36
N PHE B 29 7.69 5.47 -2.38
CA PHE B 29 7.49 6.91 -2.42
C PHE B 29 8.77 7.56 -2.89
N PRO B 30 9.87 7.18 -2.29
CA PRO B 30 11.21 7.69 -2.69
C PRO B 30 11.35 7.43 -4.16
N TYR B 31 10.99 6.20 -4.49
CA TYR B 31 11.04 5.72 -5.86
C TYR B 31 9.70 5.89 -6.59
N SER B 32 8.60 6.16 -5.85
CA SER B 32 7.29 6.35 -6.49
C SER B 32 6.26 7.02 -5.58
N PRO B 33 6.11 8.31 -5.69
CA PRO B 33 5.13 9.10 -4.86
C PRO B 33 3.68 8.59 -4.94
N GLU B 34 3.21 8.30 -6.15
CA GLU B 34 1.81 7.85 -6.33
C GLU B 34 1.51 6.55 -5.59
N LEU B 35 2.32 5.53 -5.84
CA LEU B 35 2.13 4.24 -5.20
C LEU B 35 2.02 4.39 -3.69
N ALA B 36 3.05 4.96 -3.10
CA ALA B 36 3.05 5.15 -1.67
C ALA B 36 1.80 5.87 -1.25
N LYS B 37 1.31 6.70 -2.15
CA LYS B 37 0.10 7.44 -1.89
C LYS B 37 -1.08 6.47 -1.92
N ARG B 38 -1.05 5.56 -2.90
CA ARG B 38 -2.10 4.56 -3.05
C ARG B 38 -2.17 3.62 -1.84
N TYR B 39 -1.02 3.11 -1.40
CA TYR B 39 -1.03 2.23 -0.25
C TYR B 39 -1.42 3.02 0.98
N VAL B 40 -0.88 4.22 1.02
CA VAL B 40 -1.15 5.10 2.16
C VAL B 40 -2.65 5.09 2.45
N GLU B 41 -3.46 5.12 1.39
CA GLU B 41 -4.90 5.05 1.60
C GLU B 41 -5.23 3.66 2.14
N LEU B 42 -4.54 2.64 1.62
CA LEU B 42 -4.77 1.28 2.07
C LEU B 42 -4.32 1.10 3.53
N ALA B 43 -3.15 1.61 3.85
CA ALA B 43 -2.64 1.50 5.22
C ALA B 43 -3.62 2.13 6.20
N LEU B 44 -4.33 3.15 5.75
CA LEU B 44 -5.28 3.84 6.61
C LEU B 44 -6.49 2.97 6.96
N LEU B 45 -7.18 2.43 5.95
CA LEU B 45 -8.35 1.60 6.25
C LEU B 45 -7.94 0.44 7.13
N VAL B 46 -6.70 0.00 6.96
CA VAL B 46 -6.22 -1.12 7.75
C VAL B 46 -6.24 -0.74 9.21
N GLN B 47 -5.73 0.44 9.51
CA GLN B 47 -5.68 0.91 10.88
C GLN B 47 -7.08 1.20 11.45
N GLN B 48 -7.84 2.06 10.76
CA GLN B 48 -9.18 2.41 11.24
C GLN B 48 -10.23 1.36 10.90
N LYS B 49 -10.24 0.89 9.66
CA LYS B 49 -11.23 -0.09 9.23
C LYS B 49 -10.95 -1.47 9.83
N ALA B 50 -9.68 -1.85 9.94
CA ALA B 50 -9.35 -3.16 10.53
C ALA B 50 -9.26 -2.98 12.04
N LYS B 51 -9.30 -1.72 12.45
CA LYS B 51 -9.25 -1.35 13.86
C LYS B 51 -7.94 -1.79 14.53
N VAL B 52 -6.87 -1.06 14.21
CA VAL B 52 -5.56 -1.34 14.81
C VAL B 52 -5.03 -0.09 15.50
N LYS B 53 -4.16 -0.29 16.49
CA LYS B 53 -3.58 0.84 17.23
C LYS B 53 -2.07 0.95 16.96
N ILE B 54 -1.66 2.06 16.37
CA ILE B 54 -0.26 2.30 16.06
C ILE B 54 0.15 3.73 16.44
N PRO B 55 1.34 3.92 16.94
CA PRO B 55 1.82 5.28 17.35
C PRO B 55 1.81 6.27 16.17
N ARG B 56 2.06 5.76 14.97
CA ARG B 56 2.07 6.59 13.77
C ARG B 56 3.38 7.36 13.65
N LYS B 57 4.41 6.70 13.15
CA LYS B 57 5.71 7.34 12.97
C LYS B 57 5.70 8.18 11.70
N TRP B 58 4.80 7.84 10.79
CA TRP B 58 4.67 8.56 9.53
C TRP B 58 4.39 10.04 9.76
N LYS B 59 4.29 10.43 11.03
CA LYS B 59 4.03 11.82 11.36
C LYS B 59 5.18 12.68 10.81
N ARG B 60 6.18 11.97 10.32
CA ARG B 60 7.37 12.60 9.77
C ARG B 60 7.23 12.80 8.27
N ARG B 61 6.36 12.02 7.65
CA ARG B 61 6.18 12.11 6.21
C ARG B 61 4.73 11.86 5.82
N TYR B 62 3.81 12.20 6.71
CA TYR B 62 2.39 12.01 6.46
C TYR B 62 1.64 13.34 6.58
N CYS B 63 0.54 13.45 5.84
CA CYS B 63 -0.26 14.66 5.86
C CYS B 63 -1.70 14.35 6.26
N LYS B 64 -2.11 14.85 7.42
CA LYS B 64 -3.46 14.63 7.91
C LYS B 64 -4.40 15.66 7.28
N LYS B 65 -3.88 16.40 6.31
CA LYS B 65 -4.64 17.43 5.61
C LYS B 65 -5.17 16.91 4.27
N CYS B 66 -4.34 16.14 3.57
CA CYS B 66 -4.73 15.60 2.26
C CYS B 66 -4.31 14.14 2.12
N HIS B 67 -3.84 13.55 3.21
CA HIS B 67 -3.42 12.15 3.19
C HIS B 67 -2.37 11.91 2.10
N ALA B 68 -1.20 11.41 2.51
CA ALA B 68 -0.13 11.15 1.53
C ALA B 68 1.16 10.76 2.25
N PHE B 69 2.24 10.67 1.46
CA PHE B 69 3.56 10.34 1.98
C PHE B 69 4.51 11.46 1.59
N LEU B 70 4.89 12.30 2.54
CA LEU B 70 5.75 13.43 2.22
C LEU B 70 7.13 13.29 2.81
N VAL B 71 8.14 13.38 1.96
CA VAL B 71 9.53 13.28 2.41
C VAL B 71 10.21 14.64 2.38
N PRO B 72 10.80 15.07 3.47
CA PRO B 72 11.50 16.38 3.54
C PRO B 72 12.43 16.62 2.36
N GLY B 73 12.24 17.74 1.67
CA GLY B 73 13.07 18.08 0.53
C GLY B 73 12.38 17.72 -0.79
N ILE B 74 11.64 16.60 -0.79
CA ILE B 74 10.96 16.16 -2.00
C ILE B 74 9.54 16.72 -2.05
N ASN B 75 8.65 16.14 -1.28
CA ASN B 75 7.27 16.59 -1.23
C ASN B 75 6.93 17.07 0.18
N ALA B 76 7.98 17.36 0.95
CA ALA B 76 7.82 17.81 2.33
C ALA B 76 8.96 18.73 2.75
N ARG B 77 8.76 19.42 3.86
CA ARG B 77 9.77 20.32 4.39
C ARG B 77 9.71 20.33 5.92
N VAL B 78 10.88 20.23 6.55
CA VAL B 78 10.97 20.23 8.01
C VAL B 78 12.04 21.19 8.51
N ARG B 79 11.62 22.25 9.16
CA ARG B 79 12.53 23.25 9.72
C ARG B 79 12.01 23.75 11.06
N LEU B 80 12.92 24.13 11.95
CA LEU B 80 12.50 24.59 13.27
C LEU B 80 13.02 25.99 13.57
N ARG B 81 12.18 26.76 14.25
CA ARG B 81 12.52 28.12 14.63
C ARG B 81 13.22 28.10 15.99
N GLN B 82 14.30 28.88 16.11
CA GLN B 82 15.06 28.94 17.36
C GLN B 82 14.58 30.13 18.20
N LYS B 83 13.72 29.85 19.17
CA LYS B 83 13.19 30.90 20.02
C LYS B 83 12.48 30.30 21.25
N ARG B 84 13.18 30.26 22.38
CA ARG B 84 12.61 29.71 23.61
C ARG B 84 11.81 28.44 23.29
N MET B 85 12.37 27.29 23.63
CA MET B 85 11.69 26.02 23.37
C MET B 85 11.41 25.89 21.87
N PRO B 86 12.45 25.88 21.08
CA PRO B 86 12.34 25.77 19.59
C PRO B 86 11.21 24.83 19.16
N HIS B 87 10.75 24.99 17.92
CA HIS B 87 9.67 24.16 17.40
C HIS B 87 9.89 23.80 15.93
N ILE B 88 9.75 22.52 15.60
CA ILE B 88 9.92 22.05 14.22
C ILE B 88 8.62 22.24 13.46
N VAL B 89 8.75 22.50 12.16
CA VAL B 89 7.58 22.70 11.31
C VAL B 89 7.56 21.67 10.19
N VAL B 90 6.44 20.97 10.04
CA VAL B 90 6.27 19.98 8.98
C VAL B 90 5.12 20.43 8.11
N LYS B 91 5.32 20.43 6.80
CA LYS B 91 4.27 20.93 5.91
C LYS B 91 4.16 20.17 4.59
N CYS B 92 2.92 20.10 4.08
CA CYS B 92 2.65 19.41 2.82
C CYS B 92 2.89 20.34 1.63
N LEU B 93 3.68 19.89 0.66
CA LEU B 93 3.94 20.68 -0.54
C LEU B 93 2.93 20.29 -1.61
N GLU B 94 2.05 19.37 -1.23
CA GLU B 94 0.98 18.90 -2.10
C GLU B 94 -0.23 19.77 -1.80
N CYS B 95 -0.52 19.83 -0.52
CA CYS B 95 -1.60 20.65 -0.01
C CYS B 95 -0.96 21.61 0.98
N GLY B 96 -0.34 22.64 0.45
CA GLY B 96 0.40 23.58 1.27
C GLY B 96 -0.30 23.81 2.60
N HIS B 97 0.15 23.05 3.58
CA HIS B 97 -0.39 23.13 4.94
C HIS B 97 0.75 23.31 5.93
N ILE B 98 0.60 24.26 6.86
CA ILE B 98 1.65 24.52 7.84
C ILE B 98 1.33 23.88 9.19
N MET B 99 2.23 23.04 9.67
CA MET B 99 2.04 22.38 10.98
C MET B 99 3.21 22.70 11.90
N ARG B 100 2.93 22.77 13.20
CA ARG B 100 3.96 23.08 14.18
C ARG B 100 4.30 21.85 15.02
N TYR B 101 5.57 21.75 15.45
CA TYR B 101 6.02 20.61 16.25
C TYR B 101 7.05 21.06 17.28
N PRO B 102 6.65 21.32 18.49
CA PRO B 102 7.59 21.76 19.57
C PRO B 102 8.75 20.81 19.74
N TYR B 103 9.74 21.25 20.51
CA TYR B 103 10.92 20.44 20.78
C TYR B 103 11.35 20.62 22.22
N ILE B 104 10.77 19.82 23.12
CA ILE B 104 11.09 19.91 24.53
C ILE B 104 11.87 18.67 24.98
N LYS B 105 12.99 18.89 25.66
CA LYS B 105 13.82 17.80 26.15
C LYS B 105 13.25 17.23 27.45
N GLN A 17 0.41 9.71 -14.13
CA GLN A 17 -0.51 9.17 -13.09
C GLN A 17 -0.21 7.69 -12.88
N GLY A 18 0.56 7.11 -13.79
CA GLY A 18 0.93 5.69 -13.70
C GLY A 18 2.39 5.54 -13.30
N SER A 19 2.65 5.55 -11.99
CA SER A 19 4.01 5.42 -11.49
C SER A 19 4.58 4.05 -11.87
N TYR A 20 3.71 3.08 -12.09
CA TYR A 20 4.15 1.73 -12.46
C TYR A 20 5.33 1.80 -13.44
N GLN A 21 5.10 2.43 -14.58
CA GLN A 21 6.14 2.54 -15.60
C GLN A 21 7.45 3.05 -14.99
N GLU A 22 7.35 3.59 -13.77
CA GLU A 22 8.53 4.10 -13.09
C GLU A 22 8.98 3.15 -11.98
N ILE A 23 8.02 2.47 -11.36
CA ILE A 23 8.33 1.54 -10.28
C ILE A 23 8.33 0.09 -10.76
N ILE A 24 8.44 -0.09 -12.07
CA ILE A 24 8.43 -1.44 -12.64
C ILE A 24 9.80 -2.11 -12.50
N GLY A 25 9.85 -3.22 -11.76
CA GLY A 25 11.09 -3.97 -11.60
C GLY A 25 11.64 -3.95 -10.17
N ARG A 26 11.52 -2.83 -9.47
CA ARG A 26 12.04 -2.73 -8.11
C ARG A 26 11.33 -3.70 -7.18
N THR A 27 10.92 -4.84 -7.72
CA THR A 27 10.26 -5.85 -6.92
C THR A 27 11.01 -6.04 -5.60
N TRP A 28 12.20 -5.46 -5.56
CA TRP A 28 13.05 -5.52 -4.37
C TRP A 28 12.33 -4.89 -3.19
N ILE A 29 11.99 -3.61 -3.34
CA ILE A 29 11.32 -2.91 -2.27
C ILE A 29 9.99 -3.57 -1.95
N PHE A 30 9.58 -4.49 -2.82
CA PHE A 30 8.34 -5.20 -2.62
C PHE A 30 8.65 -6.51 -1.90
N ARG A 31 9.92 -6.91 -1.97
CA ARG A 31 10.35 -8.13 -1.31
C ARG A 31 10.58 -7.86 0.17
N GLY A 32 11.62 -7.09 0.46
CA GLY A 32 11.92 -6.73 1.84
C GLY A 32 10.90 -5.71 2.32
N ALA A 33 9.64 -5.99 1.99
CA ALA A 33 8.56 -5.11 2.36
C ALA A 33 7.27 -5.92 2.34
N HIS A 34 7.17 -6.82 1.35
CA HIS A 34 6.00 -7.67 1.25
C HIS A 34 6.36 -9.11 1.59
N ARG A 35 6.05 -9.51 2.82
CA ARG A 35 6.33 -10.88 3.26
C ARG A 35 5.37 -11.30 4.37
N GLY A 36 4.30 -10.52 4.55
CA GLY A 36 3.31 -10.84 5.58
C GLY A 36 3.01 -12.34 5.53
N ARG A 37 2.39 -12.88 6.57
CA ARG A 37 2.08 -14.30 6.54
C ARG A 37 1.02 -14.53 5.49
N VAL A 38 1.39 -15.23 4.42
CA VAL A 38 0.44 -15.44 3.35
C VAL A 38 -0.39 -16.72 3.49
N ASN A 39 -1.67 -16.56 3.21
CA ASN A 39 -2.62 -17.67 3.27
C ASN A 39 -3.90 -17.22 2.55
N LYS A 40 -4.59 -18.13 1.87
CA LYS A 40 -5.81 -17.75 1.17
C LYS A 40 -6.68 -16.90 2.10
N LYS A 41 -6.98 -17.45 3.28
CA LYS A 41 -7.75 -16.72 4.28
C LYS A 41 -6.99 -15.48 4.70
N ASN A 42 -5.77 -15.36 4.17
CA ASN A 42 -4.92 -14.22 4.48
C ASN A 42 -4.52 -13.46 3.21
N ILE A 43 -4.91 -13.96 2.03
CA ILE A 43 -4.58 -13.29 0.77
C ILE A 43 -5.64 -12.27 0.37
N VAL A 44 -6.91 -12.61 0.56
CA VAL A 44 -7.97 -11.68 0.21
C VAL A 44 -8.21 -10.80 1.43
N TRP A 45 -7.30 -10.96 2.36
CA TRP A 45 -7.30 -10.23 3.62
C TRP A 45 -5.97 -9.48 3.72
N HIS A 46 -4.90 -10.13 3.28
CA HIS A 46 -3.58 -9.49 3.29
C HIS A 46 -3.62 -8.22 2.47
N GLU A 47 -2.51 -7.50 2.50
CA GLU A 47 -2.38 -6.29 1.71
C GLU A 47 -1.56 -6.66 0.49
N LEU A 48 -2.15 -6.71 -0.69
CA LEU A 48 -1.34 -7.07 -1.84
C LEU A 48 -0.51 -5.87 -2.22
N ILE A 49 0.80 -6.02 -2.12
CA ILE A 49 1.71 -4.95 -2.47
C ILE A 49 3.11 -5.54 -2.67
N GLY A 50 3.15 -6.70 -3.32
CA GLY A 50 4.42 -7.38 -3.59
C GLY A 50 4.22 -8.88 -3.79
N LEU A 51 3.20 -9.44 -3.15
CA LEU A 51 2.92 -10.87 -3.27
C LEU A 51 3.01 -11.30 -4.74
N LYS A 52 3.63 -12.44 -5.00
CA LYS A 52 3.77 -12.92 -6.37
C LYS A 52 2.46 -13.54 -6.86
N VAL A 53 2.00 -13.11 -8.03
CA VAL A 53 0.77 -13.63 -8.60
C VAL A 53 0.82 -13.63 -10.12
N ARG A 54 -0.16 -14.29 -10.71
CA ARG A 54 -0.25 -14.38 -12.14
C ARG A 54 -1.69 -14.23 -12.61
N VAL A 55 -1.84 -13.63 -13.78
CA VAL A 55 -3.14 -13.48 -14.39
C VAL A 55 -3.27 -14.61 -15.39
N VAL A 56 -3.94 -15.67 -14.99
CA VAL A 56 -4.10 -16.84 -15.86
C VAL A 56 -5.37 -16.71 -16.68
N ASN A 57 -6.49 -16.43 -16.01
CA ASN A 57 -7.76 -16.25 -16.71
C ASN A 57 -8.36 -14.92 -16.31
N SER A 58 -8.53 -14.04 -17.28
CA SER A 58 -9.10 -12.73 -17.02
C SER A 58 -9.87 -12.24 -18.24
N THR A 59 -10.78 -11.29 -18.02
CA THR A 59 -11.51 -10.73 -19.15
C THR A 59 -10.68 -9.56 -19.67
N HIS A 60 -9.67 -9.91 -20.46
CA HIS A 60 -8.75 -8.94 -21.05
C HIS A 60 -7.93 -9.66 -22.13
N PRO A 61 -8.06 -9.30 -23.38
CA PRO A 61 -7.31 -9.97 -24.47
C PRO A 61 -5.80 -9.73 -24.44
N GLY A 62 -5.32 -8.89 -23.52
CA GLY A 62 -3.88 -8.60 -23.47
C GLY A 62 -3.31 -8.60 -22.05
N TYR A 63 -3.85 -9.42 -21.15
CA TYR A 63 -3.32 -9.47 -19.78
C TYR A 63 -3.29 -10.90 -19.23
N VAL A 64 -4.10 -11.77 -19.80
CA VAL A 64 -4.15 -13.17 -19.35
C VAL A 64 -2.89 -13.93 -19.75
N GLY A 65 -2.35 -14.76 -18.86
CA GLY A 65 -1.18 -15.57 -19.19
C GLY A 65 0.15 -14.98 -18.69
N ILE A 66 0.11 -13.90 -17.92
CA ILE A 66 1.36 -13.29 -17.44
C ILE A 66 1.51 -13.40 -15.91
N GLU A 67 2.77 -13.30 -15.43
CA GLU A 67 3.08 -13.39 -13.99
C GLU A 67 3.85 -12.15 -13.50
N GLY A 68 3.35 -11.50 -12.44
CA GLY A 68 4.00 -10.30 -11.90
C GLY A 68 3.84 -10.17 -10.37
N TYR A 69 4.52 -9.15 -9.80
CA TYR A 69 4.46 -8.87 -8.35
C TYR A 69 3.39 -7.80 -8.09
N VAL A 70 2.38 -8.13 -7.28
CA VAL A 70 1.29 -7.18 -6.99
C VAL A 70 1.83 -5.81 -6.60
N ILE A 71 1.05 -4.75 -6.89
CA ILE A 71 1.47 -3.40 -6.56
C ILE A 71 0.29 -2.53 -6.10
N ASP A 72 -0.73 -2.39 -6.95
CA ASP A 72 -1.87 -1.53 -6.62
C ASP A 72 -3.14 -2.31 -6.30
N GLU A 73 -3.90 -1.79 -5.33
CA GLU A 73 -5.17 -2.40 -4.93
C GLU A 73 -6.14 -1.31 -4.53
N THR A 74 -7.14 -1.05 -5.38
CA THR A 74 -8.11 0.00 -5.08
C THR A 74 -9.52 -0.46 -5.43
N ARG A 75 -10.47 0.46 -5.30
CA ARG A 75 -11.87 0.16 -5.57
C ARG A 75 -12.06 -0.50 -6.94
N ASN A 76 -11.22 -0.16 -7.91
CA ASN A 76 -11.37 -0.73 -9.25
C ASN A 76 -10.04 -1.13 -9.89
N MET A 77 -9.04 -1.54 -9.10
CA MET A 77 -7.77 -1.93 -9.72
C MET A 77 -6.95 -2.91 -8.87
N LEU A 78 -6.05 -3.60 -9.58
CA LEU A 78 -5.13 -4.58 -9.00
C LEU A 78 -3.95 -4.66 -9.97
N VAL A 79 -2.78 -4.16 -9.53
CA VAL A 79 -1.60 -4.14 -10.42
C VAL A 79 -0.50 -5.10 -9.96
N ILE A 80 0.20 -5.66 -10.95
CA ILE A 80 1.28 -6.60 -10.69
C ILE A 80 2.50 -6.23 -11.56
N ALA A 81 3.71 -6.34 -11.00
CA ALA A 81 4.92 -5.98 -11.76
C ALA A 81 5.79 -7.22 -12.03
N GLY A 82 6.28 -7.32 -13.27
CA GLY A 82 7.13 -8.44 -13.64
C GLY A 82 8.18 -7.98 -14.66
N GLU A 83 9.27 -8.74 -14.77
CA GLU A 83 10.34 -8.39 -15.70
C GLU A 83 10.48 -6.87 -15.85
N ASN A 84 10.09 -6.35 -17.02
CA ASN A 84 10.16 -4.92 -17.27
C ASN A 84 8.81 -4.39 -17.76
N LYS A 85 7.74 -4.98 -17.25
CA LYS A 85 6.39 -4.58 -17.65
C LYS A 85 5.44 -4.66 -16.45
N VAL A 86 4.32 -3.96 -16.54
CA VAL A 86 3.35 -3.98 -15.45
C VAL A 86 2.06 -4.65 -15.88
N TRP A 87 1.35 -5.17 -14.90
CA TRP A 87 0.09 -5.85 -15.12
C TRP A 87 -1.07 -4.89 -14.86
N LYS A 88 -2.07 -4.89 -15.74
CA LYS A 88 -3.23 -4.03 -15.55
C LYS A 88 -4.50 -4.87 -15.60
N VAL A 89 -5.00 -5.26 -14.43
CA VAL A 89 -6.21 -6.08 -14.41
C VAL A 89 -7.07 -5.79 -13.18
N PRO A 90 -8.13 -5.03 -13.32
CA PRO A 90 -9.03 -4.72 -12.19
C PRO A 90 -9.54 -6.00 -11.53
N LYS A 91 -9.72 -5.95 -10.22
CA LYS A 91 -10.19 -7.10 -9.46
C LYS A 91 -11.50 -7.67 -10.02
N ASP A 92 -12.38 -6.78 -10.48
CA ASP A 92 -13.67 -7.21 -11.01
C ASP A 92 -13.56 -7.75 -12.45
N VAL A 93 -12.38 -7.63 -13.06
CA VAL A 93 -12.21 -8.10 -14.44
C VAL A 93 -11.06 -9.10 -14.55
N CYS A 94 -10.78 -9.86 -13.48
CA CYS A 94 -9.67 -10.81 -13.57
C CYS A 94 -9.63 -11.81 -12.42
N ILE A 95 -8.82 -12.86 -12.63
CA ILE A 95 -8.62 -13.91 -11.63
C ILE A 95 -7.16 -13.87 -11.19
N PHE A 96 -6.92 -13.94 -9.89
CA PHE A 96 -5.54 -13.86 -9.38
C PHE A 96 -5.09 -15.12 -8.67
N GLU A 97 -3.92 -15.61 -9.05
CA GLU A 97 -3.36 -16.75 -8.35
C GLU A 97 -2.06 -16.28 -7.72
N PHE A 98 -2.12 -15.87 -6.46
CA PHE A 98 -0.94 -15.40 -5.76
C PHE A 98 -0.28 -16.61 -5.10
N GLU A 99 1.05 -16.62 -5.01
CA GLU A 99 1.73 -17.78 -4.43
C GLU A 99 1.88 -17.63 -2.93
N THR A 100 1.44 -18.65 -2.20
CA THR A 100 1.51 -18.61 -0.74
C THR A 100 2.96 -18.56 -0.28
N TRP A 101 3.18 -17.79 0.78
CA TRP A 101 4.50 -17.59 1.35
C TRP A 101 5.13 -18.89 1.86
N ASP A 102 4.40 -20.00 1.72
CA ASP A 102 4.90 -21.30 2.14
C ASP A 102 5.25 -22.12 0.92
N GLY A 103 5.37 -21.44 -0.22
CA GLY A 103 5.68 -22.12 -1.48
C GLY A 103 4.45 -22.85 -1.98
N THR A 104 3.28 -22.39 -1.55
CA THR A 104 2.02 -23.00 -1.95
C THR A 104 1.28 -22.11 -2.96
N LYS A 105 0.51 -22.72 -3.84
CA LYS A 105 -0.23 -21.97 -4.85
C LYS A 105 -1.64 -21.64 -4.35
N ILE A 106 -2.04 -20.38 -4.50
CA ILE A 106 -3.37 -19.94 -4.07
C ILE A 106 -4.25 -19.68 -5.29
N LYS A 107 -5.48 -20.16 -5.23
CA LYS A 107 -6.41 -19.96 -6.33
C LYS A 107 -7.58 -19.15 -5.82
N ILE A 108 -7.58 -17.85 -6.12
CA ILE A 108 -8.65 -16.99 -5.63
C ILE A 108 -9.10 -16.00 -6.70
N SER A 109 -10.41 -15.80 -6.78
CA SER A 109 -10.97 -14.89 -7.77
C SER A 109 -10.81 -13.44 -7.34
N GLY A 110 -10.66 -12.56 -8.32
CA GLY A 110 -10.50 -11.14 -8.06
C GLY A 110 -11.78 -10.50 -7.57
N GLU A 111 -12.84 -11.30 -7.49
CA GLU A 111 -14.10 -10.73 -7.04
C GLU A 111 -14.25 -10.74 -5.52
N LYS A 112 -13.50 -11.61 -4.83
CA LYS A 112 -13.60 -11.67 -3.38
C LYS A 112 -13.15 -10.35 -2.76
N LEU A 113 -12.01 -9.85 -3.21
CA LEU A 113 -11.48 -8.58 -2.72
C LEU A 113 -11.91 -7.46 -3.66
N VAL A 114 -13.05 -7.65 -4.31
CA VAL A 114 -13.52 -6.68 -5.29
C VAL A 114 -13.57 -5.26 -4.74
N GLY A 115 -12.59 -4.46 -5.16
CA GLY A 115 -12.53 -3.05 -4.83
C GLY A 115 -12.27 -2.76 -3.36
N ARG A 116 -12.90 -3.53 -2.49
CA ARG A 116 -12.80 -3.28 -1.06
C ARG A 116 -11.85 -4.23 -0.32
N PRO A 117 -10.57 -3.92 -0.23
CA PRO A 117 -9.63 -4.76 0.55
C PRO A 117 -9.97 -4.61 2.03
N GLU A 118 -10.59 -3.47 2.31
CA GLU A 118 -10.99 -3.14 3.66
C GLU A 118 -12.08 -4.09 4.16
N MET A 119 -13.18 -4.16 3.40
CA MET A 119 -14.30 -5.02 3.77
C MET A 119 -13.82 -6.28 4.46
N ARG A 120 -12.75 -6.87 3.96
CA ARG A 120 -12.22 -8.09 4.55
C ARG A 120 -11.46 -7.78 5.84
N LEU A 121 -10.64 -6.73 5.83
CA LEU A 121 -9.88 -6.37 7.04
C LEU A 121 -10.85 -6.00 8.17
N LYS A 122 -11.93 -5.27 7.86
CA LYS A 122 -12.89 -4.93 8.91
C LYS A 122 -13.90 -6.07 9.07
N LYS A 123 -14.08 -6.85 8.01
CA LYS A 123 -15.02 -7.98 8.03
C LYS A 123 -16.24 -7.66 8.89
N ARG A 124 -17.21 -6.96 8.29
CA ARG A 124 -18.43 -6.61 9.01
C ARG A 124 -19.64 -6.78 8.09
N TRP A 125 -20.62 -7.57 8.55
CA TRP A 125 -21.82 -7.80 7.76
C TRP A 125 -22.28 -6.51 7.09
N ARG A 126 -23.02 -6.64 6.00
CA ARG A 126 -23.50 -5.46 5.28
C ARG A 126 -23.90 -4.36 6.24
N LYS A 127 -22.94 -3.51 6.57
CA LYS A 127 -23.19 -2.40 7.50
C LYS A 127 -24.00 -2.88 8.69
N GLU B 9 -7.30 -13.55 14.14
CA GLU B 9 -6.96 -13.85 12.73
C GLU B 9 -7.15 -12.61 11.88
N LYS B 10 -8.11 -11.78 12.25
CA LYS B 10 -8.36 -10.57 11.49
C LYS B 10 -7.37 -9.45 11.81
N LYS B 11 -7.11 -9.23 13.10
CA LYS B 11 -6.19 -8.18 13.50
C LYS B 11 -4.78 -8.65 13.19
N ARG B 12 -4.63 -9.93 13.31
CA ARG B 12 -3.39 -10.61 13.10
C ARG B 12 -2.93 -10.45 11.65
N ILE B 13 -3.82 -10.76 10.70
CA ILE B 13 -3.48 -10.60 9.30
C ILE B 13 -3.27 -9.12 9.02
N ALA B 14 -3.95 -8.30 9.81
CA ALA B 14 -3.83 -6.85 9.67
C ALA B 14 -2.41 -6.41 10.00
N LYS B 15 -1.89 -6.88 11.14
CA LYS B 15 -0.55 -6.51 11.54
C LYS B 15 0.43 -6.79 10.40
N GLU B 16 0.36 -7.99 9.82
CA GLU B 16 1.25 -8.32 8.71
C GLU B 16 0.84 -7.52 7.47
N ARG B 17 -0.46 -7.34 7.27
CA ARG B 17 -0.94 -6.59 6.11
C ARG B 17 -0.51 -5.12 6.21
N ILE B 18 -0.82 -4.52 7.35
CA ILE B 18 -0.52 -3.12 7.61
C ILE B 18 0.99 -2.84 7.62
N ASP B 19 1.76 -3.71 8.25
CA ASP B 19 3.21 -3.51 8.34
C ASP B 19 3.88 -3.75 6.98
N ILE B 20 3.22 -4.51 6.11
CA ILE B 20 3.78 -4.83 4.80
C ILE B 20 3.72 -3.65 3.83
N LEU B 21 2.53 -3.12 3.60
CA LEU B 21 2.38 -1.99 2.71
C LEU B 21 3.15 -0.83 3.29
N PHE B 22 3.12 -0.77 4.60
CA PHE B 22 3.83 0.24 5.33
C PHE B 22 5.28 0.27 4.88
N SER B 23 5.86 -0.91 4.75
CA SER B 23 7.23 -1.00 4.28
C SER B 23 7.36 -0.48 2.85
N LEU B 24 6.38 -0.81 2.00
CA LEU B 24 6.41 -0.34 0.61
C LEU B 24 6.49 1.17 0.61
N ALA B 25 5.49 1.77 1.23
CA ALA B 25 5.37 3.21 1.28
C ALA B 25 6.67 3.89 1.72
N GLU B 26 7.44 3.24 2.60
CA GLU B 26 8.70 3.83 3.05
C GLU B 26 9.76 3.67 1.96
N ARG B 27 9.96 2.43 1.58
CA ARG B 27 10.94 2.05 0.58
C ARG B 27 10.56 2.56 -0.82
N VAL B 28 9.28 2.57 -1.13
CA VAL B 28 8.88 3.03 -2.45
C VAL B 28 8.70 4.54 -2.49
N PHE B 29 7.96 5.15 -1.55
CA PHE B 29 7.81 6.60 -1.61
C PHE B 29 9.10 7.22 -2.08
N PRO B 30 10.19 6.83 -1.49
CA PRO B 30 11.53 7.31 -1.90
C PRO B 30 11.65 7.04 -3.36
N TYR B 31 11.28 5.80 -3.68
CA TYR B 31 11.30 5.30 -5.02
C TYR B 31 9.94 5.44 -5.74
N SER B 32 8.86 5.69 -5.00
CA SER B 32 7.54 5.82 -5.63
C SER B 32 6.54 6.61 -4.79
N PRO B 33 6.47 7.89 -4.98
CA PRO B 33 5.52 8.77 -4.23
C PRO B 33 4.05 8.33 -4.33
N GLU B 34 3.62 7.92 -5.53
CA GLU B 34 2.23 7.52 -5.75
C GLU B 34 1.87 6.25 -4.98
N LEU B 35 2.64 5.20 -5.20
CA LEU B 35 2.38 3.93 -4.53
C LEU B 35 2.26 4.15 -3.03
N ALA B 36 3.29 4.74 -2.45
CA ALA B 36 3.27 5.00 -1.03
C ALA B 36 2.02 5.76 -0.68
N LYS B 37 1.56 6.56 -1.62
CA LYS B 37 0.35 7.34 -1.42
C LYS B 37 -0.86 6.42 -1.43
N ARG B 38 -0.91 5.55 -2.42
CA ARG B 38 -2.00 4.64 -2.57
C ARG B 38 -2.12 3.72 -1.35
N TYR B 39 -1.04 3.05 -0.95
CA TYR B 39 -1.13 2.17 0.21
C TYR B 39 -1.53 2.97 1.41
N VAL B 40 -0.92 4.14 1.52
CA VAL B 40 -1.21 4.99 2.66
C VAL B 40 -2.72 5.02 2.84
N GLU B 41 -3.43 4.94 1.74
CA GLU B 41 -4.89 4.88 1.81
C GLU B 41 -5.28 3.50 2.36
N LEU B 42 -4.64 2.44 1.84
CA LEU B 42 -4.93 1.09 2.32
C LEU B 42 -4.51 0.96 3.79
N ALA B 43 -3.29 1.39 4.10
CA ALA B 43 -2.81 1.31 5.47
C ALA B 43 -3.74 2.05 6.42
N LEU B 44 -4.38 3.11 5.92
CA LEU B 44 -5.29 3.89 6.75
C LEU B 44 -6.47 3.06 7.23
N LEU B 45 -7.15 2.37 6.31
CA LEU B 45 -8.31 1.56 6.70
C LEU B 45 -7.92 0.45 7.67
N VAL B 46 -6.78 -0.16 7.44
CA VAL B 46 -6.34 -1.28 8.26
C VAL B 46 -6.15 -0.86 9.71
N GLN B 47 -5.45 0.23 9.89
CA GLN B 47 -5.18 0.73 11.21
C GLN B 47 -6.50 0.94 11.95
N GLN B 48 -7.44 1.62 11.31
CA GLN B 48 -8.74 1.88 11.91
C GLN B 48 -9.68 0.65 11.79
N LYS B 49 -9.89 0.19 10.57
CA LYS B 49 -10.77 -0.96 10.32
C LYS B 49 -10.32 -2.20 11.06
N ALA B 50 -9.01 -2.47 11.04
CA ALA B 50 -8.51 -3.66 11.71
C ALA B 50 -8.40 -3.40 13.21
N LYS B 51 -8.47 -2.11 13.55
CA LYS B 51 -8.41 -1.67 14.94
C LYS B 51 -7.02 -1.85 15.56
N VAL B 52 -6.00 -1.50 14.82
CA VAL B 52 -4.63 -1.60 15.32
C VAL B 52 -4.19 -0.26 15.92
N LYS B 53 -3.75 -0.27 17.17
CA LYS B 53 -3.31 0.96 17.82
C LYS B 53 -1.79 0.96 18.00
N ILE B 54 -1.11 1.77 17.21
CA ILE B 54 0.34 1.90 17.27
C ILE B 54 0.75 3.37 17.19
N PRO B 55 1.56 3.86 18.09
CA PRO B 55 1.99 5.29 18.08
C PRO B 55 2.13 5.83 16.66
N ARG B 56 1.30 6.82 16.34
CA ARG B 56 1.31 7.41 15.00
C ARG B 56 2.23 8.63 14.93
N LYS B 57 3.53 8.38 14.74
CA LYS B 57 4.50 9.46 14.62
C LYS B 57 4.56 9.92 13.17
N TRP B 58 3.94 9.12 12.30
CA TRP B 58 3.89 9.40 10.87
C TRP B 58 3.41 10.81 10.57
N LYS B 59 3.20 11.62 11.60
CA LYS B 59 2.76 12.99 11.40
C LYS B 59 3.91 13.72 10.72
N ARG B 60 5.00 13.00 10.58
CA ARG B 60 6.21 13.52 9.97
C ARG B 60 6.13 13.46 8.46
N ARG B 61 5.49 12.43 7.93
CA ARG B 61 5.38 12.28 6.49
C ARG B 61 3.94 12.15 6.04
N TYR B 62 3.02 12.60 6.88
CA TYR B 62 1.61 12.53 6.57
C TYR B 62 1.00 13.93 6.49
N CYS B 63 -0.07 14.05 5.73
CA CYS B 63 -0.75 15.32 5.56
C CYS B 63 -2.23 15.20 5.90
N LYS B 64 -2.65 15.86 6.96
CA LYS B 64 -4.05 15.84 7.37
C LYS B 64 -4.87 16.78 6.49
N LYS B 65 -4.20 17.37 5.50
CA LYS B 65 -4.86 18.31 4.59
C LYS B 65 -5.32 17.59 3.32
N CYS B 66 -4.50 16.66 2.85
CA CYS B 66 -4.82 15.92 1.62
C CYS B 66 -4.47 14.42 1.76
N HIS B 67 -3.93 14.03 2.91
CA HIS B 67 -3.58 12.63 3.12
C HIS B 67 -2.51 12.19 2.11
N ALA B 68 -1.43 11.59 2.61
CA ALA B 68 -0.35 11.14 1.73
C ALA B 68 0.88 10.72 2.54
N PHE B 69 1.98 10.47 1.82
CA PHE B 69 3.25 10.09 2.45
C PHE B 69 4.27 11.13 2.02
N LEU B 70 4.61 12.06 2.91
CA LEU B 70 5.54 13.11 2.54
C LEU B 70 6.86 13.02 3.29
N VAL B 71 7.93 12.85 2.55
CA VAL B 71 9.26 12.77 3.15
C VAL B 71 9.94 14.14 3.12
N PRO B 72 10.58 14.55 4.18
CA PRO B 72 11.27 15.86 4.23
C PRO B 72 12.45 15.90 3.27
N GLY B 73 12.37 16.82 2.31
CA GLY B 73 13.43 16.97 1.31
C GLY B 73 12.88 16.73 -0.09
N ILE B 74 11.90 15.83 -0.20
CA ILE B 74 11.31 15.52 -1.50
C ILE B 74 10.00 16.28 -1.70
N ASN B 75 8.93 15.79 -1.08
CA ASN B 75 7.63 16.45 -1.20
C ASN B 75 7.17 16.94 0.16
N ALA B 76 8.14 17.07 1.07
CA ALA B 76 7.85 17.54 2.42
C ALA B 76 9.01 18.38 2.94
N ARG B 77 8.73 19.21 3.93
CA ARG B 77 9.76 20.05 4.52
C ARG B 77 9.47 20.29 5.99
N VAL B 78 10.52 20.07 6.80
CA VAL B 78 10.43 20.27 8.25
C VAL B 78 11.62 21.10 8.72
N ARG B 79 11.38 22.37 9.00
CA ARG B 79 12.45 23.25 9.45
C ARG B 79 11.98 24.05 10.67
N LEU B 80 12.89 24.22 11.62
CA LEU B 80 12.56 24.94 12.84
C LEU B 80 13.53 26.08 13.10
N ARG B 81 12.98 27.15 13.63
CA ARG B 81 13.75 28.35 13.97
C ARG B 81 13.87 28.50 15.48
N GLN B 82 14.81 29.37 15.89
CA GLN B 82 15.05 29.66 17.31
C GLN B 82 15.80 28.51 17.99
N LYS B 83 16.20 28.76 19.24
CA LYS B 83 16.92 27.76 20.03
C LYS B 83 16.61 27.98 21.52
N ARG B 84 15.97 26.98 22.13
CA ARG B 84 15.57 27.02 23.55
C ARG B 84 14.05 26.91 23.63
N MET B 85 13.39 27.45 22.63
CA MET B 85 11.94 27.42 22.53
C MET B 85 11.55 27.59 21.07
N PRO B 86 12.09 26.76 20.22
CA PRO B 86 11.84 26.83 18.74
C PRO B 86 10.58 26.12 18.30
N HIS B 87 10.33 26.16 16.99
CA HIS B 87 9.15 25.52 16.42
C HIS B 87 9.44 25.06 14.98
N ILE B 88 9.11 23.81 14.67
CA ILE B 88 9.33 23.29 13.32
C ILE B 88 8.11 23.55 12.44
N VAL B 89 8.35 23.71 11.15
CA VAL B 89 7.26 23.94 10.20
C VAL B 89 7.15 22.75 9.26
N VAL B 90 6.00 22.10 9.25
CA VAL B 90 5.77 20.94 8.39
C VAL B 90 4.75 21.34 7.33
N LYS B 91 5.05 21.04 6.07
CA LYS B 91 4.13 21.46 5.02
C LYS B 91 4.08 20.47 3.85
N CYS B 92 2.90 20.39 3.23
CA CYS B 92 2.69 19.50 2.09
C CYS B 92 3.06 20.21 0.78
N LEU B 93 3.92 19.60 -0.02
CA LEU B 93 4.32 20.19 -1.29
C LEU B 93 3.33 19.75 -2.38
N GLU B 94 2.40 18.90 -1.97
CA GLU B 94 1.36 18.41 -2.86
C GLU B 94 0.18 19.36 -2.76
N CYS B 95 -0.25 19.53 -1.53
CA CYS B 95 -1.32 20.44 -1.19
C CYS B 95 -0.68 21.50 -0.29
N GLY B 96 0.04 22.40 -0.92
CA GLY B 96 0.79 23.41 -0.20
C GLY B 96 0.03 23.90 1.02
N HIS B 97 0.36 23.26 2.14
CA HIS B 97 -0.23 23.61 3.43
C HIS B 97 0.87 24.05 4.38
N ILE B 98 0.72 25.21 5.00
CA ILE B 98 1.74 25.68 5.92
C ILE B 98 1.31 25.38 7.36
N MET B 99 2.11 24.57 8.07
CA MET B 99 1.79 24.24 9.46
C MET B 99 2.98 24.50 10.37
N ARG B 100 2.71 24.54 11.67
CA ARG B 100 3.76 24.77 12.66
C ARG B 100 3.84 23.61 13.64
N TYR B 101 5.01 23.43 14.26
CA TYR B 101 5.20 22.35 15.21
C TYR B 101 6.15 22.78 16.33
N PRO B 102 5.64 23.31 17.42
CA PRO B 102 6.47 23.73 18.57
C PRO B 102 7.34 22.61 19.08
N TYR B 103 8.31 22.99 19.90
CA TYR B 103 9.24 22.02 20.47
C TYR B 103 8.83 21.65 21.89
N ILE B 104 7.91 20.70 22.00
CA ILE B 104 7.44 20.25 23.31
C ILE B 104 7.76 18.77 23.52
N LYS B 105 8.59 18.50 24.52
CA LYS B 105 8.98 17.12 24.82
C LYS B 105 7.89 16.41 25.61
N GLN A 17 3.59 11.47 -14.87
CA GLN A 17 4.91 10.85 -15.16
C GLN A 17 4.76 9.33 -15.14
N GLY A 18 3.62 8.86 -14.65
CA GLY A 18 3.37 7.42 -14.58
C GLY A 18 4.44 6.73 -13.74
N SER A 19 4.14 6.49 -12.47
CA SER A 19 5.08 5.84 -11.57
C SER A 19 5.45 4.45 -12.08
N TYR A 20 4.42 3.66 -12.42
CA TYR A 20 4.64 2.30 -12.91
C TYR A 20 5.87 2.23 -13.81
N GLN A 21 5.99 3.20 -14.73
CA GLN A 21 7.11 3.23 -15.65
C GLN A 21 8.44 3.30 -14.91
N GLU A 22 8.41 3.75 -13.66
CA GLU A 22 9.63 3.87 -12.86
C GLU A 22 9.73 2.75 -11.82
N ILE A 23 8.60 2.37 -11.21
CA ILE A 23 8.60 1.31 -10.20
C ILE A 23 8.44 -0.06 -10.87
N ILE A 24 8.82 -0.15 -12.13
CA ILE A 24 8.71 -1.41 -12.86
C ILE A 24 9.87 -2.33 -12.51
N GLY A 25 9.55 -3.50 -11.95
CA GLY A 25 10.57 -4.48 -11.60
C GLY A 25 11.21 -4.21 -10.24
N ARG A 26 10.89 -3.07 -9.63
CA ARG A 26 11.45 -2.74 -8.32
C ARG A 26 10.98 -3.76 -7.28
N THR A 27 10.56 -4.93 -7.76
CA THR A 27 10.09 -5.99 -6.89
C THR A 27 10.93 -6.03 -5.61
N TRP A 28 12.09 -5.40 -5.68
CA TRP A 28 12.99 -5.33 -4.53
C TRP A 28 12.28 -4.69 -3.36
N ILE A 29 11.81 -3.47 -3.58
CA ILE A 29 11.14 -2.74 -2.54
C ILE A 29 9.85 -3.43 -2.13
N PHE A 30 9.45 -4.41 -2.94
CA PHE A 30 8.24 -5.17 -2.68
C PHE A 30 8.63 -6.45 -1.97
N ARG A 31 9.77 -7.01 -2.38
CA ARG A 31 10.27 -8.23 -1.78
C ARG A 31 10.53 -7.98 -0.30
N GLY A 32 11.54 -7.16 -0.02
CA GLY A 32 11.86 -6.82 1.36
C GLY A 32 10.79 -5.87 1.88
N ALA A 33 9.55 -6.30 1.72
CA ALA A 33 8.41 -5.51 2.14
C ALA A 33 7.30 -6.47 2.51
N HIS A 34 7.17 -7.53 1.71
CA HIS A 34 6.16 -8.51 1.95
C HIS A 34 6.69 -9.64 2.84
N ARG A 35 6.35 -9.56 4.12
CA ARG A 35 6.77 -10.57 5.09
C ARG A 35 5.56 -11.13 5.83
N GLY A 36 4.46 -10.37 5.82
CA GLY A 36 3.23 -10.81 6.47
C GLY A 36 3.01 -12.29 6.24
N ARG A 37 2.42 -12.98 7.22
CA ARG A 37 2.16 -14.39 7.05
C ARG A 37 1.11 -14.55 5.97
N VAL A 38 1.46 -15.23 4.88
CA VAL A 38 0.52 -15.37 3.78
C VAL A 38 -0.32 -16.63 3.87
N ASN A 39 -1.60 -16.46 3.58
CA ASN A 39 -2.57 -17.55 3.57
C ASN A 39 -3.83 -17.06 2.86
N LYS A 40 -4.58 -17.96 2.21
CA LYS A 40 -5.79 -17.51 1.52
C LYS A 40 -6.63 -16.65 2.45
N LYS A 41 -6.96 -17.23 3.61
CA LYS A 41 -7.71 -16.50 4.63
C LYS A 41 -6.92 -15.26 5.02
N ASN A 42 -5.73 -15.15 4.45
CA ASN A 42 -4.85 -14.03 4.72
C ASN A 42 -4.41 -13.34 3.43
N ILE A 43 -4.87 -13.84 2.27
CA ILE A 43 -4.52 -13.23 0.98
C ILE A 43 -5.49 -12.13 0.59
N VAL A 44 -6.77 -12.35 0.88
CA VAL A 44 -7.77 -11.33 0.55
C VAL A 44 -7.94 -10.44 1.76
N TRP A 45 -7.18 -10.79 2.77
CA TRP A 45 -7.16 -10.10 4.03
C TRP A 45 -5.78 -9.48 4.21
N HIS A 46 -4.98 -9.59 3.15
CA HIS A 46 -3.63 -9.04 3.13
C HIS A 46 -3.56 -7.94 2.08
N GLU A 47 -2.89 -6.86 2.40
CA GLU A 47 -2.76 -5.79 1.43
C GLU A 47 -2.06 -6.33 0.19
N LEU A 48 -2.75 -6.44 -0.93
CA LEU A 48 -2.02 -6.91 -2.10
C LEU A 48 -1.15 -5.75 -2.53
N ILE A 49 0.16 -5.90 -2.48
CA ILE A 49 1.05 -4.79 -2.86
C ILE A 49 2.38 -5.33 -3.35
N GLY A 50 2.78 -6.49 -2.84
CA GLY A 50 4.04 -7.10 -3.24
C GLY A 50 3.89 -8.62 -3.43
N LEU A 51 2.93 -9.22 -2.75
CA LEU A 51 2.70 -10.66 -2.87
C LEU A 51 2.77 -11.05 -4.35
N LYS A 52 3.20 -12.28 -4.62
CA LYS A 52 3.33 -12.74 -6.00
C LYS A 52 2.07 -13.47 -6.46
N VAL A 53 1.57 -13.08 -7.63
CA VAL A 53 0.39 -13.72 -8.23
C VAL A 53 0.49 -13.69 -9.74
N ARG A 54 -0.35 -14.46 -10.40
CA ARG A 54 -0.38 -14.52 -11.84
C ARG A 54 -1.80 -14.43 -12.36
N VAL A 55 -1.96 -13.74 -13.48
CA VAL A 55 -3.26 -13.65 -14.10
C VAL A 55 -3.31 -14.73 -15.16
N VAL A 56 -3.94 -15.85 -14.80
CA VAL A 56 -4.03 -17.01 -15.68
C VAL A 56 -5.16 -16.87 -16.68
N ASN A 57 -6.35 -16.49 -16.20
CA ASN A 57 -7.48 -16.34 -17.12
C ASN A 57 -8.22 -15.02 -16.85
N SER A 58 -8.27 -14.19 -17.87
CA SER A 58 -8.95 -12.91 -17.78
C SER A 58 -9.55 -12.56 -19.15
N THR A 59 -10.34 -11.50 -19.22
CA THR A 59 -10.90 -11.09 -20.50
C THR A 59 -10.13 -9.88 -21.02
N HIS A 60 -8.93 -10.15 -21.54
CA HIS A 60 -8.06 -9.12 -22.10
C HIS A 60 -6.91 -9.80 -22.83
N PRO A 61 -7.00 -9.95 -24.12
CA PRO A 61 -5.94 -10.62 -24.93
C PRO A 61 -4.53 -10.12 -24.59
N GLY A 62 -4.42 -9.11 -23.72
CA GLY A 62 -3.10 -8.55 -23.37
C GLY A 62 -2.77 -8.59 -21.87
N TYR A 63 -3.44 -9.43 -21.08
CA TYR A 63 -3.10 -9.49 -19.65
C TYR A 63 -3.20 -10.92 -19.09
N VAL A 64 -3.97 -11.76 -19.74
CA VAL A 64 -4.14 -13.16 -19.28
C VAL A 64 -2.90 -14.00 -19.60
N GLY A 65 -2.57 -14.93 -18.69
CA GLY A 65 -1.44 -15.83 -18.92
C GLY A 65 -0.10 -15.25 -18.48
N ILE A 66 -0.12 -14.09 -17.83
CA ILE A 66 1.15 -13.48 -17.40
C ILE A 66 1.33 -13.56 -15.88
N GLU A 67 2.59 -13.56 -15.42
CA GLU A 67 2.92 -13.63 -14.00
C GLU A 67 3.65 -12.36 -13.55
N GLY A 68 3.13 -11.70 -12.51
CA GLY A 68 3.75 -10.45 -12.03
C GLY A 68 3.61 -10.26 -10.51
N TYR A 69 4.26 -9.22 -9.99
CA TYR A 69 4.23 -8.88 -8.55
C TYR A 69 3.17 -7.81 -8.29
N VAL A 70 2.16 -8.17 -7.49
CA VAL A 70 1.06 -7.26 -7.17
C VAL A 70 1.56 -5.88 -6.72
N ILE A 71 0.79 -4.83 -7.01
CA ILE A 71 1.18 -3.47 -6.64
C ILE A 71 -0.02 -2.61 -6.23
N ASP A 72 -0.96 -2.40 -7.16
CA ASP A 72 -2.12 -1.53 -6.89
C ASP A 72 -3.42 -2.29 -6.70
N GLU A 73 -4.18 -1.91 -5.66
CA GLU A 73 -5.47 -2.56 -5.40
C GLU A 73 -6.49 -1.56 -4.86
N THR A 74 -7.46 -1.19 -5.68
CA THR A 74 -8.52 -0.26 -5.26
C THR A 74 -9.88 -0.81 -5.67
N ARG A 75 -10.90 0.04 -5.53
CA ARG A 75 -12.26 -0.36 -5.86
C ARG A 75 -12.39 -0.95 -7.27
N ASN A 76 -11.51 -0.55 -8.19
CA ASN A 76 -11.60 -1.07 -9.55
C ASN A 76 -10.23 -1.41 -10.16
N MET A 77 -9.26 -1.82 -9.34
CA MET A 77 -7.96 -2.16 -9.90
C MET A 77 -7.19 -3.18 -9.04
N LEU A 78 -6.22 -3.80 -9.71
CA LEU A 78 -5.33 -4.80 -9.12
C LEU A 78 -4.16 -4.90 -10.10
N VAL A 79 -2.97 -4.42 -9.68
CA VAL A 79 -1.82 -4.40 -10.59
C VAL A 79 -0.66 -5.26 -10.12
N ILE A 80 -0.18 -6.11 -11.03
CA ILE A 80 0.95 -7.00 -10.77
C ILE A 80 2.14 -6.52 -11.63
N ALA A 81 3.38 -6.77 -11.19
CA ALA A 81 4.56 -6.30 -11.94
C ALA A 81 5.57 -7.42 -12.18
N GLY A 82 6.09 -7.45 -13.40
CA GLY A 82 7.09 -8.44 -13.78
C GLY A 82 7.97 -7.88 -14.88
N GLU A 83 9.17 -8.45 -15.04
CA GLU A 83 10.11 -7.99 -16.06
C GLU A 83 9.99 -6.48 -16.25
N ASN A 84 9.82 -6.05 -17.50
CA ASN A 84 9.70 -4.62 -17.81
C ASN A 84 8.28 -4.30 -18.25
N LYS A 85 7.31 -5.02 -17.69
CA LYS A 85 5.90 -4.82 -18.04
C LYS A 85 5.01 -4.84 -16.81
N VAL A 86 3.89 -4.12 -16.86
CA VAL A 86 2.95 -4.10 -15.75
C VAL A 86 1.60 -4.67 -16.17
N TRP A 87 0.86 -5.14 -15.18
CA TRP A 87 -0.45 -5.73 -15.40
C TRP A 87 -1.55 -4.71 -15.13
N LYS A 88 -2.59 -4.72 -15.94
CA LYS A 88 -3.73 -3.84 -15.70
C LYS A 88 -5.00 -4.68 -15.72
N VAL A 89 -5.45 -5.15 -14.55
CA VAL A 89 -6.65 -5.97 -14.54
C VAL A 89 -7.42 -5.83 -13.22
N PRO A 90 -8.54 -5.16 -13.23
CA PRO A 90 -9.37 -4.99 -12.02
C PRO A 90 -9.68 -6.34 -11.37
N LYS A 91 -10.11 -6.29 -10.12
CA LYS A 91 -10.40 -7.49 -9.35
C LYS A 91 -11.60 -8.28 -9.87
N ASP A 92 -12.54 -7.61 -10.53
CA ASP A 92 -13.76 -8.27 -11.01
C ASP A 92 -13.63 -8.82 -12.43
N VAL A 93 -12.52 -8.57 -13.12
CA VAL A 93 -12.39 -9.04 -14.50
C VAL A 93 -11.36 -10.16 -14.66
N CYS A 94 -10.84 -10.71 -13.57
CA CYS A 94 -9.86 -11.79 -13.71
C CYS A 94 -9.70 -12.63 -12.45
N ILE A 95 -8.90 -13.69 -12.58
CA ILE A 95 -8.62 -14.61 -11.48
C ILE A 95 -7.17 -14.48 -11.06
N PHE A 96 -6.93 -14.33 -9.75
CA PHE A 96 -5.57 -14.19 -9.25
C PHE A 96 -5.11 -15.42 -8.50
N GLU A 97 -3.97 -15.98 -8.89
CA GLU A 97 -3.43 -17.10 -8.13
C GLU A 97 -2.23 -16.56 -7.39
N PHE A 98 -2.47 -16.15 -6.16
CA PHE A 98 -1.43 -15.58 -5.33
C PHE A 98 -0.59 -16.72 -4.73
N GLU A 99 0.72 -16.51 -4.60
CA GLU A 99 1.57 -17.57 -4.05
C GLU A 99 1.74 -17.40 -2.55
N THR A 100 1.53 -18.49 -1.81
CA THR A 100 1.64 -18.43 -0.36
C THR A 100 3.11 -18.34 0.06
N TRP A 101 3.31 -17.56 1.13
CA TRP A 101 4.64 -17.32 1.69
C TRP A 101 5.32 -18.60 2.17
N ASP A 102 4.63 -19.73 2.03
CA ASP A 102 5.19 -21.02 2.43
C ASP A 102 5.55 -21.82 1.18
N GLY A 103 5.70 -21.12 0.06
CA GLY A 103 6.03 -21.78 -1.19
C GLY A 103 4.82 -22.56 -1.69
N THR A 104 3.64 -22.16 -1.22
CA THR A 104 2.39 -22.81 -1.60
C THR A 104 1.60 -21.93 -2.57
N LYS A 105 0.83 -22.56 -3.45
CA LYS A 105 0.04 -21.83 -4.42
C LYS A 105 -1.37 -21.57 -3.91
N ILE A 106 -1.81 -20.32 -4.02
CA ILE A 106 -3.16 -19.93 -3.59
C ILE A 106 -4.04 -19.75 -4.81
N LYS A 107 -5.24 -20.30 -4.76
CA LYS A 107 -6.16 -20.17 -5.88
C LYS A 107 -7.36 -19.36 -5.43
N ILE A 108 -7.37 -18.08 -5.78
CA ILE A 108 -8.47 -17.22 -5.35
C ILE A 108 -8.84 -16.22 -6.45
N SER A 109 -10.13 -16.12 -6.71
CA SER A 109 -10.62 -15.22 -7.74
C SER A 109 -10.67 -13.78 -7.25
N GLY A 110 -10.38 -12.85 -8.14
CA GLY A 110 -10.39 -11.43 -7.81
C GLY A 110 -11.78 -10.99 -7.42
N GLU A 111 -12.72 -11.91 -7.46
CA GLU A 111 -14.08 -11.57 -7.12
C GLU A 111 -14.27 -11.55 -5.60
N LYS A 112 -13.41 -12.25 -4.87
CA LYS A 112 -13.52 -12.28 -3.41
C LYS A 112 -13.13 -10.91 -2.85
N LEU A 113 -12.01 -10.38 -3.34
CA LEU A 113 -11.53 -9.07 -2.93
C LEU A 113 -12.00 -8.05 -3.94
N VAL A 114 -13.14 -8.33 -4.57
CA VAL A 114 -13.64 -7.47 -5.62
C VAL A 114 -13.58 -5.99 -5.25
N GLY A 115 -12.59 -5.31 -5.82
CA GLY A 115 -12.44 -3.87 -5.66
C GLY A 115 -12.08 -3.45 -4.23
N ARG A 116 -12.73 -4.07 -3.26
CA ARG A 116 -12.55 -3.70 -1.86
C ARG A 116 -11.64 -4.63 -1.04
N PRO A 117 -10.39 -4.28 -0.86
CA PRO A 117 -9.49 -5.09 0.03
C PRO A 117 -9.97 -4.88 1.46
N GLU A 118 -10.59 -3.72 1.64
CA GLU A 118 -11.11 -3.33 2.92
C GLU A 118 -12.24 -4.28 3.32
N MET A 119 -13.14 -4.53 2.37
CA MET A 119 -14.27 -5.43 2.64
C MET A 119 -13.81 -6.60 3.48
N ARG A 120 -12.56 -7.03 3.27
CA ARG A 120 -12.02 -8.14 4.03
C ARG A 120 -11.60 -7.67 5.41
N LEU A 121 -10.70 -6.69 5.50
CA LEU A 121 -10.30 -6.23 6.83
C LEU A 121 -11.55 -5.76 7.56
N LYS A 122 -12.42 -5.04 6.85
CA LYS A 122 -13.66 -4.55 7.45
C LYS A 122 -14.75 -5.63 7.37
N LYS A 123 -14.38 -6.78 6.82
CA LYS A 123 -15.33 -7.89 6.71
C LYS A 123 -16.68 -7.40 6.16
N ARG A 124 -17.65 -8.32 6.11
CA ARG A 124 -18.98 -7.99 5.62
C ARG A 124 -19.67 -7.01 6.56
N TRP A 125 -20.15 -5.90 6.02
CA TRP A 125 -20.83 -4.89 6.82
C TRP A 125 -22.07 -4.38 6.12
N ARG A 126 -22.30 -3.07 6.22
CA ARG A 126 -23.47 -2.45 5.60
C ARG A 126 -23.13 -1.93 4.20
N LYS A 127 -23.04 -0.61 4.07
CA LYS A 127 -22.72 -0.01 2.78
C LYS A 127 -23.77 -0.38 1.74
N GLU B 9 -8.04 -12.86 15.07
CA GLU B 9 -7.70 -13.30 13.68
C GLU B 9 -7.70 -12.09 12.76
N LYS B 10 -8.57 -11.14 13.04
CA LYS B 10 -8.65 -9.96 12.20
C LYS B 10 -7.54 -8.95 12.52
N LYS B 11 -7.10 -8.89 13.78
CA LYS B 11 -6.02 -7.98 14.14
C LYS B 11 -4.73 -8.52 13.60
N ARG B 12 -4.71 -9.84 13.62
CA ARG B 12 -3.58 -10.62 13.21
C ARG B 12 -3.21 -10.39 11.75
N ILE B 13 -4.20 -10.50 10.86
CA ILE B 13 -3.93 -10.26 9.45
C ILE B 13 -3.73 -8.78 9.20
N ALA B 14 -4.39 -7.96 10.03
CA ALA B 14 -4.27 -6.51 9.90
C ALA B 14 -2.90 -6.02 10.30
N LYS B 15 -2.44 -6.41 11.48
CA LYS B 15 -1.13 -5.98 11.96
C LYS B 15 -0.07 -6.34 10.93
N GLU B 16 -0.11 -7.57 10.45
CA GLU B 16 0.85 -7.99 9.44
C GLU B 16 0.56 -7.33 8.10
N ARG B 17 -0.73 -7.19 7.77
CA ARG B 17 -1.12 -6.55 6.50
C ARG B 17 -0.64 -5.10 6.47
N ILE B 18 -1.04 -4.36 7.50
CA ILE B 18 -0.69 -2.96 7.61
C ILE B 18 0.83 -2.77 7.57
N ASP B 19 1.55 -3.74 8.13
CA ASP B 19 3.00 -3.67 8.16
C ASP B 19 3.62 -3.85 6.76
N ILE B 20 2.98 -4.66 5.91
CA ILE B 20 3.50 -4.91 4.58
C ILE B 20 3.42 -3.69 3.67
N LEU B 21 2.22 -3.17 3.47
CA LEU B 21 2.06 -2.02 2.59
C LEU B 21 2.86 -0.87 3.17
N PHE B 22 2.88 -0.83 4.48
CA PHE B 22 3.61 0.16 5.22
C PHE B 22 5.05 0.15 4.75
N SER B 23 5.57 -1.04 4.50
CA SER B 23 6.93 -1.18 4.03
C SER B 23 7.07 -0.59 2.63
N LEU B 24 6.08 -0.82 1.77
CA LEU B 24 6.12 -0.30 0.41
C LEU B 24 6.19 1.21 0.43
N ALA B 25 5.17 1.81 1.03
CA ALA B 25 5.08 3.26 1.07
C ALA B 25 6.38 3.90 1.54
N GLU B 26 7.06 3.25 2.48
CA GLU B 26 8.33 3.78 2.95
C GLU B 26 9.40 3.61 1.87
N ARG B 27 9.65 2.37 1.50
CA ARG B 27 10.65 2.01 0.50
C ARG B 27 10.32 2.56 -0.89
N VAL B 28 9.05 2.57 -1.27
CA VAL B 28 8.72 3.07 -2.60
C VAL B 28 8.59 4.58 -2.64
N PHE B 29 7.80 5.21 -1.74
CA PHE B 29 7.70 6.67 -1.81
C PHE B 29 9.03 7.26 -2.21
N PRO B 30 10.06 6.86 -1.54
CA PRO B 30 11.45 7.32 -1.87
C PRO B 30 11.64 7.06 -3.33
N TYR B 31 11.23 5.86 -3.69
CA TYR B 31 11.31 5.37 -5.04
C TYR B 31 10.00 5.62 -5.84
N SER B 32 8.84 5.62 -5.18
CA SER B 32 7.57 5.83 -5.88
C SER B 32 6.55 6.61 -5.04
N PRO B 33 6.47 7.91 -5.24
CA PRO B 33 5.50 8.77 -4.50
C PRO B 33 4.03 8.32 -4.62
N GLU B 34 3.61 7.93 -5.82
CA GLU B 34 2.22 7.52 -6.04
C GLU B 34 1.86 6.24 -5.30
N LEU B 35 2.64 5.19 -5.51
CA LEU B 35 2.38 3.91 -4.86
C LEU B 35 2.23 4.10 -3.37
N ALA B 36 3.21 4.74 -2.79
CA ALA B 36 3.18 4.98 -1.36
C ALA B 36 1.90 5.68 -0.98
N LYS B 37 1.45 6.54 -1.87
CA LYS B 37 0.23 7.29 -1.61
C LYS B 37 -0.98 6.37 -1.71
N ARG B 38 -0.97 5.49 -2.70
CA ARG B 38 -2.08 4.57 -2.88
C ARG B 38 -2.25 3.71 -1.63
N TYR B 39 -1.19 3.05 -1.20
CA TYR B 39 -1.29 2.21 -0.02
C TYR B 39 -1.68 3.03 1.17
N VAL B 40 -1.12 4.23 1.23
CA VAL B 40 -1.42 5.11 2.34
C VAL B 40 -2.92 5.09 2.56
N GLU B 41 -3.66 4.98 1.46
CA GLU B 41 -5.11 4.89 1.57
C GLU B 41 -5.49 3.50 2.12
N LEU B 42 -4.83 2.45 1.60
CA LEU B 42 -5.12 1.10 2.06
C LEU B 42 -4.75 0.93 3.54
N ALA B 43 -3.57 1.41 3.91
CA ALA B 43 -3.11 1.28 5.30
C ALA B 43 -4.07 2.00 6.25
N LEU B 44 -4.65 3.09 5.78
CA LEU B 44 -5.57 3.87 6.61
C LEU B 44 -6.83 3.07 6.95
N LEU B 45 -7.41 2.38 5.95
CA LEU B 45 -8.62 1.59 6.21
C LEU B 45 -8.35 0.45 7.18
N VAL B 46 -7.16 -0.11 7.10
CA VAL B 46 -6.78 -1.24 7.93
C VAL B 46 -6.59 -0.80 9.37
N GLN B 47 -5.72 0.16 9.56
CA GLN B 47 -5.42 0.65 10.90
C GLN B 47 -6.65 1.18 11.62
N GLN B 48 -7.50 1.89 10.88
CA GLN B 48 -8.69 2.47 11.50
C GLN B 48 -9.73 1.42 11.84
N LYS B 49 -10.08 0.57 10.89
CA LYS B 49 -11.08 -0.45 11.13
C LYS B 49 -10.48 -1.67 11.83
N ALA B 50 -9.24 -2.01 11.49
CA ALA B 50 -8.62 -3.17 12.12
C ALA B 50 -8.44 -2.89 13.60
N LYS B 51 -8.63 -1.61 13.93
CA LYS B 51 -8.51 -1.14 15.31
C LYS B 51 -7.10 -1.33 15.84
N VAL B 52 -6.12 -1.26 14.96
CA VAL B 52 -4.73 -1.40 15.36
C VAL B 52 -4.09 -0.03 15.57
N LYS B 53 -4.13 0.46 16.80
CA LYS B 53 -3.57 1.77 17.12
C LYS B 53 -2.07 1.65 17.39
N ILE B 54 -1.27 2.32 16.57
CA ILE B 54 0.18 2.29 16.72
C ILE B 54 0.75 3.70 16.58
N PRO B 55 1.85 3.99 17.23
CA PRO B 55 2.49 5.33 17.15
C PRO B 55 2.50 5.86 15.72
N ARG B 56 1.99 7.08 15.55
CA ARG B 56 1.94 7.69 14.22
C ARG B 56 3.22 8.44 13.91
N LYS B 57 4.36 7.82 14.20
CA LYS B 57 5.65 8.46 13.92
C LYS B 57 5.61 9.08 12.53
N TRP B 58 4.76 8.52 11.67
CA TRP B 58 4.60 8.99 10.31
C TRP B 58 4.25 10.48 10.31
N LYS B 59 4.14 11.05 11.50
CA LYS B 59 3.83 12.47 11.60
C LYS B 59 4.97 13.24 10.96
N ARG B 60 6.00 12.48 10.62
CA ARG B 60 7.19 13.02 10.00
C ARG B 60 7.03 13.05 8.50
N ARG B 61 6.12 12.23 7.99
CA ARG B 61 5.90 12.16 6.55
C ARG B 61 4.43 11.87 6.24
N TYR B 62 3.56 12.13 7.20
CA TYR B 62 2.13 11.90 7.02
C TYR B 62 1.38 13.22 7.06
N CYS B 63 0.21 13.23 6.40
CA CYS B 63 -0.62 14.43 6.37
C CYS B 63 -2.03 14.10 6.83
N LYS B 64 -2.45 14.70 7.94
CA LYS B 64 -3.78 14.46 8.48
C LYS B 64 -4.79 15.42 7.83
N LYS B 65 -4.38 16.01 6.71
CA LYS B 65 -5.24 16.96 5.99
C LYS B 65 -5.57 16.43 4.60
N CYS B 66 -4.75 15.52 4.08
CA CYS B 66 -4.99 14.95 2.75
C CYS B 66 -4.38 13.55 2.60
N HIS B 67 -4.15 12.89 3.75
CA HIS B 67 -3.59 11.53 3.75
C HIS B 67 -2.59 11.31 2.60
N ALA B 68 -1.33 11.08 2.96
CA ALA B 68 -0.28 10.85 1.97
C ALA B 68 1.05 10.55 2.66
N PHE B 69 2.09 10.38 1.85
CA PHE B 69 3.43 10.12 2.35
C PHE B 69 4.29 11.32 1.98
N LEU B 70 4.59 12.18 2.93
CA LEU B 70 5.35 13.37 2.61
C LEU B 70 6.79 13.30 3.10
N VAL B 71 7.72 13.59 2.20
CA VAL B 71 9.14 13.59 2.53
C VAL B 71 9.70 15.01 2.44
N PRO B 72 10.31 15.50 3.50
CA PRO B 72 10.88 16.87 3.50
C PRO B 72 11.72 17.15 2.26
N GLY B 73 11.39 18.23 1.57
CA GLY B 73 12.12 18.61 0.35
C GLY B 73 11.38 18.16 -0.90
N ILE B 74 10.74 17.00 -0.83
CA ILE B 74 9.99 16.49 -1.97
C ILE B 74 8.52 16.89 -1.89
N ASN B 75 7.76 16.21 -1.05
CA ASN B 75 6.35 16.52 -0.88
C ASN B 75 6.10 17.07 0.51
N ALA B 76 7.15 17.55 1.15
CA ALA B 76 7.03 18.11 2.50
C ALA B 76 8.15 19.10 2.80
N ARG B 77 8.01 19.78 3.93
CA ARG B 77 9.01 20.76 4.37
C ARG B 77 9.08 20.76 5.88
N VAL B 78 10.32 20.72 6.40
CA VAL B 78 10.56 20.73 7.83
C VAL B 78 11.74 21.62 8.18
N ARG B 79 11.49 22.64 8.99
CA ARG B 79 12.54 23.56 9.41
C ARG B 79 12.18 24.17 10.76
N LEU B 80 13.19 24.46 11.57
CA LEU B 80 12.95 25.02 12.89
C LEU B 80 13.72 26.31 13.11
N ARG B 81 13.06 27.24 13.79
CA ARG B 81 13.66 28.53 14.10
C ARG B 81 14.28 28.49 15.49
N GLN B 82 15.49 29.02 15.62
CA GLN B 82 16.18 29.05 16.90
C GLN B 82 16.04 30.41 17.56
N LYS B 83 15.47 31.35 16.81
CA LYS B 83 15.27 32.71 17.32
C LYS B 83 14.78 32.68 18.77
N ARG B 84 13.48 32.51 18.96
CA ARG B 84 12.91 32.49 20.30
C ARG B 84 13.10 31.11 20.93
N MET B 85 12.24 30.16 20.54
CA MET B 85 12.32 28.80 21.08
C MET B 85 12.35 27.77 19.94
N PRO B 86 13.33 26.89 19.92
CA PRO B 86 13.45 25.86 18.86
C PRO B 86 12.11 25.20 18.51
N HIS B 87 11.51 25.63 17.41
CA HIS B 87 10.23 25.06 16.98
C HIS B 87 10.30 24.63 15.51
N ILE B 88 9.89 23.40 15.24
CA ILE B 88 9.89 22.86 13.87
C ILE B 88 8.51 23.03 13.22
N VAL B 89 8.50 23.16 11.90
CA VAL B 89 7.24 23.31 11.16
C VAL B 89 7.17 22.26 10.06
N VAL B 90 6.07 21.51 10.04
CA VAL B 90 5.85 20.48 9.02
C VAL B 90 4.63 20.87 8.22
N LYS B 91 4.74 20.80 6.89
CA LYS B 91 3.60 21.22 6.08
C LYS B 91 3.48 20.44 4.76
N CYS B 92 2.24 20.24 4.31
CA CYS B 92 1.97 19.53 3.06
C CYS B 92 2.02 20.50 1.88
N LEU B 93 2.82 20.16 0.86
CA LEU B 93 2.90 20.99 -0.34
C LEU B 93 1.83 20.51 -1.31
N GLU B 94 1.10 19.51 -0.86
CA GLU B 94 0.01 18.93 -1.64
C GLU B 94 -1.25 19.66 -1.25
N CYS B 95 -1.46 19.69 0.04
CA CYS B 95 -2.57 20.38 0.65
C CYS B 95 -1.95 21.40 1.58
N GLY B 96 -1.51 22.50 1.00
CA GLY B 96 -0.81 23.52 1.77
C GLY B 96 -1.42 23.66 3.15
N HIS B 97 -0.81 22.93 4.08
CA HIS B 97 -1.25 22.95 5.49
C HIS B 97 -0.08 23.33 6.37
N ILE B 98 -0.30 24.23 7.33
CA ILE B 98 0.77 24.65 8.22
C ILE B 98 0.62 24.00 9.60
N MET B 99 1.66 23.26 10.01
CA MET B 99 1.65 22.60 11.32
C MET B 99 2.93 22.93 12.08
N ARG B 100 2.90 22.76 13.40
CA ARG B 100 4.06 23.05 14.23
C ARG B 100 4.47 21.84 15.08
N TYR B 101 5.74 21.81 15.45
CA TYR B 101 6.26 20.71 16.27
C TYR B 101 7.46 21.22 17.09
N PRO B 102 7.22 21.70 18.28
CA PRO B 102 8.30 22.22 19.17
C PRO B 102 9.37 21.19 19.47
N TYR B 103 10.49 21.67 19.98
CA TYR B 103 11.61 20.81 20.32
C TYR B 103 12.30 21.31 21.58
N ILE B 104 11.95 20.72 22.72
CA ILE B 104 12.55 21.13 23.99
C ILE B 104 13.02 19.91 24.77
N LYS B 105 14.12 20.06 25.49
CA LYS B 105 14.69 18.96 26.27
C LYS B 105 13.83 18.73 27.52
N GLN A 17 2.45 9.67 -17.33
CA GLN A 17 3.36 9.72 -16.16
C GLN A 17 3.32 8.39 -15.42
N GLY A 18 2.28 7.60 -15.68
CA GLY A 18 2.11 6.29 -15.05
C GLY A 18 3.43 5.76 -14.49
N SER A 19 3.55 5.77 -13.17
CA SER A 19 4.76 5.29 -12.51
C SER A 19 4.99 3.82 -12.85
N TYR A 20 3.90 3.09 -13.09
CA TYR A 20 3.98 1.67 -13.41
C TYR A 20 5.21 1.33 -14.24
N GLN A 21 5.27 1.88 -15.44
CA GLN A 21 6.39 1.61 -16.35
C GLN A 21 7.72 2.06 -15.73
N GLU A 22 7.63 2.90 -14.70
CA GLU A 22 8.83 3.40 -14.04
C GLU A 22 9.22 2.51 -12.86
N ILE A 23 8.23 1.88 -12.23
CA ILE A 23 8.51 1.03 -11.06
C ILE A 23 8.37 -0.46 -11.40
N ILE A 24 8.31 -0.77 -12.69
CA ILE A 24 8.17 -2.16 -13.11
C ILE A 24 9.51 -2.88 -13.05
N GLY A 25 9.54 -4.02 -12.34
CA GLY A 25 10.75 -4.81 -12.24
C GLY A 25 11.39 -4.72 -10.86
N ARG A 26 11.31 -3.54 -10.24
CA ARG A 26 11.89 -3.35 -8.90
C ARG A 26 11.20 -4.23 -7.88
N THR A 27 10.67 -5.37 -8.33
CA THR A 27 10.00 -6.30 -7.43
C THR A 27 10.85 -6.45 -6.17
N TRP A 28 12.09 -5.97 -6.29
CA TRP A 28 13.05 -6.00 -5.22
C TRP A 28 12.51 -5.25 -4.01
N ILE A 29 12.07 -4.02 -4.24
CA ILE A 29 11.56 -3.22 -3.12
C ILE A 29 10.20 -3.75 -2.68
N PHE A 30 9.63 -4.64 -3.48
CA PHE A 30 8.34 -5.23 -3.15
C PHE A 30 8.61 -6.49 -2.34
N ARG A 31 9.81 -7.04 -2.52
CA ARG A 31 10.21 -8.24 -1.81
C ARG A 31 10.67 -7.89 -0.42
N GLY A 32 11.81 -7.20 -0.34
CA GLY A 32 12.34 -6.79 0.95
C GLY A 32 11.40 -5.76 1.56
N ALA A 33 10.10 -5.97 1.32
CA ALA A 33 9.08 -5.08 1.83
C ALA A 33 7.85 -5.89 2.16
N HIS A 34 7.58 -6.88 1.31
CA HIS A 34 6.43 -7.74 1.51
C HIS A 34 6.85 -9.02 2.22
N ARG A 35 6.51 -9.12 3.51
CA ARG A 35 6.85 -10.30 4.29
C ARG A 35 5.74 -10.67 5.28
N GLY A 36 4.65 -9.91 5.27
CA GLY A 36 3.53 -10.19 6.16
C GLY A 36 3.19 -11.68 6.12
N ARG A 37 2.55 -12.17 7.17
CA ARG A 37 2.17 -13.57 7.20
C ARG A 37 1.10 -13.79 6.15
N VAL A 38 1.39 -14.64 5.17
CA VAL A 38 0.43 -14.84 4.09
C VAL A 38 -0.45 -16.07 4.26
N ASN A 39 -1.72 -15.89 3.93
CA ASN A 39 -2.72 -16.94 3.98
C ASN A 39 -3.97 -16.47 3.22
N LYS A 40 -4.78 -17.40 2.69
CA LYS A 40 -5.98 -16.96 1.98
C LYS A 40 -6.77 -16.00 2.87
N LYS A 41 -7.10 -16.47 4.07
CA LYS A 41 -7.79 -15.64 5.05
C LYS A 41 -6.94 -14.42 5.35
N ASN A 42 -5.75 -14.41 4.74
CA ASN A 42 -4.82 -13.30 4.91
C ASN A 42 -4.41 -12.72 3.55
N ILE A 43 -4.98 -13.26 2.46
CA ILE A 43 -4.66 -12.76 1.11
C ILE A 43 -5.58 -11.62 0.72
N VAL A 44 -6.86 -11.74 1.07
CA VAL A 44 -7.79 -10.67 0.74
C VAL A 44 -7.85 -9.70 1.91
N TRP A 45 -6.98 -9.99 2.87
CA TRP A 45 -6.87 -9.21 4.09
C TRP A 45 -5.48 -8.57 4.13
N HIS A 46 -4.53 -9.16 3.39
CA HIS A 46 -3.17 -8.64 3.31
C HIS A 46 -3.10 -7.49 2.31
N GLU A 47 -2.25 -6.51 2.55
CA GLU A 47 -2.12 -5.43 1.58
C GLU A 47 -1.58 -6.04 0.31
N LEU A 48 -2.38 -6.15 -0.74
CA LEU A 48 -1.84 -6.70 -1.94
C LEU A 48 -1.01 -5.59 -2.55
N ILE A 49 0.30 -5.78 -2.54
CA ILE A 49 1.23 -4.78 -3.04
C ILE A 49 2.64 -5.36 -3.10
N GLY A 50 2.78 -6.48 -3.82
CA GLY A 50 4.08 -7.13 -3.95
C GLY A 50 3.95 -8.65 -3.97
N LEU A 51 2.91 -9.17 -3.33
CA LEU A 51 2.71 -10.62 -3.30
C LEU A 51 2.73 -11.19 -4.73
N LYS A 52 3.46 -12.27 -4.92
CA LYS A 52 3.57 -12.89 -6.25
C LYS A 52 2.26 -13.55 -6.65
N VAL A 53 1.73 -13.15 -7.81
CA VAL A 53 0.48 -13.71 -8.32
C VAL A 53 0.48 -13.73 -9.84
N ARG A 54 -0.52 -14.42 -10.41
CA ARG A 54 -0.64 -14.51 -11.85
C ARG A 54 -2.09 -14.35 -12.28
N VAL A 55 -2.26 -13.82 -13.48
CA VAL A 55 -3.58 -13.68 -14.05
C VAL A 55 -3.75 -14.83 -15.03
N VAL A 56 -4.46 -15.86 -14.56
CA VAL A 56 -4.67 -17.06 -15.36
C VAL A 56 -5.91 -16.91 -16.23
N ASN A 57 -6.94 -16.26 -15.69
CA ASN A 57 -8.17 -16.04 -16.45
C ASN A 57 -8.65 -14.60 -16.29
N SER A 58 -8.73 -13.91 -17.42
CA SER A 58 -9.20 -12.52 -17.43
C SER A 58 -9.94 -12.24 -18.74
N THR A 59 -10.65 -11.13 -18.80
CA THR A 59 -11.33 -10.78 -20.04
C THR A 59 -10.55 -9.67 -20.72
N HIS A 60 -9.42 -10.07 -21.32
CA HIS A 60 -8.54 -9.16 -22.06
C HIS A 60 -7.51 -9.99 -22.82
N PRO A 61 -7.63 -10.12 -24.10
CA PRO A 61 -6.67 -10.92 -24.92
C PRO A 61 -5.20 -10.63 -24.61
N GLY A 62 -4.91 -9.65 -23.74
CA GLY A 62 -3.52 -9.31 -23.45
C GLY A 62 -3.16 -9.25 -21.95
N TYR A 63 -3.82 -10.05 -21.10
CA TYR A 63 -3.48 -10.04 -19.67
C TYR A 63 -3.52 -11.44 -19.07
N VAL A 64 -4.25 -12.36 -19.71
CA VAL A 64 -4.36 -13.73 -19.22
C VAL A 64 -3.08 -14.55 -19.43
N GLY A 65 -2.76 -15.44 -18.49
CA GLY A 65 -1.61 -16.32 -18.64
C GLY A 65 -0.28 -15.69 -18.21
N ILE A 66 -0.31 -14.49 -17.63
CA ILE A 66 0.96 -13.85 -17.24
C ILE A 66 1.16 -13.88 -15.72
N GLU A 67 2.44 -13.78 -15.29
CA GLU A 67 2.77 -13.80 -13.86
C GLU A 67 3.50 -12.50 -13.45
N GLY A 68 2.98 -11.83 -12.42
CA GLY A 68 3.58 -10.57 -11.94
C GLY A 68 3.45 -10.40 -10.42
N TYR A 69 4.10 -9.35 -9.90
CA TYR A 69 4.06 -9.02 -8.46
C TYR A 69 3.04 -7.89 -8.23
N VAL A 70 2.03 -8.15 -7.40
CA VAL A 70 0.99 -7.15 -7.14
C VAL A 70 1.58 -5.79 -6.81
N ILE A 71 0.87 -4.73 -7.20
CA ILE A 71 1.34 -3.37 -6.95
C ILE A 71 0.21 -2.45 -6.50
N ASP A 72 -0.80 -2.28 -7.35
CA ASP A 72 -1.91 -1.38 -7.04
C ASP A 72 -3.15 -2.13 -6.56
N GLU A 73 -3.83 -1.55 -5.57
CA GLU A 73 -5.05 -2.16 -5.05
C GLU A 73 -6.00 -1.08 -4.54
N THR A 74 -7.05 -0.79 -5.29
CA THR A 74 -8.02 0.23 -4.87
C THR A 74 -9.40 -0.05 -5.43
N ARG A 75 -10.32 0.85 -5.11
CA ARG A 75 -11.70 0.74 -5.54
C ARG A 75 -11.82 0.61 -7.05
N ASN A 76 -10.72 0.75 -7.79
CA ASN A 76 -10.81 0.68 -9.25
C ASN A 76 -9.68 -0.10 -9.93
N MET A 77 -8.72 -0.67 -9.21
CA MET A 77 -7.65 -1.39 -9.92
C MET A 77 -6.78 -2.29 -9.04
N LEU A 78 -6.30 -3.36 -9.67
CA LEU A 78 -5.40 -4.33 -9.04
C LEU A 78 -4.29 -4.60 -10.07
N VAL A 79 -3.06 -4.13 -9.75
CA VAL A 79 -1.95 -4.26 -10.70
C VAL A 79 -0.85 -5.18 -10.18
N ILE A 80 -0.21 -5.87 -11.12
CA ILE A 80 0.87 -6.81 -10.82
C ILE A 80 2.07 -6.53 -11.75
N ALA A 81 3.31 -6.64 -11.23
CA ALA A 81 4.50 -6.37 -12.06
C ALA A 81 5.34 -7.62 -12.29
N GLY A 82 5.77 -7.81 -13.53
CA GLY A 82 6.60 -8.97 -13.87
C GLY A 82 7.47 -8.65 -15.09
N GLU A 83 8.78 -8.83 -14.94
CA GLU A 83 9.71 -8.56 -16.02
C GLU A 83 9.79 -7.05 -16.29
N ASN A 84 9.36 -6.62 -17.47
CA ASN A 84 9.39 -5.20 -17.82
C ASN A 84 7.99 -4.73 -18.24
N LYS A 85 6.98 -5.48 -17.84
CA LYS A 85 5.60 -5.16 -18.17
C LYS A 85 4.75 -5.10 -16.92
N VAL A 86 3.53 -4.56 -17.04
CA VAL A 86 2.63 -4.49 -15.89
C VAL A 86 1.34 -5.22 -16.19
N TRP A 87 0.72 -5.68 -15.13
CA TRP A 87 -0.53 -6.41 -15.20
C TRP A 87 -1.69 -5.46 -14.90
N LYS A 88 -2.50 -5.14 -15.89
CA LYS A 88 -3.63 -4.26 -15.65
C LYS A 88 -4.93 -5.05 -15.70
N VAL A 89 -5.44 -5.45 -14.53
CA VAL A 89 -6.68 -6.21 -14.51
C VAL A 89 -7.47 -5.95 -13.25
N PRO A 90 -8.42 -5.04 -13.30
CA PRO A 90 -9.25 -4.76 -12.11
C PRO A 90 -9.66 -6.06 -11.43
N LYS A 91 -10.09 -5.94 -10.18
CA LYS A 91 -10.47 -7.08 -9.36
C LYS A 91 -11.69 -7.83 -9.92
N ASP A 92 -12.59 -7.12 -10.58
CA ASP A 92 -13.82 -7.73 -11.10
C ASP A 92 -13.68 -8.31 -12.50
N VAL A 93 -12.53 -8.13 -13.15
CA VAL A 93 -12.37 -8.63 -14.51
C VAL A 93 -11.35 -9.78 -14.62
N CYS A 94 -10.92 -10.34 -13.49
CA CYS A 94 -9.95 -11.43 -13.58
C CYS A 94 -9.80 -12.18 -12.25
N ILE A 95 -9.09 -13.32 -12.33
CA ILE A 95 -8.83 -14.14 -11.14
C ILE A 95 -7.35 -14.05 -10.79
N PHE A 96 -7.04 -14.00 -9.49
CA PHE A 96 -5.65 -13.88 -9.06
C PHE A 96 -5.21 -15.08 -8.23
N GLU A 97 -4.06 -15.64 -8.57
CA GLU A 97 -3.53 -16.72 -7.76
C GLU A 97 -2.24 -16.22 -7.14
N PHE A 98 -2.32 -15.71 -5.91
CA PHE A 98 -1.12 -15.21 -5.23
C PHE A 98 -0.51 -16.36 -4.42
N GLU A 99 0.82 -16.41 -4.33
CA GLU A 99 1.47 -17.51 -3.63
C GLU A 99 1.64 -17.21 -2.15
N THR A 100 1.28 -18.19 -1.32
CA THR A 100 1.38 -18.05 0.13
C THR A 100 2.84 -18.06 0.58
N TRP A 101 3.10 -17.25 1.60
CA TRP A 101 4.44 -17.08 2.16
C TRP A 101 5.02 -18.39 2.70
N ASP A 102 4.27 -19.48 2.60
CA ASP A 102 4.75 -20.78 3.06
C ASP A 102 5.06 -21.65 1.85
N GLY A 103 5.16 -21.01 0.69
CA GLY A 103 5.43 -21.73 -0.55
C GLY A 103 4.17 -22.44 -1.01
N THR A 104 3.02 -21.93 -0.54
CA THR A 104 1.73 -22.53 -0.90
C THR A 104 1.00 -21.65 -1.91
N LYS A 105 0.25 -22.27 -2.81
CA LYS A 105 -0.49 -21.52 -3.82
C LYS A 105 -1.89 -21.16 -3.33
N ILE A 106 -2.26 -19.89 -3.53
CA ILE A 106 -3.59 -19.41 -3.13
C ILE A 106 -4.43 -19.21 -4.39
N LYS A 107 -5.68 -19.67 -4.36
CA LYS A 107 -6.56 -19.52 -5.51
C LYS A 107 -7.78 -18.72 -5.09
N ILE A 108 -7.84 -17.48 -5.54
CA ILE A 108 -8.95 -16.62 -5.17
C ILE A 108 -9.22 -15.57 -6.23
N SER A 109 -10.49 -15.21 -6.37
CA SER A 109 -10.91 -14.23 -7.37
C SER A 109 -10.98 -12.82 -6.76
N GLY A 110 -10.64 -11.83 -7.58
CA GLY A 110 -10.68 -10.44 -7.14
C GLY A 110 -12.05 -10.05 -6.64
N GLU A 111 -12.98 -10.98 -6.70
CA GLU A 111 -14.32 -10.67 -6.28
C GLU A 111 -14.42 -10.43 -4.77
N LYS A 112 -13.59 -11.10 -3.99
CA LYS A 112 -13.64 -10.94 -2.53
C LYS A 112 -13.01 -9.60 -2.13
N LEU A 113 -11.85 -9.32 -2.67
CA LEU A 113 -11.15 -8.06 -2.39
C LEU A 113 -11.58 -7.04 -3.44
N VAL A 114 -12.80 -7.19 -3.94
CA VAL A 114 -13.29 -6.32 -4.99
C VAL A 114 -13.42 -4.86 -4.55
N GLY A 115 -12.49 -4.05 -5.04
CA GLY A 115 -12.50 -2.62 -4.80
C GLY A 115 -12.24 -2.22 -3.37
N ARG A 116 -12.80 -2.97 -2.44
CA ARG A 116 -12.67 -2.63 -1.02
C ARG A 116 -11.62 -3.46 -0.27
N PRO A 117 -10.37 -3.07 -0.30
CA PRO A 117 -9.34 -3.79 0.49
C PRO A 117 -9.64 -3.57 1.97
N GLU A 118 -10.31 -2.45 2.22
CA GLU A 118 -10.69 -2.08 3.56
C GLU A 118 -11.73 -3.06 4.09
N MET A 119 -12.77 -3.30 3.30
CA MET A 119 -13.85 -4.22 3.69
C MET A 119 -13.29 -5.39 4.50
N ARG A 120 -12.22 -5.98 4.00
CA ARG A 120 -11.63 -7.11 4.69
C ARG A 120 -10.93 -6.64 5.97
N LEU A 121 -10.11 -5.60 5.85
CA LEU A 121 -9.41 -5.06 7.01
C LEU A 121 -10.44 -4.55 8.03
N LYS A 122 -11.56 -4.08 7.52
CA LYS A 122 -12.64 -3.56 8.34
C LYS A 122 -13.55 -4.71 8.79
N LYS A 123 -13.68 -5.70 7.91
CA LYS A 123 -14.52 -6.87 8.17
C LYS A 123 -15.62 -6.56 9.19
N ARG A 124 -16.83 -6.32 8.68
CA ARG A 124 -17.96 -6.01 9.55
C ARG A 124 -18.18 -7.14 10.55
N TRP A 125 -18.46 -6.78 11.79
CA TRP A 125 -18.69 -7.77 12.84
C TRP A 125 -20.13 -8.27 12.82
N ARG A 126 -20.59 -8.72 11.65
CA ARG A 126 -21.94 -9.23 11.52
C ARG A 126 -22.93 -8.37 12.30
N LYS A 127 -23.10 -7.13 11.86
CA LYS A 127 -24.03 -6.22 12.53
C LYS A 127 -23.71 -6.11 14.01
N GLU B 9 -8.33 -11.85 14.69
CA GLU B 9 -7.73 -12.34 13.42
C GLU B 9 -7.62 -11.20 12.43
N LYS B 10 -8.53 -10.25 12.53
CA LYS B 10 -8.53 -9.11 11.63
C LYS B 10 -7.48 -8.07 12.02
N LYS B 11 -7.23 -7.93 13.32
CA LYS B 11 -6.22 -6.96 13.77
C LYS B 11 -4.86 -7.51 13.43
N ARG B 12 -4.81 -8.80 13.52
CA ARG B 12 -3.62 -9.58 13.29
C ARG B 12 -3.10 -9.39 11.87
N ILE B 13 -3.99 -9.57 10.88
CA ILE B 13 -3.58 -9.39 9.50
C ILE B 13 -3.34 -7.90 9.25
N ALA B 14 -4.02 -7.08 10.02
CA ALA B 14 -3.90 -5.63 9.88
C ALA B 14 -2.49 -5.15 10.25
N LYS B 15 -1.99 -5.53 11.43
CA LYS B 15 -0.66 -5.10 11.85
C LYS B 15 0.38 -5.54 10.84
N GLU B 16 0.33 -6.80 10.44
CA GLU B 16 1.30 -7.29 9.45
C GLU B 16 1.03 -6.66 8.08
N ARG B 17 -0.26 -6.48 7.77
CA ARG B 17 -0.64 -5.88 6.50
C ARG B 17 -0.12 -4.44 6.40
N ILE B 18 -0.43 -3.66 7.42
CA ILE B 18 -0.02 -2.26 7.47
C ILE B 18 1.49 -2.16 7.31
N ASP B 19 2.21 -3.12 7.86
CA ASP B 19 3.67 -3.12 7.77
C ASP B 19 4.15 -3.45 6.35
N ILE B 20 3.32 -4.20 5.60
CA ILE B 20 3.70 -4.60 4.24
C ILE B 20 3.72 -3.43 3.27
N LEU B 21 2.60 -2.75 3.13
CA LEU B 21 2.51 -1.63 2.20
C LEU B 21 3.41 -0.53 2.71
N PHE B 22 3.48 -0.44 4.01
CA PHE B 22 4.30 0.54 4.68
C PHE B 22 5.73 0.48 4.15
N SER B 23 6.25 -0.74 4.04
CA SER B 23 7.61 -0.90 3.55
C SER B 23 7.71 -0.46 2.09
N LEU B 24 6.72 -0.81 1.28
CA LEU B 24 6.75 -0.42 -0.13
C LEU B 24 6.88 1.09 -0.25
N ALA B 25 5.91 1.78 0.34
CA ALA B 25 5.86 3.24 0.29
C ALA B 25 7.19 3.88 0.69
N GLU B 26 7.89 3.29 1.64
CA GLU B 26 9.16 3.86 2.06
C GLU B 26 10.23 3.67 0.98
N ARG B 27 10.46 2.42 0.61
CA ARG B 27 11.45 2.04 -0.38
C ARG B 27 11.07 2.49 -1.82
N VAL B 28 9.79 2.51 -2.12
CA VAL B 28 9.39 2.92 -3.46
C VAL B 28 9.29 4.43 -3.55
N PHE B 29 8.59 5.08 -2.61
CA PHE B 29 8.49 6.54 -2.69
C PHE B 29 9.80 7.11 -3.18
N PRO B 30 10.88 6.70 -2.60
CA PRO B 30 12.23 7.13 -3.05
C PRO B 30 12.32 6.81 -4.51
N TYR B 31 11.89 5.59 -4.80
CA TYR B 31 11.86 5.05 -6.13
C TYR B 31 10.51 5.23 -6.83
N SER B 32 9.44 5.50 -6.07
CA SER B 32 8.11 5.66 -6.67
C SER B 32 7.17 6.52 -5.83
N PRO B 33 7.15 7.80 -6.04
CA PRO B 33 6.26 8.75 -5.30
C PRO B 33 4.77 8.38 -5.36
N GLU B 34 4.30 7.99 -6.55
CA GLU B 34 2.88 7.65 -6.73
C GLU B 34 2.48 6.40 -5.95
N LEU B 35 3.20 5.31 -6.17
CA LEU B 35 2.90 4.07 -5.47
C LEU B 35 2.83 4.30 -3.98
N ALA B 36 3.91 4.82 -3.43
CA ALA B 36 3.93 5.07 -2.01
C ALA B 36 2.72 5.89 -1.64
N LYS B 37 2.27 6.69 -2.59
CA LYS B 37 1.10 7.53 -2.37
C LYS B 37 -0.18 6.68 -2.33
N ARG B 38 -0.33 5.79 -3.32
CA ARG B 38 -1.50 4.95 -3.39
C ARG B 38 -1.58 3.99 -2.18
N TYR B 39 -0.44 3.50 -1.71
CA TYR B 39 -0.46 2.63 -0.54
C TYR B 39 -0.80 3.43 0.67
N VAL B 40 -0.15 4.59 0.75
CA VAL B 40 -0.37 5.47 1.89
C VAL B 40 -1.87 5.55 2.15
N GLU B 41 -2.67 5.61 1.10
CA GLU B 41 -4.12 5.64 1.29
C GLU B 41 -4.53 4.28 1.84
N LEU B 42 -3.96 3.20 1.29
CA LEU B 42 -4.30 1.87 1.78
C LEU B 42 -3.83 1.72 3.23
N ALA B 43 -2.60 2.12 3.51
CA ALA B 43 -2.07 2.04 4.87
C ALA B 43 -2.98 2.78 5.83
N LEU B 44 -3.62 3.84 5.34
CA LEU B 44 -4.50 4.64 6.18
C LEU B 44 -5.71 3.84 6.68
N LEU B 45 -6.47 3.23 5.77
CA LEU B 45 -7.64 2.46 6.23
C LEU B 45 -7.24 1.30 7.13
N VAL B 46 -6.03 0.81 6.95
CA VAL B 46 -5.57 -0.30 7.76
C VAL B 46 -5.48 0.11 9.22
N GLN B 47 -4.87 1.25 9.44
CA GLN B 47 -4.68 1.76 10.78
C GLN B 47 -6.01 2.13 11.46
N GLN B 48 -6.78 3.03 10.85
CA GLN B 48 -8.06 3.45 11.43
C GLN B 48 -9.19 2.46 11.14
N LYS B 49 -9.34 2.10 9.87
CA LYS B 49 -10.42 1.19 9.47
C LYS B 49 -10.26 -0.21 10.07
N ALA B 50 -9.03 -0.66 10.24
CA ALA B 50 -8.80 -1.99 10.81
C ALA B 50 -8.62 -1.87 12.31
N LYS B 51 -8.81 -0.67 12.82
CA LYS B 51 -8.70 -0.40 14.25
C LYS B 51 -7.34 -0.85 14.79
N VAL B 52 -6.31 -0.08 14.50
CA VAL B 52 -4.96 -0.40 14.96
C VAL B 52 -4.23 0.88 15.37
N LYS B 53 -3.56 0.84 16.53
CA LYS B 53 -2.82 2.00 17.01
C LYS B 53 -1.36 1.65 17.26
N ILE B 54 -0.48 2.18 16.41
CA ILE B 54 0.95 1.93 16.52
C ILE B 54 1.72 3.23 16.33
N PRO B 55 2.72 3.51 17.13
CA PRO B 55 3.53 4.74 17.01
C PRO B 55 3.65 5.19 15.56
N ARG B 56 2.85 6.18 15.18
CA ARG B 56 2.85 6.68 13.82
C ARG B 56 3.91 7.75 13.60
N LYS B 57 5.16 7.33 13.49
CA LYS B 57 6.24 8.28 13.26
C LYS B 57 6.15 8.79 11.82
N TRP B 58 5.36 8.09 11.02
CA TRP B 58 5.15 8.45 9.62
C TRP B 58 4.60 9.86 9.52
N LYS B 59 4.35 10.49 10.67
CA LYS B 59 3.84 11.86 10.67
C LYS B 59 4.94 12.77 10.14
N ARG B 60 6.08 12.13 9.89
CA ARG B 60 7.25 12.81 9.39
C ARG B 60 7.19 12.97 7.88
N ARG B 61 6.54 12.01 7.23
CA ARG B 61 6.43 12.04 5.78
C ARG B 61 4.99 11.84 5.35
N TYR B 62 4.07 12.12 6.25
CA TYR B 62 2.65 11.94 5.95
C TYR B 62 1.90 13.26 6.04
N CYS B 63 0.78 13.33 5.34
CA CYS B 63 -0.05 14.51 5.35
C CYS B 63 -1.49 14.15 5.70
N LYS B 64 -2.03 14.82 6.71
CA LYS B 64 -3.40 14.57 7.14
C LYS B 64 -4.35 15.45 6.34
N LYS B 65 -3.80 16.15 5.35
CA LYS B 65 -4.57 17.07 4.52
C LYS B 65 -4.79 16.51 3.12
N CYS B 66 -3.93 15.59 2.70
CA CYS B 66 -4.06 14.99 1.37
C CYS B 66 -3.51 13.57 1.34
N HIS B 67 -3.35 12.98 2.53
CA HIS B 67 -2.83 11.61 2.65
C HIS B 67 -1.79 11.30 1.56
N ALA B 68 -0.53 11.25 1.96
CA ALA B 68 0.54 10.97 1.02
C ALA B 68 1.83 10.59 1.75
N PHE B 69 2.91 10.43 0.99
CA PHE B 69 4.21 10.10 1.55
C PHE B 69 5.14 11.24 1.19
N LEU B 70 5.43 12.11 2.14
CA LEU B 70 6.27 13.26 1.84
C LEU B 70 7.62 13.16 2.52
N VAL B 71 8.67 13.17 1.72
CA VAL B 71 10.02 13.08 2.27
C VAL B 71 10.61 14.48 2.49
N PRO B 72 10.92 14.83 3.72
CA PRO B 72 11.51 16.15 4.03
C PRO B 72 12.71 16.44 3.13
N GLY B 73 12.62 17.52 2.35
CA GLY B 73 13.70 17.89 1.45
C GLY B 73 13.24 17.91 -0.01
N ILE B 74 12.45 16.91 -0.41
CA ILE B 74 11.97 16.85 -1.80
C ILE B 74 10.52 17.29 -1.89
N ASN B 75 9.61 16.52 -1.30
CA ASN B 75 8.19 16.83 -1.36
C ASN B 75 7.67 17.23 0.03
N ALA B 76 8.60 17.49 0.95
CA ALA B 76 8.19 17.87 2.31
C ALA B 76 9.25 18.74 2.97
N ARG B 77 8.85 19.40 4.05
CA ARG B 77 9.76 20.26 4.80
C ARG B 77 9.35 20.30 6.27
N VAL B 78 10.36 20.15 7.14
CA VAL B 78 10.12 20.16 8.58
C VAL B 78 11.21 20.96 9.30
N ARG B 79 10.79 21.84 10.20
CA ARG B 79 11.72 22.65 10.97
C ARG B 79 11.17 22.91 12.37
N LEU B 80 12.07 23.07 13.32
CA LEU B 80 11.67 23.29 14.70
C LEU B 80 12.25 24.57 15.27
N ARG B 81 11.39 25.38 15.89
CA ARG B 81 11.85 26.63 16.49
C ARG B 81 11.21 26.86 17.85
N GLN B 82 11.75 27.81 18.60
CA GLN B 82 11.25 28.10 19.94
C GLN B 82 9.93 28.88 19.90
N LYS B 83 9.24 28.82 18.77
CA LYS B 83 7.96 29.52 18.65
C LYS B 83 7.05 29.16 19.81
N ARG B 84 7.15 29.91 20.90
CA ARG B 84 6.33 29.67 22.08
C ARG B 84 6.79 28.41 22.79
N MET B 85 7.61 27.61 22.11
CA MET B 85 8.14 26.37 22.67
C MET B 85 8.61 25.46 21.54
N PRO B 86 9.55 24.58 21.81
CA PRO B 86 10.08 23.64 20.78
C PRO B 86 8.94 22.99 20.00
N HIS B 87 8.74 23.41 18.76
CA HIS B 87 7.67 22.85 17.94
C HIS B 87 8.14 22.63 16.50
N ILE B 88 7.87 21.44 15.97
CA ILE B 88 8.25 21.11 14.60
C ILE B 88 7.10 21.44 13.66
N VAL B 89 7.42 22.15 12.58
CA VAL B 89 6.41 22.51 11.60
C VAL B 89 6.47 21.54 10.42
N VAL B 90 5.37 20.86 10.15
CA VAL B 90 5.30 19.91 9.06
C VAL B 90 4.36 20.47 8.01
N LYS B 91 4.82 20.55 6.76
CA LYS B 91 3.98 21.13 5.73
C LYS B 91 4.10 20.40 4.40
N CYS B 92 2.94 20.16 3.76
CA CYS B 92 2.89 19.47 2.48
C CYS B 92 3.21 20.42 1.34
N LEU B 93 4.09 19.98 0.44
CA LEU B 93 4.46 20.78 -0.73
C LEU B 93 3.57 20.37 -1.90
N GLU B 94 2.77 19.35 -1.66
CA GLU B 94 1.82 18.84 -2.64
C GLU B 94 0.53 19.62 -2.46
N CYS B 95 0.06 19.58 -1.22
CA CYS B 95 -1.11 20.31 -0.82
C CYS B 95 -0.64 21.36 0.16
N GLY B 96 -0.03 22.40 -0.37
CA GLY B 96 0.55 23.44 0.48
C GLY B 96 -0.33 23.67 1.68
N HIS B 97 0.02 22.95 2.74
CA HIS B 97 -0.71 23.04 4.02
C HIS B 97 0.27 23.26 5.16
N ILE B 98 0.05 24.31 5.94
CA ILE B 98 0.93 24.61 7.06
C ILE B 98 0.40 23.97 8.34
N MET B 99 1.20 23.10 8.94
CA MET B 99 0.79 22.43 10.18
C MET B 99 1.84 22.59 11.27
N ARG B 100 1.45 22.32 12.51
CA ARG B 100 2.36 22.44 13.65
C ARG B 100 2.36 21.13 14.45
N TYR B 101 3.54 20.76 14.95
CA TYR B 101 3.69 19.54 15.74
C TYR B 101 4.61 19.78 16.93
N PRO B 102 4.07 20.14 18.06
CA PRO B 102 4.87 20.40 19.28
C PRO B 102 5.79 19.26 19.63
N TYR B 103 6.73 19.52 20.50
CA TYR B 103 7.69 18.51 20.92
C TYR B 103 8.02 18.64 22.40
N ILE B 104 7.48 17.73 23.21
CA ILE B 104 7.72 17.75 24.65
C ILE B 104 7.97 16.33 25.16
N LYS B 105 9.08 16.15 25.87
CA LYS B 105 9.42 14.84 26.40
C LYS B 105 8.28 14.31 27.27
N GLN A 17 2.51 10.27 -17.41
CA GLN A 17 3.19 10.12 -16.09
C GLN A 17 3.25 8.64 -15.73
N GLY A 18 2.09 8.01 -15.64
CA GLY A 18 2.00 6.58 -15.30
C GLY A 18 3.21 6.12 -14.52
N SER A 19 3.11 6.15 -13.19
CA SER A 19 4.22 5.72 -12.34
C SER A 19 4.65 4.30 -12.73
N TYR A 20 3.69 3.48 -13.13
CA TYR A 20 3.97 2.11 -13.53
C TYR A 20 5.25 2.03 -14.35
N GLN A 21 5.26 2.69 -15.50
CA GLN A 21 6.43 2.67 -16.38
C GLN A 21 7.68 3.14 -15.66
N GLU A 22 7.51 3.65 -14.45
CA GLU A 22 8.66 4.14 -13.68
C GLU A 22 9.04 3.16 -12.57
N ILE A 23 8.04 2.58 -11.91
CA ILE A 23 8.30 1.65 -10.82
C ILE A 23 8.29 0.20 -11.32
N ILE A 24 8.70 0.01 -12.56
CA ILE A 24 8.70 -1.32 -13.16
C ILE A 24 9.91 -2.17 -12.74
N GLY A 25 9.64 -3.38 -12.25
CA GLY A 25 10.70 -4.33 -11.89
C GLY A 25 11.32 -4.11 -10.51
N ARG A 26 11.17 -2.93 -9.90
CA ARG A 26 11.78 -2.70 -8.59
C ARG A 26 11.19 -3.63 -7.55
N THR A 27 10.74 -4.79 -7.99
CA THR A 27 10.18 -5.79 -7.08
C THR A 27 11.06 -5.86 -5.83
N TRP A 28 12.25 -5.30 -5.97
CA TRP A 28 13.23 -5.25 -4.89
C TRP A 28 12.64 -4.56 -3.68
N ILE A 29 12.12 -3.35 -3.88
CA ILE A 29 11.55 -2.61 -2.77
C ILE A 29 10.26 -3.26 -2.29
N PHE A 30 9.76 -4.19 -3.09
CA PHE A 30 8.54 -4.90 -2.74
C PHE A 30 8.90 -6.15 -1.96
N ARG A 31 10.11 -6.64 -2.21
CA ARG A 31 10.58 -7.82 -1.51
C ARG A 31 10.86 -7.46 -0.06
N GLY A 32 11.83 -6.58 0.16
CA GLY A 32 12.17 -6.13 1.50
C GLY A 32 11.15 -5.08 1.96
N ALA A 33 9.88 -5.41 1.78
CA ALA A 33 8.81 -4.51 2.15
C ALA A 33 7.53 -5.30 2.24
N HIS A 34 7.38 -6.26 1.32
CA HIS A 34 6.21 -7.11 1.32
C HIS A 34 6.59 -8.53 1.70
N ARG A 35 6.34 -8.88 2.95
CA ARG A 35 6.66 -10.22 3.44
C ARG A 35 5.70 -10.63 4.56
N GLY A 36 4.63 -9.86 4.76
CA GLY A 36 3.66 -10.19 5.80
C GLY A 36 3.38 -11.67 5.79
N ARG A 37 2.77 -12.21 6.84
CA ARG A 37 2.48 -13.63 6.84
C ARG A 37 1.44 -13.85 5.76
N VAL A 38 1.64 -14.86 4.92
CA VAL A 38 0.70 -15.08 3.85
C VAL A 38 -0.09 -16.37 3.97
N ASN A 39 -1.38 -16.23 3.71
CA ASN A 39 -2.31 -17.35 3.73
C ASN A 39 -3.61 -16.90 3.07
N LYS A 40 -4.32 -17.81 2.41
CA LYS A 40 -5.57 -17.42 1.76
C LYS A 40 -6.39 -16.55 2.72
N LYS A 41 -6.62 -17.08 3.92
CA LYS A 41 -7.36 -16.34 4.94
C LYS A 41 -6.60 -15.06 5.28
N ASN A 42 -5.42 -14.93 4.67
CA ASN A 42 -4.60 -13.75 4.88
C ASN A 42 -4.25 -13.07 3.55
N ILE A 43 -4.72 -13.63 2.43
CA ILE A 43 -4.45 -13.04 1.11
C ILE A 43 -5.49 -12.00 0.74
N VAL A 44 -6.75 -12.27 1.06
CA VAL A 44 -7.80 -11.30 0.76
C VAL A 44 -7.95 -10.40 1.97
N TRP A 45 -7.06 -10.61 2.91
CA TRP A 45 -7.03 -9.88 4.16
C TRP A 45 -5.66 -9.17 4.26
N HIS A 46 -4.78 -9.47 3.31
CA HIS A 46 -3.45 -8.85 3.27
C HIS A 46 -3.44 -7.71 2.27
N GLU A 47 -2.59 -6.72 2.52
CA GLU A 47 -2.48 -5.60 1.60
C GLU A 47 -1.79 -6.07 0.34
N LEU A 48 -2.51 -6.14 -0.77
CA LEU A 48 -1.86 -6.56 -1.99
C LEU A 48 -0.99 -5.41 -2.47
N ILE A 49 0.31 -5.61 -2.49
CA ILE A 49 1.23 -4.55 -2.92
C ILE A 49 2.53 -5.15 -3.45
N GLY A 50 2.94 -6.29 -2.90
CA GLY A 50 4.18 -6.93 -3.33
C GLY A 50 4.01 -8.43 -3.55
N LEU A 51 3.00 -9.03 -2.91
CA LEU A 51 2.77 -10.46 -3.06
C LEU A 51 2.89 -10.84 -4.55
N LYS A 52 3.26 -12.09 -4.82
CA LYS A 52 3.43 -12.55 -6.21
C LYS A 52 2.21 -13.34 -6.69
N VAL A 53 1.68 -12.95 -7.86
CA VAL A 53 0.52 -13.65 -8.43
C VAL A 53 0.53 -13.59 -9.95
N ARG A 54 -0.38 -14.34 -10.55
CA ARG A 54 -0.51 -14.41 -11.99
C ARG A 54 -1.96 -14.30 -12.40
N VAL A 55 -2.17 -13.78 -13.61
CA VAL A 55 -3.50 -13.69 -14.18
C VAL A 55 -3.68 -14.91 -15.06
N VAL A 56 -4.35 -15.93 -14.51
CA VAL A 56 -4.54 -17.16 -15.26
C VAL A 56 -5.77 -17.06 -16.16
N ASN A 57 -6.89 -16.67 -15.58
CA ASN A 57 -8.11 -16.51 -16.37
C ASN A 57 -8.69 -15.13 -16.11
N SER A 58 -8.76 -14.33 -17.16
CA SER A 58 -9.31 -12.98 -17.05
C SER A 58 -9.98 -12.57 -18.35
N THR A 59 -10.63 -11.41 -18.36
CA THR A 59 -11.24 -10.94 -19.57
C THR A 59 -10.37 -9.83 -20.15
N HIS A 60 -9.29 -10.26 -20.81
CA HIS A 60 -8.33 -9.35 -21.43
C HIS A 60 -7.42 -10.13 -22.36
N PRO A 61 -7.71 -10.16 -23.63
CA PRO A 61 -6.90 -10.91 -24.63
C PRO A 61 -5.38 -10.68 -24.51
N GLY A 62 -4.95 -9.77 -23.62
CA GLY A 62 -3.52 -9.48 -23.49
C GLY A 62 -2.99 -9.48 -22.06
N TYR A 63 -3.65 -10.17 -21.13
CA TYR A 63 -3.15 -10.22 -19.74
C TYR A 63 -3.33 -11.60 -19.12
N VAL A 64 -4.14 -12.44 -19.74
CA VAL A 64 -4.41 -13.78 -19.21
C VAL A 64 -3.19 -14.71 -19.36
N GLY A 65 -2.92 -15.51 -18.32
CA GLY A 65 -1.83 -16.48 -18.37
C GLY A 65 -0.46 -15.87 -18.05
N ILE A 66 -0.44 -14.59 -17.64
CA ILE A 66 0.84 -13.93 -17.37
C ILE A 66 1.07 -13.70 -15.86
N GLU A 67 2.35 -13.76 -15.43
CA GLU A 67 2.71 -13.63 -14.00
C GLU A 67 3.56 -12.40 -13.68
N GLY A 68 3.15 -11.66 -12.63
CA GLY A 68 3.87 -10.45 -12.19
C GLY A 68 3.76 -10.25 -10.67
N TYR A 69 4.47 -9.24 -10.14
CA TYR A 69 4.45 -8.94 -8.70
C TYR A 69 3.38 -7.87 -8.38
N VAL A 70 2.37 -8.25 -7.60
CA VAL A 70 1.27 -7.34 -7.26
C VAL A 70 1.80 -5.96 -6.87
N ILE A 71 1.05 -4.92 -7.24
CA ILE A 71 1.43 -3.55 -6.93
C ILE A 71 0.24 -2.74 -6.43
N ASP A 72 -0.77 -2.61 -7.30
CA ASP A 72 -1.95 -1.82 -6.98
C ASP A 72 -3.08 -2.65 -6.41
N GLU A 73 -3.85 -2.03 -5.52
CA GLU A 73 -4.99 -2.68 -4.91
C GLU A 73 -5.97 -1.62 -4.44
N THR A 74 -7.08 -1.46 -5.16
CA THR A 74 -8.07 -0.45 -4.79
C THR A 74 -9.41 -0.70 -5.46
N ARG A 75 -10.38 0.15 -5.11
CA ARG A 75 -11.74 0.06 -5.64
C ARG A 75 -11.76 0.15 -7.16
N ASN A 76 -10.59 0.32 -7.79
CA ASN A 76 -10.56 0.46 -9.25
C ASN A 76 -9.49 -0.39 -9.93
N MET A 77 -8.56 -0.98 -9.20
CA MET A 77 -7.54 -1.78 -9.88
C MET A 77 -6.70 -2.67 -8.96
N LEU A 78 -6.16 -3.72 -9.58
CA LEU A 78 -5.28 -4.67 -8.95
C LEU A 78 -4.19 -4.96 -10.00
N VAL A 79 -2.96 -4.50 -9.71
CA VAL A 79 -1.86 -4.62 -10.68
C VAL A 79 -0.67 -5.44 -10.17
N ILE A 80 -0.06 -6.18 -11.09
CA ILE A 80 1.13 -7.00 -10.82
C ILE A 80 2.30 -6.47 -11.66
N ALA A 81 3.54 -6.64 -11.19
CA ALA A 81 4.71 -6.13 -11.93
C ALA A 81 5.73 -7.23 -12.22
N GLY A 82 6.25 -7.24 -13.44
CA GLY A 82 7.25 -8.22 -13.84
C GLY A 82 8.19 -7.64 -14.89
N GLU A 83 9.40 -8.20 -14.98
CA GLU A 83 10.40 -7.74 -15.94
C GLU A 83 10.26 -6.24 -16.21
N ASN A 84 9.92 -5.88 -17.45
CA ASN A 84 9.74 -4.48 -17.83
C ASN A 84 8.33 -4.24 -18.34
N LYS A 85 7.37 -4.97 -17.77
CA LYS A 85 5.98 -4.86 -18.19
C LYS A 85 5.07 -4.76 -16.96
N VAL A 86 3.87 -4.22 -17.16
CA VAL A 86 2.91 -4.10 -16.06
C VAL A 86 1.61 -4.80 -16.42
N TRP A 87 0.89 -5.19 -15.38
CA TRP A 87 -0.38 -5.88 -15.53
C TRP A 87 -1.56 -4.94 -15.32
N LYS A 88 -2.63 -5.17 -16.05
CA LYS A 88 -3.84 -4.36 -15.89
C LYS A 88 -5.03 -5.29 -15.69
N VAL A 89 -5.41 -5.58 -14.43
CA VAL A 89 -6.54 -6.48 -14.23
C VAL A 89 -7.36 -6.11 -13.00
N PRO A 90 -8.46 -5.43 -13.16
CA PRO A 90 -9.34 -5.07 -12.02
C PRO A 90 -9.79 -6.33 -11.28
N LYS A 91 -9.93 -6.21 -9.98
CA LYS A 91 -10.31 -7.34 -9.13
C LYS A 91 -11.59 -8.03 -9.60
N ASP A 92 -12.42 -7.33 -10.36
CA ASP A 92 -13.69 -7.92 -10.81
C ASP A 92 -13.57 -8.62 -12.17
N VAL A 93 -12.41 -8.53 -12.83
CA VAL A 93 -12.26 -9.17 -14.15
C VAL A 93 -11.01 -10.06 -14.22
N CYS A 94 -10.66 -10.74 -13.13
CA CYS A 94 -9.49 -11.61 -13.17
C CYS A 94 -9.42 -12.54 -11.97
N ILE A 95 -8.73 -13.66 -12.16
CA ILE A 95 -8.52 -14.62 -11.09
C ILE A 95 -7.05 -14.60 -10.72
N PHE A 96 -6.76 -14.19 -9.48
CA PHE A 96 -5.38 -14.07 -9.04
C PHE A 96 -4.92 -15.27 -8.24
N GLU A 97 -3.79 -15.84 -8.65
CA GLU A 97 -3.23 -16.94 -7.89
C GLU A 97 -1.95 -16.43 -7.24
N PHE A 98 -2.06 -15.97 -5.99
CA PHE A 98 -0.89 -15.44 -5.30
C PHE A 98 -0.17 -16.61 -4.62
N GLU A 99 1.15 -16.54 -4.54
CA GLU A 99 1.92 -17.63 -3.93
C GLU A 99 2.10 -17.39 -2.45
N THR A 100 1.74 -18.39 -1.64
CA THR A 100 1.86 -18.26 -0.19
C THR A 100 3.32 -18.09 0.20
N TRP A 101 3.53 -17.26 1.21
CA TRP A 101 4.86 -16.96 1.73
C TRP A 101 5.58 -18.19 2.27
N ASP A 102 4.91 -19.34 2.20
CA ASP A 102 5.52 -20.59 2.67
C ASP A 102 5.89 -21.44 1.46
N GLY A 103 5.87 -20.81 0.28
CA GLY A 103 6.20 -21.53 -0.96
C GLY A 103 5.00 -22.34 -1.42
N THR A 104 3.81 -21.95 -0.95
CA THR A 104 2.58 -22.65 -1.32
C THR A 104 1.77 -21.80 -2.29
N LYS A 105 1.01 -22.47 -3.16
CA LYS A 105 0.20 -21.76 -4.15
C LYS A 105 -1.20 -21.48 -3.62
N ILE A 106 -1.67 -20.25 -3.84
CA ILE A 106 -2.99 -19.81 -3.41
C ILE A 106 -3.86 -19.59 -4.64
N LYS A 107 -5.08 -20.13 -4.64
CA LYS A 107 -5.98 -19.97 -5.77
C LYS A 107 -7.22 -19.23 -5.30
N ILE A 108 -7.30 -17.95 -5.63
CA ILE A 108 -8.42 -17.15 -5.18
C ILE A 108 -8.81 -16.14 -6.25
N SER A 109 -10.12 -15.96 -6.44
CA SER A 109 -10.62 -15.02 -7.43
C SER A 109 -10.77 -13.62 -6.84
N GLY A 110 -10.57 -12.62 -7.70
CA GLY A 110 -10.68 -11.22 -7.29
C GLY A 110 -12.08 -10.87 -6.86
N GLU A 111 -12.98 -11.82 -6.92
CA GLU A 111 -14.34 -11.54 -6.56
C GLU A 111 -14.51 -11.37 -5.05
N LYS A 112 -13.60 -11.93 -4.26
CA LYS A 112 -13.70 -11.81 -2.80
C LYS A 112 -13.18 -10.45 -2.34
N LEU A 113 -12.01 -10.08 -2.85
CA LEU A 113 -11.42 -8.79 -2.51
C LEU A 113 -11.77 -7.77 -3.57
N VAL A 114 -12.92 -7.97 -4.22
CA VAL A 114 -13.33 -7.10 -5.30
C VAL A 114 -13.48 -5.63 -4.89
N GLY A 115 -12.52 -4.83 -5.32
CA GLY A 115 -12.55 -3.39 -5.11
C GLY A 115 -12.36 -2.96 -3.66
N ARG A 116 -12.98 -3.68 -2.74
CA ARG A 116 -12.94 -3.30 -1.32
C ARG A 116 -11.94 -4.12 -0.50
N PRO A 117 -10.69 -3.73 -0.43
CA PRO A 117 -9.70 -4.45 0.43
C PRO A 117 -10.08 -4.24 1.88
N GLU A 118 -10.71 -3.10 2.13
CA GLU A 118 -11.14 -2.74 3.47
C GLU A 118 -12.06 -3.83 4.01
N MET A 119 -13.05 -4.21 3.20
CA MET A 119 -14.03 -5.23 3.58
C MET A 119 -13.40 -6.32 4.45
N ARG A 120 -12.47 -7.07 3.87
CA ARG A 120 -11.83 -8.14 4.60
C ARG A 120 -11.13 -7.61 5.86
N LEU A 121 -10.40 -6.50 5.71
CA LEU A 121 -9.71 -5.91 6.86
C LEU A 121 -10.72 -5.53 7.93
N LYS A 122 -11.86 -4.98 7.51
CA LYS A 122 -12.90 -4.59 8.45
C LYS A 122 -14.02 -5.62 8.47
N LYS A 123 -13.73 -6.83 8.00
CA LYS A 123 -14.70 -7.92 7.96
C LYS A 123 -15.91 -7.62 8.86
N ARG A 124 -17.02 -7.26 8.22
CA ARG A 124 -18.24 -6.96 8.96
C ARG A 124 -19.47 -7.32 8.13
N TRP A 125 -20.06 -6.32 7.47
CA TRP A 125 -21.25 -6.55 6.65
C TRP A 125 -22.11 -7.66 7.22
N ARG A 126 -22.13 -7.76 8.54
CA ARG A 126 -22.93 -8.78 9.22
C ARG A 126 -24.41 -8.61 8.91
N LYS A 127 -24.91 -7.38 9.11
CA LYS A 127 -26.32 -7.10 8.84
C LYS A 127 -27.21 -8.12 9.54
N GLU B 9 -8.27 -12.28 14.98
CA GLU B 9 -7.59 -12.69 13.71
C GLU B 9 -7.53 -11.52 12.75
N LYS B 10 -8.47 -10.60 12.88
CA LYS B 10 -8.49 -9.45 11.99
C LYS B 10 -7.48 -8.37 12.39
N LYS B 11 -7.19 -8.26 13.68
CA LYS B 11 -6.22 -7.26 14.13
C LYS B 11 -4.84 -7.75 13.76
N ARG B 12 -4.73 -9.05 13.82
CA ARG B 12 -3.52 -9.78 13.55
C ARG B 12 -3.04 -9.56 12.12
N ILE B 13 -3.94 -9.77 11.16
CA ILE B 13 -3.58 -9.57 9.75
C ILE B 13 -3.41 -8.09 9.47
N ALA B 14 -4.23 -7.28 10.13
CA ALA B 14 -4.17 -5.84 9.95
C ALA B 14 -2.83 -5.27 10.42
N LYS B 15 -2.38 -5.72 11.59
CA LYS B 15 -1.11 -5.24 12.13
C LYS B 15 0.03 -5.54 11.16
N GLU B 16 0.11 -6.78 10.72
CA GLU B 16 1.15 -7.19 9.78
C GLU B 16 0.88 -6.60 8.40
N ARG B 17 -0.39 -6.55 8.02
CA ARG B 17 -0.76 -6.02 6.72
C ARG B 17 -0.33 -4.57 6.58
N ILE B 18 -0.70 -3.78 7.57
CA ILE B 18 -0.39 -2.35 7.58
C ILE B 18 1.11 -2.09 7.54
N ASP B 19 1.88 -2.90 8.24
CA ASP B 19 3.33 -2.71 8.27
C ASP B 19 3.97 -3.00 6.91
N ILE B 20 3.38 -3.92 6.15
CA ILE B 20 3.93 -4.29 4.85
C ILE B 20 3.76 -3.20 3.79
N LEU B 21 2.53 -2.76 3.52
CA LEU B 21 2.34 -1.72 2.51
C LEU B 21 3.08 -0.49 2.96
N PHE B 22 3.07 -0.31 4.26
CA PHE B 22 3.74 0.79 4.89
C PHE B 22 5.20 0.81 4.45
N SER B 23 5.78 -0.38 4.35
CA SER B 23 7.15 -0.48 3.91
C SER B 23 7.28 -0.07 2.44
N LEU B 24 6.32 -0.48 1.61
CA LEU B 24 6.37 -0.12 0.19
C LEU B 24 6.43 1.40 0.06
N ALA B 25 5.42 2.03 0.64
CA ALA B 25 5.28 3.48 0.59
C ALA B 25 6.58 4.17 0.98
N GLU B 26 7.30 3.62 1.96
CA GLU B 26 8.56 4.22 2.37
C GLU B 26 9.61 4.07 1.28
N ARG B 27 9.89 2.82 0.93
CA ARG B 27 10.88 2.48 -0.09
C ARG B 27 10.48 2.95 -1.49
N VAL B 28 9.19 2.87 -1.81
CA VAL B 28 8.76 3.28 -3.15
C VAL B 28 8.57 4.78 -3.23
N PHE B 29 7.81 5.39 -2.29
CA PHE B 29 7.61 6.84 -2.36
C PHE B 29 8.88 7.50 -2.85
N PRO B 30 9.98 7.17 -2.23
CA PRO B 30 11.31 7.70 -2.65
C PRO B 30 11.45 7.40 -4.12
N TYR B 31 11.13 6.15 -4.40
CA TYR B 31 11.18 5.61 -5.73
C TYR B 31 9.83 5.70 -6.47
N SER B 32 8.74 5.97 -5.74
CA SER B 32 7.42 6.05 -6.37
C SER B 32 6.39 6.81 -5.55
N PRO B 33 6.25 8.09 -5.79
CA PRO B 33 5.25 8.93 -5.06
C PRO B 33 3.81 8.42 -5.16
N GLU B 34 3.41 7.95 -6.34
CA GLU B 34 2.04 7.48 -6.55
C GLU B 34 1.74 6.21 -5.75
N LEU B 35 2.55 5.19 -5.93
CA LEU B 35 2.35 3.94 -5.22
C LEU B 35 2.21 4.18 -3.74
N ALA B 36 3.21 4.83 -3.17
CA ALA B 36 3.17 5.10 -1.76
C ALA B 36 1.90 5.83 -1.39
N LYS B 37 1.41 6.60 -2.34
CA LYS B 37 0.19 7.38 -2.12
C LYS B 37 -1.05 6.47 -2.08
N ARG B 38 -1.19 5.60 -3.07
CA ARG B 38 -2.36 4.72 -3.10
C ARG B 38 -2.37 3.74 -1.92
N TYR B 39 -1.21 3.20 -1.54
CA TYR B 39 -1.21 2.29 -0.39
C TYR B 39 -1.62 3.07 0.83
N VAL B 40 -1.02 4.24 0.94
CA VAL B 40 -1.30 5.10 2.08
C VAL B 40 -2.81 5.13 2.30
N GLU B 41 -3.56 5.12 1.21
CA GLU B 41 -5.02 5.08 1.32
C GLU B 41 -5.42 3.70 1.86
N LEU B 42 -4.75 2.66 1.35
CA LEU B 42 -5.05 1.31 1.81
C LEU B 42 -4.65 1.18 3.28
N ALA B 43 -3.48 1.69 3.62
CA ALA B 43 -3.01 1.63 5.00
C ALA B 43 -4.04 2.27 5.93
N LEU B 44 -4.76 3.27 5.41
CA LEU B 44 -5.75 3.96 6.22
C LEU B 44 -6.92 3.05 6.59
N LEU B 45 -7.56 2.41 5.60
CA LEU B 45 -8.69 1.54 5.91
C LEU B 45 -8.26 0.44 6.88
N VAL B 46 -6.99 0.09 6.84
CA VAL B 46 -6.49 -0.95 7.73
C VAL B 46 -6.52 -0.47 9.16
N GLN B 47 -6.03 0.74 9.36
CA GLN B 47 -5.95 1.31 10.70
C GLN B 47 -7.33 1.57 11.31
N GLN B 48 -8.16 2.35 10.64
CA GLN B 48 -9.48 2.68 11.17
C GLN B 48 -10.51 1.58 10.91
N LYS B 49 -10.56 1.09 9.68
CA LYS B 49 -11.55 0.07 9.32
C LYS B 49 -11.25 -1.28 9.98
N ALA B 50 -9.97 -1.60 10.17
CA ALA B 50 -9.63 -2.88 10.79
C ALA B 50 -9.59 -2.71 12.31
N LYS B 51 -9.79 -1.47 12.74
CA LYS B 51 -9.79 -1.14 14.16
C LYS B 51 -8.45 -1.42 14.81
N VAL B 52 -7.48 -0.58 14.51
CA VAL B 52 -6.15 -0.70 15.08
C VAL B 52 -5.64 0.64 15.60
N LYS B 53 -5.00 0.61 16.76
CA LYS B 53 -4.47 1.83 17.36
C LYS B 53 -3.73 2.66 16.32
N ILE B 54 -3.68 3.97 16.55
CA ILE B 54 -3.00 4.87 15.62
C ILE B 54 -1.78 5.52 16.29
N PRO B 55 -0.58 5.25 15.83
CA PRO B 55 0.66 5.81 16.41
C PRO B 55 0.96 7.22 15.90
N ARG B 56 0.10 7.71 15.01
CA ARG B 56 0.27 9.05 14.44
C ARG B 56 1.74 9.38 14.19
N LYS B 57 2.59 8.36 14.17
CA LYS B 57 4.03 8.56 13.94
C LYS B 57 4.26 9.08 12.53
N TRP B 58 3.47 8.55 11.59
CA TRP B 58 3.58 8.93 10.20
C TRP B 58 3.29 10.42 9.99
N LYS B 59 3.13 11.16 11.08
CA LYS B 59 2.89 12.58 10.97
C LYS B 59 4.13 13.22 10.38
N ARG B 60 5.15 12.40 10.24
CA ARG B 60 6.44 12.82 9.70
C ARG B 60 6.42 12.85 8.19
N ARG B 61 5.54 12.06 7.59
CA ARG B 61 5.46 12.02 6.14
C ARG B 61 4.02 11.91 5.66
N TYR B 62 3.09 12.34 6.51
CA TYR B 62 1.68 12.28 6.17
C TYR B 62 1.07 13.67 6.09
N CYS B 63 0.08 13.83 5.22
CA CYS B 63 -0.59 15.11 5.05
C CYS B 63 -2.10 14.96 5.21
N LYS B 64 -2.62 15.45 6.32
CA LYS B 64 -4.05 15.40 6.58
C LYS B 64 -4.79 16.25 5.58
N LYS B 65 -4.06 16.78 4.62
CA LYS B 65 -4.63 17.66 3.60
C LYS B 65 -4.75 16.94 2.26
N CYS B 66 -4.02 15.83 2.12
CA CYS B 66 -4.07 15.06 0.87
C CYS B 66 -3.80 13.57 1.10
N HIS B 67 -3.69 13.16 2.36
CA HIS B 67 -3.43 11.76 2.65
C HIS B 67 -2.35 11.22 1.71
N ALA B 68 -1.10 11.55 2.00
CA ALA B 68 0.00 11.13 1.14
C ALA B 68 1.21 10.70 1.96
N PHE B 69 2.32 10.45 1.27
CA PHE B 69 3.57 10.06 1.90
C PHE B 69 4.60 11.13 1.59
N LEU B 70 4.92 11.98 2.57
CA LEU B 70 5.84 13.08 2.31
C LEU B 70 7.20 12.91 2.98
N VAL B 71 8.25 12.99 2.18
CA VAL B 71 9.61 12.85 2.69
C VAL B 71 10.29 14.23 2.82
N PRO B 72 10.74 14.60 3.99
CA PRO B 72 11.42 15.91 4.20
C PRO B 72 12.52 16.12 3.16
N GLY B 73 12.47 17.27 2.49
CA GLY B 73 13.46 17.60 1.47
C GLY B 73 12.91 17.37 0.08
N ILE B 74 12.06 16.35 -0.07
CA ILE B 74 11.47 16.03 -1.36
C ILE B 74 10.11 16.73 -1.50
N ASN B 75 9.08 16.14 -0.90
CA ASN B 75 7.74 16.72 -0.96
C ASN B 75 7.34 17.23 0.43
N ALA B 76 8.33 17.38 1.30
CA ALA B 76 8.08 17.86 2.65
C ALA B 76 9.27 18.66 3.18
N ARG B 77 9.03 19.46 4.21
CA ARG B 77 10.09 20.26 4.80
C ARG B 77 9.92 20.35 6.31
N VAL B 78 11.05 20.25 7.04
CA VAL B 78 11.04 20.31 8.50
C VAL B 78 12.22 21.14 9.01
N ARG B 79 11.92 22.32 9.57
CA ARG B 79 12.95 23.19 10.11
C ARG B 79 12.58 23.62 11.52
N LEU B 80 13.59 23.72 12.37
CA LEU B 80 13.37 24.08 13.77
C LEU B 80 13.84 25.50 14.08
N ARG B 81 12.95 26.29 14.68
CA ARG B 81 13.28 27.66 15.03
C ARG B 81 12.72 28.02 16.41
N GLN B 82 13.03 29.23 16.87
CA GLN B 82 12.55 29.69 18.18
C GLN B 82 13.44 29.15 19.29
N LYS B 83 13.76 30.01 20.26
CA LYS B 83 14.60 29.62 21.38
C LYS B 83 13.77 29.39 22.64
N ARG B 84 14.30 28.57 23.55
CA ARG B 84 13.60 28.27 24.79
C ARG B 84 12.32 27.49 24.52
N MET B 85 11.96 27.37 23.25
CA MET B 85 10.75 26.63 22.87
C MET B 85 10.93 26.00 21.49
N PRO B 86 11.81 25.05 21.40
CA PRO B 86 12.08 24.33 20.11
C PRO B 86 10.80 23.96 19.37
N HIS B 87 10.61 24.55 18.20
CA HIS B 87 9.42 24.28 17.39
C HIS B 87 9.81 23.99 15.95
N ILE B 88 9.28 22.91 15.39
CA ILE B 88 9.58 22.54 14.02
C ILE B 88 8.33 22.61 13.16
N VAL B 89 8.51 22.98 11.89
CA VAL B 89 7.39 23.11 10.96
C VAL B 89 7.44 21.99 9.92
N VAL B 90 6.39 21.19 9.88
CA VAL B 90 6.27 20.11 8.91
C VAL B 90 5.18 20.51 7.94
N LYS B 91 5.46 20.49 6.65
CA LYS B 91 4.46 20.96 5.69
C LYS B 91 4.47 20.18 4.37
N CYS B 92 3.28 20.12 3.74
CA CYS B 92 3.13 19.42 2.46
C CYS B 92 3.45 20.35 1.31
N LEU B 93 4.20 19.84 0.33
CA LEU B 93 4.55 20.60 -0.86
C LEU B 93 3.60 20.23 -1.99
N GLU B 94 2.65 19.35 -1.65
CA GLU B 94 1.63 18.90 -2.57
C GLU B 94 0.42 19.75 -2.32
N CYS B 95 0.33 20.12 -1.05
CA CYS B 95 -0.73 20.95 -0.54
C CYS B 95 -0.11 21.82 0.53
N GLY B 96 0.59 22.85 0.10
CA GLY B 96 1.27 23.71 1.03
C GLY B 96 0.43 23.91 2.27
N HIS B 97 0.70 23.05 3.23
CA HIS B 97 0.01 23.09 4.51
C HIS B 97 1.02 23.23 5.63
N ILE B 98 0.75 24.11 6.59
CA ILE B 98 1.67 24.31 7.70
C ILE B 98 1.24 23.56 8.95
N MET B 99 2.10 22.67 9.43
CA MET B 99 1.79 21.91 10.66
C MET B 99 2.80 22.26 11.74
N ARG B 100 2.56 21.77 12.95
CA ARG B 100 3.45 22.06 14.08
C ARG B 100 4.02 20.78 14.68
N TYR B 101 5.25 20.86 15.18
CA TYR B 101 5.90 19.71 15.79
C TYR B 101 7.00 20.16 16.75
N PRO B 102 6.67 20.35 18.01
CA PRO B 102 7.64 20.78 19.04
C PRO B 102 8.44 19.62 19.62
N TYR B 103 9.53 19.98 20.30
CA TYR B 103 10.40 18.98 20.91
C TYR B 103 10.82 19.44 22.30
N ILE B 104 10.19 18.90 23.33
CA ILE B 104 10.51 19.29 24.69
C ILE B 104 11.61 18.39 25.26
N LYS B 105 12.73 19.00 25.62
CA LYS B 105 13.85 18.24 26.16
C LYS B 105 13.40 17.39 27.35
#